data_1ZZV
#
_entry.id   1ZZV
#
_entity_poly.entity_id   1
_entity_poly.type   'polypeptide(L)'
_entity_poly.pdbx_seq_one_letter_code
;AQVNIAPGSLDKALNQYAAHSGFTLSVDASLTRGKQSNGLHGDYDVESGLQQLLDGSGLQVKPLGNNSWTLEPAPAPKED
;
_entity_poly.pdbx_strand_id   A
#
# COMPACT_ATOMS: atom_id res chain seq x y z
N ALA A 1 3.78 -12.68 -6.25
CA ALA A 1 3.62 -13.42 -7.53
C ALA A 1 2.15 -13.49 -7.92
N GLN A 2 1.29 -13.54 -6.93
CA GLN A 2 -0.15 -13.53 -7.14
C GLN A 2 -0.83 -12.78 -6.00
N VAL A 3 -1.78 -11.93 -6.33
CA VAL A 3 -2.42 -11.08 -5.33
C VAL A 3 -3.92 -10.97 -5.60
N ASN A 4 -4.71 -10.98 -4.52
CA ASN A 4 -6.15 -10.82 -4.62
C ASN A 4 -6.62 -9.72 -3.66
N ILE A 5 -7.05 -8.60 -4.23
CA ILE A 5 -7.50 -7.46 -3.45
C ILE A 5 -8.77 -6.88 -4.07
N ALA A 6 -9.55 -6.18 -3.26
CA ALA A 6 -10.85 -5.68 -3.69
C ALA A 6 -11.30 -4.56 -2.76
N PRO A 7 -12.30 -3.75 -3.17
CA PRO A 7 -12.79 -2.59 -2.43
C PRO A 7 -12.87 -2.81 -0.91
N GLY A 8 -12.41 -1.81 -0.18
CA GLY A 8 -12.40 -1.86 1.26
C GLY A 8 -11.87 -0.57 1.84
N SER A 9 -10.56 -0.41 1.75
CA SER A 9 -9.87 0.80 2.16
C SER A 9 -8.38 0.53 2.05
N LEU A 10 -7.55 1.54 1.73
CA LEU A 10 -6.13 1.28 1.49
C LEU A 10 -5.47 0.59 2.70
N ASP A 11 -5.82 1.05 3.89
CA ASP A 11 -5.32 0.46 5.14
C ASP A 11 -5.52 -1.05 5.17
N LYS A 12 -6.75 -1.50 4.99
CA LYS A 12 -7.04 -2.93 5.00
C LYS A 12 -6.38 -3.65 3.83
N ALA A 13 -6.14 -2.94 2.74
CA ALA A 13 -5.50 -3.52 1.57
C ALA A 13 -4.08 -3.92 1.90
N LEU A 14 -3.30 -2.96 2.39
CA LEU A 14 -1.92 -3.21 2.84
C LEU A 14 -1.88 -4.24 3.94
N ASN A 15 -2.85 -4.20 4.83
CA ASN A 15 -2.94 -5.17 5.93
C ASN A 15 -3.07 -6.58 5.36
N GLN A 16 -3.96 -6.72 4.38
CA GLN A 16 -4.20 -8.01 3.75
C GLN A 16 -2.94 -8.52 3.04
N TYR A 17 -2.22 -7.63 2.36
CA TYR A 17 -1.02 -8.02 1.62
C TYR A 17 0.06 -8.47 2.60
N ALA A 18 0.17 -7.76 3.72
CA ALA A 18 1.13 -8.10 4.76
C ALA A 18 1.01 -9.55 5.21
N ALA A 19 -0.23 -10.01 5.36
CA ALA A 19 -0.49 -11.38 5.80
C ALA A 19 0.02 -12.41 4.78
N HIS A 20 0.16 -11.98 3.54
CA HIS A 20 0.61 -12.85 2.45
C HIS A 20 2.04 -13.34 2.66
N SER A 21 3.01 -12.44 2.68
CA SER A 21 4.41 -12.86 2.72
C SER A 21 5.01 -12.76 4.13
N GLY A 22 4.23 -12.25 5.07
CA GLY A 22 4.68 -12.17 6.46
C GLY A 22 5.83 -11.20 6.66
N PHE A 23 5.70 -10.00 6.11
CA PHE A 23 6.71 -8.96 6.26
C PHE A 23 6.24 -7.91 7.26
N THR A 24 7.13 -7.00 7.63
CA THR A 24 6.81 -6.01 8.66
C THR A 24 6.38 -4.68 8.04
N LEU A 25 5.18 -4.24 8.41
CA LEU A 25 4.63 -2.97 7.95
C LEU A 25 4.88 -1.87 8.97
N SER A 26 5.15 -0.67 8.49
CA SER A 26 5.24 0.49 9.34
C SER A 26 4.25 1.54 8.86
N VAL A 27 3.05 1.50 9.42
CA VAL A 27 1.96 2.36 8.98
C VAL A 27 1.03 2.69 10.15
N ASP A 28 0.61 3.95 10.24
CA ASP A 28 -0.30 4.37 11.29
C ASP A 28 -1.72 4.49 10.74
N ALA A 29 -2.68 3.92 11.46
CA ALA A 29 -4.09 3.98 11.09
C ALA A 29 -4.64 5.41 11.10
N SER A 30 -4.20 6.21 10.14
CA SER A 30 -4.59 7.60 10.05
C SER A 30 -4.27 8.15 8.67
N LEU A 31 -3.04 7.91 8.22
CA LEU A 31 -2.63 8.30 6.88
C LEU A 31 -3.44 7.55 5.83
N THR A 32 -3.71 6.28 6.11
CA THR A 32 -4.48 5.44 5.21
C THR A 32 -5.96 5.46 5.57
N ARG A 33 -6.32 6.28 6.55
CA ARG A 33 -7.67 6.32 7.08
C ARG A 33 -8.62 7.05 6.14
N GLY A 34 -9.47 6.31 5.44
CA GLY A 34 -10.50 6.93 4.64
C GLY A 34 -10.42 6.60 3.17
N LYS A 35 -9.22 6.69 2.60
CA LYS A 35 -9.05 6.51 1.17
C LYS A 35 -9.33 5.08 0.74
N GLN A 36 -10.05 4.96 -0.37
CA GLN A 36 -10.50 3.68 -0.89
C GLN A 36 -9.63 3.25 -2.05
N SER A 37 -9.53 1.94 -2.28
CA SER A 37 -8.82 1.43 -3.42
C SER A 37 -9.69 0.34 -4.04
N ASN A 38 -10.01 0.50 -5.32
CA ASN A 38 -10.95 -0.39 -6.00
C ASN A 38 -10.41 -1.82 -6.16
N GLY A 39 -9.23 -2.07 -5.62
CA GLY A 39 -8.74 -3.43 -5.55
C GLY A 39 -7.63 -3.71 -6.52
N LEU A 40 -7.18 -4.96 -6.55
CA LEU A 40 -6.05 -5.35 -7.38
C LEU A 40 -6.09 -6.86 -7.58
N HIS A 41 -6.14 -7.33 -8.81
CA HIS A 41 -6.21 -8.77 -9.06
C HIS A 41 -5.42 -9.14 -10.31
N GLY A 42 -4.20 -9.60 -10.10
CA GLY A 42 -3.37 -10.06 -11.18
C GLY A 42 -2.13 -10.78 -10.68
N ASP A 43 -1.20 -11.04 -11.58
CA ASP A 43 0.08 -11.65 -11.22
C ASP A 43 1.02 -10.56 -10.71
N TYR A 44 0.80 -10.13 -9.47
CA TYR A 44 1.56 -9.03 -8.90
C TYR A 44 2.54 -9.52 -7.84
N ASP A 45 3.74 -8.96 -7.88
CA ASP A 45 4.73 -9.22 -6.84
C ASP A 45 4.76 -8.02 -5.89
N VAL A 46 5.74 -8.00 -4.99
CA VAL A 46 5.82 -7.01 -3.93
C VAL A 46 5.69 -5.57 -4.45
N GLU A 47 6.73 -5.09 -5.13
CA GLU A 47 6.83 -3.69 -5.54
C GLU A 47 5.73 -3.31 -6.54
N SER A 48 5.44 -4.19 -7.49
CA SER A 48 4.50 -3.87 -8.55
C SER A 48 3.08 -3.80 -8.02
N GLY A 49 2.83 -4.52 -6.93
CA GLY A 49 1.52 -4.51 -6.33
C GLY A 49 1.23 -3.19 -5.63
N LEU A 50 2.26 -2.65 -5.01
CA LEU A 50 2.13 -1.40 -4.27
C LEU A 50 1.86 -0.24 -5.22
N GLN A 51 2.60 -0.22 -6.33
CA GLN A 51 2.46 0.83 -7.32
C GLN A 51 1.02 0.92 -7.82
N GLN A 52 0.39 -0.23 -8.06
CA GLN A 52 -1.01 -0.26 -8.46
C GLN A 52 -1.94 0.15 -7.33
N LEU A 53 -1.60 -0.26 -6.11
CA LEU A 53 -2.40 0.09 -4.92
C LEU A 53 -2.52 1.60 -4.73
N LEU A 54 -1.65 2.35 -5.38
CA LEU A 54 -1.69 3.81 -5.32
C LEU A 54 -2.90 4.35 -6.07
N ASP A 55 -3.56 3.49 -6.85
CA ASP A 55 -4.75 3.86 -7.60
C ASP A 55 -5.89 4.16 -6.65
N GLY A 56 -6.25 5.44 -6.56
CA GLY A 56 -7.31 5.86 -5.66
C GLY A 56 -6.79 6.55 -4.43
N SER A 57 -5.47 6.55 -4.27
CA SER A 57 -4.83 7.18 -3.12
C SER A 57 -3.86 8.26 -3.56
N GLY A 58 -3.39 9.04 -2.60
CA GLY A 58 -2.33 9.99 -2.87
C GLY A 58 -1.13 9.71 -1.99
N LEU A 59 -1.10 8.52 -1.41
CA LEU A 59 -0.01 8.13 -0.52
C LEU A 59 1.06 7.42 -1.32
N GLN A 60 2.13 6.99 -0.65
CA GLN A 60 3.19 6.25 -1.30
C GLN A 60 3.64 5.13 -0.39
N VAL A 61 3.49 3.89 -0.83
CA VAL A 61 3.95 2.75 -0.05
C VAL A 61 5.40 2.48 -0.38
N LYS A 62 6.28 2.68 0.59
CA LYS A 62 7.70 2.65 0.35
C LYS A 62 8.33 1.50 1.12
N PRO A 63 8.91 0.52 0.42
CA PRO A 63 9.61 -0.59 1.05
C PRO A 63 10.67 -0.11 2.04
N LEU A 64 10.52 -0.54 3.29
CA LEU A 64 11.42 -0.12 4.35
C LEU A 64 12.80 -0.72 4.12
N GLY A 65 12.85 -2.02 3.95
CA GLY A 65 14.09 -2.71 3.69
C GLY A 65 13.87 -4.19 3.63
N ASN A 66 14.68 -4.88 2.81
CA ASN A 66 14.58 -6.34 2.65
C ASN A 66 13.26 -6.72 1.99
N ASN A 67 12.20 -6.80 2.79
CA ASN A 67 10.89 -7.19 2.30
C ASN A 67 9.81 -6.46 3.10
N SER A 68 10.21 -5.45 3.86
CA SER A 68 9.29 -4.76 4.75
C SER A 68 8.91 -3.43 4.12
N TRP A 69 7.98 -2.69 4.72
CA TRP A 69 7.48 -1.47 4.10
C TRP A 69 7.30 -0.39 5.16
N THR A 70 7.22 0.85 4.70
CA THR A 70 6.83 1.95 5.56
C THR A 70 5.97 2.90 4.73
N LEU A 71 5.03 3.59 5.38
CA LEU A 71 4.16 4.48 4.65
C LEU A 71 4.74 5.88 4.63
N GLU A 72 5.26 6.25 3.48
CA GLU A 72 5.86 7.57 3.31
C GLU A 72 4.80 8.57 2.90
N PRO A 73 4.59 9.60 3.74
CA PRO A 73 3.58 10.61 3.48
C PRO A 73 4.08 11.70 2.53
N ALA A 74 3.46 11.76 1.38
CA ALA A 74 3.72 12.81 0.40
C ALA A 74 2.60 12.89 -0.61
N PRO A 75 1.37 13.20 -0.15
CA PRO A 75 0.20 13.28 -1.02
C PRO A 75 0.25 14.52 -1.89
N ALA A 76 -0.05 15.66 -1.28
CA ALA A 76 0.19 16.94 -1.89
C ALA A 76 0.64 17.91 -0.80
N PRO A 77 1.72 17.55 -0.07
CA PRO A 77 2.13 18.26 1.13
C PRO A 77 3.02 19.45 0.79
N LYS A 78 3.37 19.50 -0.49
CA LYS A 78 4.06 20.63 -1.11
C LYS A 78 4.34 20.26 -2.57
N GLU A 79 4.05 21.18 -3.47
CA GLU A 79 4.35 20.96 -4.88
C GLU A 79 5.76 21.49 -5.17
N ASP A 80 6.68 21.09 -4.32
CA ASP A 80 8.07 21.51 -4.39
C ASP A 80 8.96 20.29 -4.57
N ALA A 1 1.16 -13.71 -6.05
CA ALA A 1 0.20 -14.14 -5.00
C ALA A 1 -1.20 -13.66 -5.34
N GLN A 2 -2.20 -14.47 -5.03
CA GLN A 2 -3.58 -14.07 -5.27
C GLN A 2 -4.01 -12.99 -4.29
N VAL A 3 -3.93 -11.75 -4.73
CA VAL A 3 -4.27 -10.63 -3.89
C VAL A 3 -5.71 -10.23 -4.11
N ASN A 4 -6.44 -10.09 -3.02
CA ASN A 4 -7.84 -9.74 -3.09
C ASN A 4 -8.12 -8.55 -2.19
N ILE A 5 -8.13 -7.38 -2.79
CA ILE A 5 -8.33 -6.15 -2.06
C ILE A 5 -9.74 -5.64 -2.30
N ALA A 6 -10.55 -5.67 -1.27
CA ALA A 6 -11.92 -5.17 -1.35
C ALA A 6 -11.93 -3.67 -1.11
N PRO A 7 -12.95 -2.95 -1.61
CA PRO A 7 -13.15 -1.55 -1.24
C PRO A 7 -13.34 -1.43 0.27
N GLY A 8 -12.70 -0.47 0.90
CA GLY A 8 -12.68 -0.44 2.36
C GLY A 8 -11.41 0.19 2.88
N SER A 9 -11.08 1.37 2.35
CA SER A 9 -9.86 2.10 2.70
C SER A 9 -8.59 1.37 2.25
N LEU A 10 -7.57 2.14 1.87
CA LEU A 10 -6.25 1.60 1.57
C LEU A 10 -5.72 0.84 2.78
N ASP A 11 -6.15 1.29 3.95
CA ASP A 11 -5.78 0.69 5.24
C ASP A 11 -5.85 -0.84 5.19
N LYS A 12 -7.04 -1.37 4.95
CA LYS A 12 -7.23 -2.81 4.93
C LYS A 12 -6.54 -3.45 3.73
N ALA A 13 -6.26 -2.66 2.70
CA ALA A 13 -5.57 -3.18 1.52
C ALA A 13 -4.17 -3.61 1.90
N LEU A 14 -3.40 -2.66 2.45
CA LEU A 14 -2.08 -2.95 2.97
C LEU A 14 -2.12 -4.03 4.04
N ASN A 15 -3.17 -4.00 4.86
CA ASN A 15 -3.38 -5.02 5.90
C ASN A 15 -3.48 -6.40 5.27
N GLN A 16 -4.20 -6.48 4.15
CA GLN A 16 -4.35 -7.74 3.42
C GLN A 16 -3.00 -8.26 2.94
N TYR A 17 -2.16 -7.36 2.44
CA TYR A 17 -0.84 -7.75 1.94
C TYR A 17 0.05 -8.21 3.08
N ALA A 18 0.13 -7.39 4.12
CA ALA A 18 0.99 -7.66 5.28
C ALA A 18 0.74 -9.05 5.87
N ALA A 19 -0.52 -9.33 6.17
CA ALA A 19 -0.89 -10.60 6.80
C ALA A 19 -0.59 -11.79 5.89
N HIS A 20 -0.49 -11.54 4.59
CA HIS A 20 -0.26 -12.61 3.62
C HIS A 20 1.10 -13.27 3.82
N SER A 21 2.17 -12.48 3.84
CA SER A 21 3.51 -13.04 3.99
C SER A 21 4.01 -12.92 5.43
N GLY A 22 3.23 -12.21 6.24
CA GLY A 22 3.58 -12.04 7.63
C GLY A 22 4.68 -11.03 7.85
N PHE A 23 4.61 -9.89 7.16
CA PHE A 23 5.59 -8.83 7.34
C PHE A 23 4.95 -7.66 8.07
N THR A 24 5.75 -6.94 8.84
CA THR A 24 5.24 -5.88 9.68
C THR A 24 5.23 -4.55 8.94
N LEU A 25 4.06 -3.93 8.87
CA LEU A 25 3.90 -2.65 8.20
C LEU A 25 4.06 -1.48 9.17
N SER A 26 4.71 -0.43 8.72
CA SER A 26 4.81 0.79 9.50
C SER A 26 3.80 1.80 8.97
N VAL A 27 2.62 1.80 9.57
CA VAL A 27 1.55 2.69 9.14
C VAL A 27 0.70 3.10 10.34
N ASP A 28 0.41 4.39 10.43
CA ASP A 28 -0.42 4.92 11.51
C ASP A 28 -1.87 4.88 11.11
N ALA A 29 -2.70 4.30 11.98
CA ALA A 29 -4.16 4.32 11.81
C ALA A 29 -4.72 5.74 11.85
N SER A 30 -4.28 6.56 10.91
CA SER A 30 -4.66 7.97 10.82
C SER A 30 -4.28 8.51 9.45
N LEU A 31 -3.26 7.91 8.85
CA LEU A 31 -2.88 8.25 7.48
C LEU A 31 -3.90 7.66 6.51
N THR A 32 -4.59 6.62 6.98
CA THR A 32 -5.61 5.95 6.20
C THR A 32 -7.01 6.43 6.58
N ARG A 33 -7.07 7.54 7.31
CA ARG A 33 -8.34 8.11 7.76
C ARG A 33 -9.13 8.65 6.58
N GLY A 34 -10.38 8.20 6.47
CA GLY A 34 -11.24 8.67 5.41
C GLY A 34 -10.77 8.20 4.04
N LYS A 35 -9.91 7.19 4.04
CA LYS A 35 -9.42 6.64 2.79
C LYS A 35 -10.34 5.54 2.29
N GLN A 36 -10.40 5.40 0.99
CA GLN A 36 -11.09 4.28 0.37
C GLN A 36 -10.34 3.86 -0.88
N SER A 37 -10.21 2.56 -1.07
CA SER A 37 -9.48 2.00 -2.19
C SER A 37 -10.44 1.15 -3.01
N ASN A 38 -10.54 1.46 -4.31
CA ASN A 38 -11.50 0.78 -5.18
C ASN A 38 -11.29 -0.72 -5.20
N GLY A 39 -10.05 -1.15 -5.06
CA GLY A 39 -9.77 -2.58 -4.96
C GLY A 39 -8.61 -3.00 -5.82
N LEU A 40 -8.26 -4.28 -5.77
CA LEU A 40 -7.16 -4.83 -6.54
C LEU A 40 -7.37 -6.34 -6.62
N HIS A 41 -7.37 -6.90 -7.83
CA HIS A 41 -7.67 -8.31 -8.00
C HIS A 41 -6.82 -8.95 -9.08
N GLY A 42 -5.76 -9.62 -8.66
CA GLY A 42 -4.91 -10.35 -9.58
C GLY A 42 -3.94 -11.25 -8.84
N ASP A 43 -3.00 -11.81 -9.56
CA ASP A 43 -1.91 -12.55 -8.93
C ASP A 43 -0.68 -11.65 -8.91
N TYR A 44 -0.70 -10.72 -7.98
CA TYR A 44 0.34 -9.69 -7.91
C TYR A 44 1.47 -10.12 -7.00
N ASP A 45 2.65 -9.62 -7.31
CA ASP A 45 3.79 -9.74 -6.42
C ASP A 45 4.10 -8.37 -5.87
N VAL A 46 5.07 -8.27 -4.96
CA VAL A 46 5.31 -7.04 -4.20
C VAL A 46 5.37 -5.81 -5.09
N GLU A 47 6.36 -5.78 -6.00
CA GLU A 47 6.55 -4.65 -6.92
C GLU A 47 5.24 -4.18 -7.57
N SER A 48 4.56 -5.06 -8.30
CA SER A 48 3.39 -4.69 -9.07
C SER A 48 2.23 -4.33 -8.15
N GLY A 49 2.22 -4.93 -6.97
CA GLY A 49 1.12 -4.73 -6.05
C GLY A 49 1.18 -3.36 -5.40
N LEU A 50 2.38 -2.91 -5.06
CA LEU A 50 2.55 -1.63 -4.40
C LEU A 50 2.30 -0.49 -5.37
N GLN A 51 2.80 -0.63 -6.60
CA GLN A 51 2.62 0.38 -7.63
C GLN A 51 1.15 0.76 -7.81
N GLN A 52 0.29 -0.24 -7.98
CA GLN A 52 -1.13 0.03 -8.18
C GLN A 52 -1.75 0.68 -6.94
N LEU A 53 -1.34 0.21 -5.77
CA LEU A 53 -1.81 0.78 -4.50
C LEU A 53 -1.48 2.25 -4.37
N LEU A 54 -0.43 2.70 -5.06
CA LEU A 54 0.03 4.09 -4.96
C LEU A 54 -0.88 5.05 -5.72
N ASP A 55 -1.73 4.52 -6.58
CA ASP A 55 -2.59 5.36 -7.40
C ASP A 55 -3.84 5.78 -6.62
N GLY A 56 -3.84 7.04 -6.19
CA GLY A 56 -5.00 7.60 -5.53
C GLY A 56 -5.16 7.18 -4.09
N SER A 57 -4.06 6.74 -3.47
CA SER A 57 -4.11 6.32 -2.09
C SER A 57 -3.85 7.50 -1.15
N GLY A 58 -3.03 8.43 -1.60
CA GLY A 58 -2.65 9.56 -0.78
C GLY A 58 -1.43 9.24 0.06
N LEU A 59 -0.83 8.10 -0.22
CA LEU A 59 0.30 7.63 0.54
C LEU A 59 1.46 7.24 -0.37
N GLN A 60 2.60 6.95 0.22
CA GLN A 60 3.76 6.49 -0.52
C GLN A 60 4.40 5.33 0.23
N VAL A 61 4.46 4.18 -0.41
CA VAL A 61 5.02 2.98 0.21
C VAL A 61 6.53 2.92 0.00
N LYS A 62 7.27 2.94 1.09
CA LYS A 62 8.72 2.83 1.04
C LYS A 62 9.20 1.69 1.93
N PRO A 63 9.83 0.67 1.35
CA PRO A 63 10.43 -0.43 2.13
C PRO A 63 11.46 0.11 3.12
N LEU A 64 11.22 -0.16 4.39
CA LEU A 64 12.01 0.43 5.46
C LEU A 64 13.38 -0.23 5.55
N GLY A 65 13.39 -1.54 5.76
CA GLY A 65 14.66 -2.24 5.90
C GLY A 65 14.77 -3.42 4.96
N ASN A 66 14.50 -4.61 5.47
CA ASN A 66 14.63 -5.82 4.68
C ASN A 66 13.30 -6.17 4.00
N ASN A 67 12.36 -6.66 4.78
CA ASN A 67 11.05 -7.08 4.25
C ASN A 67 9.93 -6.32 4.94
N SER A 68 10.18 -5.07 5.29
CA SER A 68 9.18 -4.24 5.93
C SER A 68 9.04 -2.95 5.14
N TRP A 69 8.02 -2.17 5.46
CA TRP A 69 7.70 -0.99 4.69
C TRP A 69 7.24 0.09 5.65
N THR A 70 7.25 1.33 5.20
CA THR A 70 6.72 2.42 6.00
C THR A 70 5.97 3.38 5.09
N LEU A 71 4.91 3.99 5.63
CA LEU A 71 4.12 4.92 4.85
C LEU A 71 4.61 6.35 5.06
N GLU A 72 5.34 6.83 4.07
CA GLU A 72 5.76 8.23 4.06
C GLU A 72 4.68 9.07 3.41
N PRO A 73 4.24 10.12 4.13
CA PRO A 73 3.15 10.99 3.68
C PRO A 73 3.48 11.68 2.35
N ALA A 74 2.73 11.31 1.34
CA ALA A 74 2.88 11.88 0.01
C ALA A 74 1.59 11.66 -0.76
N PRO A 75 0.60 12.54 -0.55
CA PRO A 75 -0.75 12.35 -1.10
C PRO A 75 -0.85 12.67 -2.59
N ALA A 76 -0.01 12.01 -3.38
CA ALA A 76 0.09 12.27 -4.81
C ALA A 76 0.35 13.75 -5.06
N PRO A 77 1.47 14.27 -4.51
CA PRO A 77 1.79 15.69 -4.59
C PRO A 77 2.54 16.01 -5.87
N LYS A 78 2.90 17.27 -6.04
CA LYS A 78 3.60 17.69 -7.24
C LYS A 78 4.25 19.04 -7.02
N GLU A 79 5.29 19.05 -6.20
CA GLU A 79 6.08 20.24 -5.96
C GLU A 79 7.30 20.21 -6.87
N ASP A 80 7.44 19.11 -7.58
CA ASP A 80 8.53 18.92 -8.51
C ASP A 80 8.07 18.09 -9.69
N ALA A 1 -3.93 -14.14 -10.87
CA ALA A 1 -3.99 -13.03 -9.91
C ALA A 1 -3.21 -13.37 -8.65
N GLN A 2 -2.09 -12.71 -8.43
CA GLN A 2 -1.26 -13.00 -7.28
C GLN A 2 -1.79 -12.27 -6.05
N VAL A 3 -2.70 -11.35 -6.30
CA VAL A 3 -3.34 -10.56 -5.26
C VAL A 3 -4.80 -10.36 -5.60
N ASN A 4 -5.64 -10.31 -4.57
CA ASN A 4 -7.07 -10.11 -4.75
C ASN A 4 -7.54 -8.96 -3.88
N ILE A 5 -7.76 -7.81 -4.48
CA ILE A 5 -8.11 -6.61 -3.74
C ILE A 5 -9.33 -5.95 -4.37
N ALA A 6 -10.10 -5.22 -3.56
CA ALA A 6 -11.36 -4.65 -4.00
C ALA A 6 -11.82 -3.56 -3.02
N PRO A 7 -12.82 -2.74 -3.39
CA PRO A 7 -13.30 -1.63 -2.56
C PRO A 7 -13.57 -2.02 -1.12
N GLY A 8 -13.14 -1.18 -0.19
CA GLY A 8 -13.40 -1.42 1.22
C GLY A 8 -12.26 -0.99 2.11
N SER A 9 -11.98 0.32 2.13
CA SER A 9 -10.92 0.91 2.96
C SER A 9 -9.52 0.46 2.50
N LEU A 10 -8.72 1.42 2.03
CA LEU A 10 -7.38 1.15 1.53
C LEU A 10 -6.48 0.50 2.58
N ASP A 11 -6.55 0.99 3.82
CA ASP A 11 -5.76 0.42 4.92
C ASP A 11 -6.00 -1.08 5.05
N LYS A 12 -7.23 -1.50 4.84
CA LYS A 12 -7.58 -2.91 4.91
C LYS A 12 -6.90 -3.68 3.78
N ALA A 13 -6.70 -3.01 2.64
CA ALA A 13 -6.08 -3.64 1.49
C ALA A 13 -4.61 -3.98 1.78
N LEU A 14 -3.87 -2.96 2.22
CA LEU A 14 -2.48 -3.14 2.62
C LEU A 14 -2.37 -4.14 3.76
N ASN A 15 -3.33 -4.07 4.69
CA ASN A 15 -3.38 -4.98 5.81
C ASN A 15 -3.49 -6.43 5.33
N GLN A 16 -4.28 -6.61 4.28
CA GLN A 16 -4.44 -7.93 3.67
C GLN A 16 -3.12 -8.44 3.11
N TYR A 17 -2.35 -7.56 2.47
CA TYR A 17 -1.08 -7.96 1.87
C TYR A 17 -0.08 -8.32 2.96
N ALA A 18 -0.07 -7.52 4.03
CA ALA A 18 0.80 -7.78 5.19
C ALA A 18 0.60 -9.19 5.73
N ALA A 19 -0.66 -9.58 5.90
CA ALA A 19 -1.01 -10.89 6.45
C ALA A 19 -0.50 -12.04 5.57
N HIS A 20 -0.16 -11.73 4.32
CA HIS A 20 0.31 -12.74 3.37
C HIS A 20 1.60 -13.40 3.86
N SER A 21 2.57 -12.61 4.30
CA SER A 21 3.84 -13.16 4.75
C SER A 21 4.11 -12.84 6.23
N GLY A 22 3.37 -11.87 6.77
CA GLY A 22 3.57 -11.47 8.15
C GLY A 22 4.82 -10.65 8.37
N PHE A 23 4.89 -9.50 7.72
CA PHE A 23 6.06 -8.63 7.82
C PHE A 23 5.70 -7.33 8.54
N THR A 24 6.73 -6.56 8.88
CA THR A 24 6.55 -5.34 9.64
C THR A 24 6.34 -4.14 8.71
N LEU A 25 5.09 -3.73 8.57
CA LEU A 25 4.73 -2.58 7.78
C LEU A 25 4.67 -1.35 8.67
N SER A 26 5.39 -0.30 8.29
CA SER A 26 5.40 0.93 9.08
C SER A 26 4.45 1.93 8.44
N VAL A 27 3.21 1.91 8.89
CA VAL A 27 2.17 2.73 8.29
C VAL A 27 1.60 3.73 9.29
N ASP A 28 1.43 4.97 8.83
CA ASP A 28 0.79 6.00 9.64
C ASP A 28 -0.71 5.80 9.64
N ALA A 29 -1.25 5.45 10.79
CA ALA A 29 -2.69 5.27 10.97
C ALA A 29 -3.46 6.58 10.77
N SER A 30 -3.45 7.09 9.55
CA SER A 30 -4.11 8.34 9.23
C SER A 30 -4.13 8.56 7.73
N LEU A 31 -3.00 8.29 7.09
CA LEU A 31 -2.88 8.46 5.64
C LEU A 31 -3.72 7.44 4.89
N THR A 32 -3.54 6.17 5.22
CA THR A 32 -4.23 5.10 4.52
C THR A 32 -5.42 4.55 5.30
N ARG A 33 -5.46 4.80 6.60
CA ARG A 33 -6.54 4.30 7.43
C ARG A 33 -7.87 4.84 6.95
N GLY A 34 -8.76 3.94 6.54
CA GLY A 34 -10.02 4.35 6.00
C GLY A 34 -9.97 4.44 4.49
N LYS A 35 -10.14 5.65 3.97
CA LYS A 35 -10.20 5.90 2.56
C LYS A 35 -11.11 4.91 1.85
N GLN A 36 -10.99 4.88 0.53
CA GLN A 36 -11.53 3.81 -0.27
C GLN A 36 -10.67 3.65 -1.50
N SER A 37 -10.31 2.42 -1.80
CA SER A 37 -9.56 2.11 -3.00
C SER A 37 -10.41 1.18 -3.85
N ASN A 38 -10.40 1.42 -5.15
CA ASN A 38 -11.22 0.65 -6.08
C ASN A 38 -10.73 -0.80 -6.16
N GLY A 39 -9.53 -1.03 -5.65
CA GLY A 39 -9.04 -2.38 -5.56
C GLY A 39 -7.89 -2.64 -6.50
N LEU A 40 -7.50 -3.90 -6.64
CA LEU A 40 -6.40 -4.30 -7.50
C LEU A 40 -6.55 -5.78 -7.81
N HIS A 41 -6.57 -6.17 -9.08
CA HIS A 41 -6.74 -7.57 -9.42
C HIS A 41 -5.78 -7.97 -10.53
N GLY A 42 -4.65 -8.54 -10.14
CA GLY A 42 -3.70 -9.08 -11.08
C GLY A 42 -2.64 -9.90 -10.40
N ASP A 43 -1.71 -10.45 -11.15
CA ASP A 43 -0.58 -11.15 -10.57
C ASP A 43 0.50 -10.14 -10.22
N TYR A 44 0.25 -9.41 -9.15
CA TYR A 44 1.12 -8.30 -8.75
C TYR A 44 2.11 -8.75 -7.69
N ASP A 45 3.32 -8.20 -7.78
CA ASP A 45 4.37 -8.52 -6.83
C ASP A 45 4.38 -7.50 -5.70
N VAL A 46 5.39 -7.58 -4.86
CA VAL A 46 5.52 -6.70 -3.69
C VAL A 46 5.42 -5.22 -4.08
N GLU A 47 6.45 -4.72 -4.75
CA GLU A 47 6.58 -3.30 -5.05
C GLU A 47 5.47 -2.82 -5.98
N SER A 48 5.16 -3.63 -6.98
CA SER A 48 4.23 -3.22 -8.03
C SER A 48 2.79 -3.16 -7.53
N GLY A 49 2.48 -4.03 -6.58
CA GLY A 49 1.13 -4.11 -6.07
C GLY A 49 0.81 -2.95 -5.16
N LEU A 50 1.79 -2.57 -4.35
CA LEU A 50 1.62 -1.49 -3.40
C LEU A 50 1.59 -0.14 -4.11
N GLN A 51 2.48 0.01 -5.10
CA GLN A 51 2.61 1.25 -5.83
C GLN A 51 1.28 1.69 -6.42
N GLN A 52 0.60 0.78 -7.09
CA GLN A 52 -0.68 1.09 -7.72
C GLN A 52 -1.74 1.44 -6.68
N LEU A 53 -1.75 0.71 -5.57
CA LEU A 53 -2.70 0.96 -4.48
C LEU A 53 -2.59 2.38 -3.94
N LEU A 54 -1.38 2.92 -3.91
CA LEU A 54 -1.14 4.23 -3.32
C LEU A 54 -0.99 5.32 -4.37
N ASP A 55 -0.85 4.90 -5.62
CA ASP A 55 -0.65 5.84 -6.72
C ASP A 55 -1.88 6.72 -6.92
N GLY A 56 -1.67 8.02 -7.00
CA GLY A 56 -2.75 8.94 -7.26
C GLY A 56 -3.27 9.63 -6.00
N SER A 57 -3.19 8.96 -4.86
CA SER A 57 -3.71 9.52 -3.62
C SER A 57 -2.62 10.28 -2.86
N GLY A 58 -1.51 10.55 -3.53
CA GLY A 58 -0.44 11.29 -2.91
C GLY A 58 0.32 10.44 -1.91
N LEU A 59 0.27 9.14 -2.12
CA LEU A 59 0.92 8.20 -1.24
C LEU A 59 1.89 7.34 -2.02
N GLN A 60 2.88 6.79 -1.34
CA GLN A 60 3.84 5.89 -1.96
C GLN A 60 4.39 4.94 -0.89
N VAL A 61 5.16 3.96 -1.31
CA VAL A 61 5.72 2.98 -0.39
C VAL A 61 7.15 2.65 -0.74
N LYS A 62 7.95 2.33 0.26
CA LYS A 62 9.30 1.84 0.04
C LYS A 62 9.60 0.73 1.04
N PRO A 63 10.08 -0.42 0.54
CA PRO A 63 10.53 -1.51 1.39
C PRO A 63 11.68 -1.04 2.28
N LEU A 64 11.52 -1.25 3.58
CA LEU A 64 12.47 -0.77 4.58
C LEU A 64 13.84 -1.39 4.31
N GLY A 65 13.86 -2.70 4.04
CA GLY A 65 15.10 -3.36 3.69
C GLY A 65 15.06 -4.81 4.07
N ASN A 66 14.99 -5.08 5.35
CA ASN A 66 14.97 -6.45 5.85
C ASN A 66 13.52 -6.95 5.92
N ASN A 67 13.01 -7.34 4.74
CA ASN A 67 11.65 -7.89 4.57
C ASN A 67 10.57 -7.14 5.35
N SER A 68 10.71 -5.82 5.46
CA SER A 68 9.70 -4.98 6.11
C SER A 68 9.50 -3.74 5.27
N TRP A 69 8.55 -2.89 5.66
CA TRP A 69 8.14 -1.79 4.81
C TRP A 69 7.96 -0.52 5.62
N THR A 70 7.84 0.60 4.91
CA THR A 70 7.49 1.87 5.52
C THR A 70 6.64 2.68 4.54
N LEU A 71 5.72 3.48 5.07
CA LEU A 71 4.83 4.27 4.23
C LEU A 71 5.44 5.65 3.99
N GLU A 72 5.93 5.83 2.78
CA GLU A 72 6.61 7.05 2.39
C GLU A 72 5.64 8.03 1.73
N PRO A 73 5.45 9.21 2.32
CA PRO A 73 4.67 10.26 1.69
C PRO A 73 5.39 10.83 0.48
N ALA A 74 4.84 10.60 -0.70
CA ALA A 74 5.46 11.04 -1.93
C ALA A 74 4.39 11.23 -3.00
N PRO A 75 3.72 12.38 -2.98
CA PRO A 75 2.62 12.66 -3.90
C PRO A 75 3.12 13.05 -5.29
N ALA A 76 3.70 14.23 -5.38
CA ALA A 76 4.34 14.70 -6.60
C ALA A 76 5.60 15.46 -6.23
N PRO A 77 6.53 14.79 -5.54
CA PRO A 77 7.65 15.42 -4.88
C PRO A 77 8.92 15.41 -5.71
N LYS A 78 9.70 16.49 -5.57
CA LYS A 78 11.01 16.63 -6.21
C LYS A 78 10.90 16.78 -7.72
N GLU A 79 11.34 17.92 -8.22
CA GLU A 79 11.42 18.17 -9.64
C GLU A 79 12.80 18.70 -9.99
N ASP A 80 13.14 19.84 -9.42
CA ASP A 80 14.43 20.47 -9.64
C ASP A 80 14.85 21.27 -8.42
N ALA A 1 0.29 -15.92 -4.45
CA ALA A 1 -0.45 -16.44 -5.63
C ALA A 1 -1.73 -15.63 -5.83
N GLN A 2 -1.67 -14.71 -6.80
CA GLN A 2 -2.78 -13.80 -7.11
C GLN A 2 -3.06 -12.84 -5.95
N VAL A 3 -3.51 -11.65 -6.32
CA VAL A 3 -3.86 -10.63 -5.34
C VAL A 3 -5.24 -10.08 -5.68
N ASN A 4 -6.10 -10.00 -4.68
CA ASN A 4 -7.45 -9.51 -4.88
C ASN A 4 -7.76 -8.48 -3.81
N ILE A 5 -8.09 -7.28 -4.24
CA ILE A 5 -8.38 -6.19 -3.32
C ILE A 5 -9.82 -5.74 -3.49
N ALA A 6 -10.54 -5.66 -2.38
CA ALA A 6 -11.92 -5.20 -2.37
C ALA A 6 -11.96 -3.68 -2.57
N PRO A 7 -13.08 -3.14 -3.08
CA PRO A 7 -13.24 -1.69 -3.31
C PRO A 7 -13.44 -0.90 -2.01
N GLY A 8 -12.72 -1.27 -0.98
CA GLY A 8 -12.88 -0.63 0.32
C GLY A 8 -11.66 0.13 0.77
N SER A 9 -11.62 0.43 2.06
CA SER A 9 -10.54 1.21 2.65
C SER A 9 -9.17 0.59 2.36
N LEU A 10 -8.24 1.43 1.91
CA LEU A 10 -6.92 1.01 1.50
C LEU A 10 -6.19 0.31 2.64
N ASP A 11 -6.52 0.69 3.87
CA ASP A 11 -5.97 0.05 5.07
C ASP A 11 -6.00 -1.46 4.92
N LYS A 12 -7.15 -1.97 4.51
CA LYS A 12 -7.35 -3.41 4.38
C LYS A 12 -6.51 -4.00 3.26
N ALA A 13 -6.13 -3.18 2.29
CA ALA A 13 -5.33 -3.64 1.16
C ALA A 13 -3.95 -4.06 1.64
N LEU A 14 -3.18 -3.11 2.16
CA LEU A 14 -1.87 -3.39 2.73
C LEU A 14 -1.98 -4.39 3.88
N ASN A 15 -3.06 -4.30 4.65
CA ASN A 15 -3.30 -5.22 5.76
C ASN A 15 -3.40 -6.65 5.23
N GLN A 16 -4.17 -6.81 4.16
CA GLN A 16 -4.33 -8.10 3.52
C GLN A 16 -3.01 -8.58 2.93
N TYR A 17 -2.27 -7.67 2.29
CA TYR A 17 -1.01 -8.04 1.66
C TYR A 17 0.02 -8.39 2.73
N ALA A 18 0.05 -7.63 3.81
CA ALA A 18 0.92 -7.92 4.94
C ALA A 18 0.73 -9.34 5.45
N ALA A 19 -0.52 -9.76 5.57
CA ALA A 19 -0.85 -11.09 6.08
C ALA A 19 -0.30 -12.19 5.17
N HIS A 20 0.04 -11.84 3.94
CA HIS A 20 0.57 -12.79 2.97
C HIS A 20 1.87 -13.43 3.47
N SER A 21 2.85 -12.62 3.84
CA SER A 21 4.13 -13.16 4.28
C SER A 21 4.40 -12.84 5.75
N GLY A 22 3.60 -11.94 6.31
CA GLY A 22 3.75 -11.57 7.71
C GLY A 22 4.93 -10.66 7.95
N PHE A 23 5.02 -9.60 7.16
CA PHE A 23 6.12 -8.65 7.29
C PHE A 23 5.63 -7.38 7.99
N THR A 24 6.56 -6.64 8.56
CA THR A 24 6.22 -5.44 9.32
C THR A 24 6.25 -4.18 8.46
N LEU A 25 5.09 -3.71 8.06
CA LEU A 25 4.99 -2.45 7.34
C LEU A 25 4.57 -1.34 8.30
N SER A 26 5.00 -0.12 8.02
CA SER A 26 4.71 1.02 8.89
C SER A 26 3.67 1.93 8.24
N VAL A 27 2.44 1.85 8.73
CA VAL A 27 1.37 2.68 8.21
C VAL A 27 0.74 3.50 9.33
N ASP A 28 0.35 4.73 9.02
CA ASP A 28 -0.31 5.59 10.00
C ASP A 28 -1.81 5.53 9.82
N ALA A 29 -2.47 4.88 10.78
CA ALA A 29 -3.94 4.75 10.80
C ALA A 29 -4.64 6.11 10.98
N SER A 30 -4.41 7.03 10.05
CA SER A 30 -5.00 8.36 10.09
C SER A 30 -4.82 9.03 8.73
N LEU A 31 -3.67 8.78 8.10
CA LEU A 31 -3.41 9.29 6.77
C LEU A 31 -4.31 8.61 5.76
N THR A 32 -4.70 7.39 6.07
CA THR A 32 -5.58 6.61 5.22
C THR A 32 -7.03 6.70 5.71
N ARG A 33 -7.33 7.70 6.52
CA ARG A 33 -8.67 7.87 7.06
C ARG A 33 -9.66 8.15 5.94
N GLY A 34 -10.51 7.17 5.64
CA GLY A 34 -11.50 7.33 4.59
C GLY A 34 -10.92 7.08 3.22
N LYS A 35 -9.68 6.60 3.18
CA LYS A 35 -9.00 6.34 1.93
C LYS A 35 -9.36 4.94 1.44
N GLN A 36 -10.16 4.87 0.40
CA GLN A 36 -10.58 3.58 -0.15
C GLN A 36 -9.93 3.34 -1.50
N SER A 37 -9.85 2.09 -1.92
CA SER A 37 -9.34 1.77 -3.23
C SER A 37 -10.36 0.87 -3.91
N ASN A 38 -10.76 1.23 -5.12
CA ASN A 38 -11.85 0.55 -5.81
C ASN A 38 -11.50 -0.91 -6.13
N GLY A 39 -10.26 -1.29 -5.92
CA GLY A 39 -9.91 -2.68 -5.98
C GLY A 39 -8.71 -2.94 -6.87
N LEU A 40 -8.27 -4.20 -6.89
CA LEU A 40 -7.13 -4.62 -7.69
C LEU A 40 -7.23 -6.13 -7.87
N HIS A 41 -7.21 -6.62 -9.10
CA HIS A 41 -7.36 -8.05 -9.33
C HIS A 41 -6.37 -8.55 -10.37
N GLY A 42 -5.26 -9.10 -9.88
CA GLY A 42 -4.29 -9.73 -10.74
C GLY A 42 -3.26 -10.48 -9.93
N ASP A 43 -2.43 -11.29 -10.57
CA ASP A 43 -1.28 -11.87 -9.89
C ASP A 43 -0.18 -10.84 -9.81
N TYR A 44 -0.06 -10.22 -8.64
CA TYR A 44 0.87 -9.11 -8.47
C TYR A 44 1.94 -9.45 -7.46
N ASP A 45 3.15 -8.98 -7.73
CA ASP A 45 4.25 -9.14 -6.80
C ASP A 45 4.33 -7.91 -5.91
N VAL A 46 5.34 -7.83 -5.05
CA VAL A 46 5.45 -6.76 -4.06
C VAL A 46 5.33 -5.39 -4.71
N GLU A 47 6.34 -5.03 -5.48
CA GLU A 47 6.46 -3.71 -6.06
C GLU A 47 5.25 -3.33 -6.91
N SER A 48 4.86 -4.24 -7.81
CA SER A 48 3.84 -3.94 -8.80
C SER A 48 2.46 -3.84 -8.15
N GLY A 49 2.27 -4.61 -7.08
CA GLY A 49 0.97 -4.67 -6.44
C GLY A 49 0.70 -3.43 -5.62
N LEU A 50 1.72 -2.97 -4.90
CA LEU A 50 1.58 -1.82 -4.03
C LEU A 50 1.52 -0.55 -4.86
N GLN A 51 2.28 -0.51 -5.94
CA GLN A 51 2.32 0.66 -6.83
C GLN A 51 0.93 1.02 -7.32
N GLN A 52 0.19 0.03 -7.79
CA GLN A 52 -1.15 0.27 -8.31
C GLN A 52 -2.10 0.74 -7.21
N LEU A 53 -1.95 0.17 -6.01
CA LEU A 53 -2.74 0.59 -4.85
C LEU A 53 -2.54 2.07 -4.52
N LEU A 54 -1.39 2.62 -4.93
CA LEU A 54 -1.04 4.00 -4.62
C LEU A 54 -1.73 4.99 -5.55
N ASP A 55 -2.29 4.49 -6.65
CA ASP A 55 -2.95 5.36 -7.62
C ASP A 55 -4.15 6.06 -6.99
N GLY A 56 -4.06 7.38 -6.91
CA GLY A 56 -5.13 8.15 -6.31
C GLY A 56 -4.72 8.75 -4.98
N SER A 57 -3.42 8.78 -4.72
CA SER A 57 -2.89 9.38 -3.50
C SER A 57 -1.54 10.03 -3.80
N GLY A 58 -0.97 10.66 -2.78
CA GLY A 58 0.34 11.25 -2.92
C GLY A 58 1.33 10.63 -1.95
N LEU A 59 1.27 9.31 -1.86
CA LEU A 59 2.11 8.57 -0.93
C LEU A 59 3.03 7.62 -1.71
N GLN A 60 3.93 6.97 -0.99
CA GLN A 60 4.83 5.99 -1.57
C GLN A 60 5.10 4.88 -0.55
N VAL A 61 4.91 3.64 -0.94
CA VAL A 61 5.25 2.52 -0.08
C VAL A 61 6.70 2.13 -0.32
N LYS A 62 7.52 2.22 0.71
CA LYS A 62 8.93 2.01 0.58
C LYS A 62 9.43 1.06 1.66
N PRO A 63 10.06 -0.05 1.26
CA PRO A 63 10.64 -1.02 2.18
C PRO A 63 11.69 -0.37 3.09
N LEU A 64 11.73 -0.84 4.33
CA LEU A 64 12.64 -0.29 5.33
C LEU A 64 14.06 -0.79 5.07
N GLY A 65 14.21 -2.08 4.84
CA GLY A 65 15.51 -2.64 4.56
C GLY A 65 15.54 -4.14 4.77
N ASN A 66 15.00 -4.58 5.91
CA ASN A 66 14.97 -6.00 6.24
C ASN A 66 13.54 -6.52 6.18
N ASN A 67 13.12 -6.94 4.97
CA ASN A 67 11.79 -7.51 4.70
C ASN A 67 10.66 -6.81 5.48
N SER A 68 10.72 -5.49 5.53
CA SER A 68 9.67 -4.70 6.17
C SER A 68 9.46 -3.43 5.34
N TRP A 69 8.47 -2.63 5.70
CA TRP A 69 8.10 -1.47 4.90
C TRP A 69 7.83 -0.27 5.77
N THR A 70 7.71 0.89 5.14
CA THR A 70 7.20 2.08 5.79
C THR A 70 6.47 2.94 4.76
N LEU A 71 5.37 3.56 5.15
CA LEU A 71 4.63 4.42 4.25
C LEU A 71 5.10 5.85 4.39
N GLU A 72 5.90 6.28 3.44
CA GLU A 72 6.42 7.63 3.44
C GLU A 72 5.58 8.53 2.55
N PRO A 73 5.16 9.69 3.08
CA PRO A 73 4.48 10.70 2.29
C PRO A 73 5.44 11.38 1.31
N ALA A 74 5.19 11.19 0.03
CA ALA A 74 6.06 11.72 -1.01
C ALA A 74 5.34 11.66 -2.35
N PRO A 75 4.57 12.69 -2.68
CA PRO A 75 3.74 12.70 -3.88
C PRO A 75 4.52 13.13 -5.12
N ALA A 76 5.71 12.55 -5.30
CA ALA A 76 6.60 12.92 -6.41
C ALA A 76 6.85 14.42 -6.39
N PRO A 77 7.44 14.93 -5.30
CA PRO A 77 7.59 16.36 -5.08
C PRO A 77 8.81 16.93 -5.79
N LYS A 78 8.55 17.78 -6.77
CA LYS A 78 9.61 18.40 -7.55
C LYS A 78 10.18 19.58 -6.78
N GLU A 79 9.45 20.68 -6.82
CA GLU A 79 9.73 21.83 -5.98
C GLU A 79 8.40 22.43 -5.54
N ASP A 80 7.41 21.56 -5.51
CA ASP A 80 6.04 21.93 -5.17
C ASP A 80 5.52 20.98 -4.11
N ALA A 1 -4.56 -15.69 -9.77
CA ALA A 1 -4.13 -14.34 -9.32
C ALA A 1 -3.31 -14.46 -8.04
N GLN A 2 -2.25 -13.65 -7.96
CA GLN A 2 -1.34 -13.70 -6.83
C GLN A 2 -2.00 -13.10 -5.61
N VAL A 3 -2.77 -12.08 -5.88
CA VAL A 3 -3.49 -11.33 -4.86
C VAL A 3 -4.78 -10.79 -5.43
N ASN A 4 -5.78 -10.60 -4.59
CA ASN A 4 -7.06 -10.05 -5.01
C ASN A 4 -7.46 -8.92 -4.08
N ILE A 5 -7.47 -7.71 -4.59
CA ILE A 5 -7.81 -6.55 -3.79
C ILE A 5 -9.19 -6.05 -4.19
N ALA A 6 -10.12 -6.10 -3.24
CA ALA A 6 -11.46 -5.60 -3.46
C ALA A 6 -11.48 -4.09 -3.25
N PRO A 7 -12.47 -3.37 -3.81
CA PRO A 7 -12.70 -1.97 -3.45
C PRO A 7 -12.99 -1.86 -1.95
N GLY A 8 -12.56 -0.79 -1.31
CA GLY A 8 -12.59 -0.72 0.14
C GLY A 8 -11.46 0.12 0.68
N SER A 9 -11.32 0.16 1.99
CA SER A 9 -10.28 0.96 2.63
C SER A 9 -8.90 0.44 2.24
N LEU A 10 -8.04 1.35 1.79
CA LEU A 10 -6.68 1.00 1.37
C LEU A 10 -5.90 0.43 2.54
N ASP A 11 -6.24 0.93 3.74
CA ASP A 11 -5.68 0.38 4.98
C ASP A 11 -5.81 -1.14 5.00
N LYS A 12 -7.02 -1.62 4.79
CA LYS A 12 -7.30 -3.05 4.81
C LYS A 12 -6.68 -3.73 3.59
N ALA A 13 -6.54 -2.99 2.50
CA ALA A 13 -5.96 -3.53 1.27
C ALA A 13 -4.50 -3.88 1.48
N LEU A 14 -3.73 -2.89 1.90
CA LEU A 14 -2.31 -3.09 2.24
C LEU A 14 -2.16 -4.11 3.35
N ASN A 15 -3.03 -4.03 4.35
CA ASN A 15 -3.01 -4.97 5.47
C ASN A 15 -3.26 -6.39 4.98
N GLN A 16 -4.12 -6.52 3.97
CA GLN A 16 -4.40 -7.80 3.36
C GLN A 16 -3.14 -8.36 2.72
N TYR A 17 -2.40 -7.50 2.02
CA TYR A 17 -1.18 -7.94 1.34
C TYR A 17 -0.11 -8.27 2.36
N ALA A 18 -0.07 -7.52 3.46
CA ALA A 18 0.86 -7.78 4.55
C ALA A 18 0.77 -9.24 5.03
N ALA A 19 -0.44 -9.76 5.08
CA ALA A 19 -0.68 -11.14 5.50
C ALA A 19 -0.04 -12.15 4.54
N HIS A 20 0.34 -11.70 3.34
CA HIS A 20 0.94 -12.57 2.32
C HIS A 20 2.20 -13.25 2.85
N SER A 21 3.18 -12.45 3.29
CA SER A 21 4.41 -13.00 3.80
C SER A 21 4.52 -12.83 5.32
N GLY A 22 3.65 -12.00 5.88
CA GLY A 22 3.65 -11.74 7.30
C GLY A 22 4.80 -10.84 7.71
N PHE A 23 4.90 -9.69 7.07
CA PHE A 23 5.98 -8.75 7.34
C PHE A 23 5.48 -7.57 8.17
N THR A 24 6.39 -6.73 8.60
CA THR A 24 6.06 -5.60 9.45
C THR A 24 5.78 -4.34 8.62
N LEU A 25 4.52 -3.96 8.55
CA LEU A 25 4.12 -2.75 7.85
C LEU A 25 3.94 -1.60 8.84
N SER A 26 4.61 -0.50 8.59
CA SER A 26 4.49 0.67 9.43
C SER A 26 3.57 1.70 8.78
N VAL A 27 2.32 1.69 9.20
CA VAL A 27 1.31 2.61 8.69
C VAL A 27 0.30 2.95 9.78
N ASP A 28 0.00 4.22 9.93
CA ASP A 28 -1.01 4.65 10.89
C ASP A 28 -2.35 4.79 10.19
N ALA A 29 -3.38 4.17 10.77
CA ALA A 29 -4.73 4.17 10.22
C ALA A 29 -5.29 5.58 10.03
N SER A 30 -4.61 6.58 10.58
CA SER A 30 -5.05 7.96 10.46
C SER A 30 -4.84 8.47 9.03
N LEU A 31 -3.70 8.13 8.44
CA LEU A 31 -3.38 8.53 7.07
C LEU A 31 -4.36 7.91 6.08
N THR A 32 -4.68 6.64 6.28
CA THR A 32 -5.55 5.90 5.38
C THR A 32 -7.01 6.00 5.80
N ARG A 33 -7.30 6.91 6.72
CA ARG A 33 -8.67 7.13 7.18
C ARG A 33 -9.52 7.72 6.07
N GLY A 34 -10.48 6.95 5.59
CA GLY A 34 -11.32 7.42 4.50
C GLY A 34 -10.71 7.12 3.14
N LYS A 35 -9.54 6.53 3.15
CA LYS A 35 -8.82 6.21 1.93
C LYS A 35 -9.27 4.88 1.37
N GLN A 36 -9.89 4.89 0.21
CA GLN A 36 -10.30 3.65 -0.44
C GLN A 36 -9.41 3.36 -1.62
N SER A 37 -9.44 2.13 -2.12
CA SER A 37 -8.77 1.78 -3.35
C SER A 37 -9.71 0.89 -4.15
N ASN A 38 -9.86 1.21 -5.44
CA ASN A 38 -10.78 0.51 -6.32
C ASN A 38 -10.46 -0.98 -6.45
N GLY A 39 -9.22 -1.35 -6.16
CA GLY A 39 -8.87 -2.75 -6.12
C GLY A 39 -7.67 -3.09 -6.96
N LEU A 40 -7.36 -4.38 -7.04
CA LEU A 40 -6.22 -4.89 -7.77
C LEU A 40 -6.46 -6.37 -8.05
N HIS A 41 -6.36 -6.80 -9.30
CA HIS A 41 -6.60 -8.20 -9.62
C HIS A 41 -5.60 -8.71 -10.64
N GLY A 42 -4.58 -9.38 -10.15
CA GLY A 42 -3.60 -9.99 -11.03
C GLY A 42 -2.67 -10.91 -10.30
N ASP A 43 -1.80 -11.59 -11.04
CA ASP A 43 -0.71 -12.34 -10.44
C ASP A 43 0.48 -11.40 -10.29
N TYR A 44 0.38 -10.54 -9.27
CA TYR A 44 1.27 -9.40 -9.11
C TYR A 44 2.42 -9.68 -8.16
N ASP A 45 3.55 -9.03 -8.42
CA ASP A 45 4.71 -9.08 -7.55
C ASP A 45 4.64 -7.95 -6.52
N VAL A 46 5.48 -8.02 -5.49
CA VAL A 46 5.41 -7.14 -4.32
C VAL A 46 5.26 -5.66 -4.69
N GLU A 47 6.34 -5.05 -5.18
CA GLU A 47 6.35 -3.61 -5.44
C GLU A 47 5.38 -3.21 -6.54
N SER A 48 5.13 -4.11 -7.47
CA SER A 48 4.26 -3.82 -8.61
C SER A 48 2.80 -3.73 -8.15
N GLY A 49 2.46 -4.52 -7.15
CA GLY A 49 1.11 -4.55 -6.65
C GLY A 49 0.81 -3.34 -5.79
N LEU A 50 1.82 -2.89 -5.08
CA LEU A 50 1.70 -1.71 -4.23
C LEU A 50 1.50 -0.46 -5.08
N GLN A 51 2.26 -0.37 -6.17
CA GLN A 51 2.17 0.76 -7.09
C GLN A 51 0.74 0.94 -7.60
N GLN A 52 0.07 -0.18 -7.88
CA GLN A 52 -1.32 -0.14 -8.33
C GLN A 52 -2.23 0.48 -7.28
N LEU A 53 -2.22 -0.09 -6.10
CA LEU A 53 -3.07 0.36 -5.00
C LEU A 53 -2.85 1.84 -4.67
N LEU A 54 -1.61 2.29 -4.81
CA LEU A 54 -1.25 3.65 -4.43
C LEU A 54 -1.21 4.60 -5.64
N ASP A 55 -1.76 4.17 -6.76
CA ASP A 55 -1.81 5.02 -7.95
C ASP A 55 -2.60 6.31 -7.68
N GLY A 56 -1.88 7.42 -7.66
CA GLY A 56 -2.50 8.72 -7.44
C GLY A 56 -3.07 8.85 -6.05
N SER A 57 -2.36 8.33 -5.06
CA SER A 57 -2.85 8.33 -3.68
C SER A 57 -2.22 9.47 -2.88
N GLY A 58 -1.14 10.03 -3.39
CA GLY A 58 -0.40 11.02 -2.63
C GLY A 58 0.53 10.35 -1.63
N LEU A 59 0.59 9.03 -1.72
CA LEU A 59 1.39 8.24 -0.81
C LEU A 59 2.54 7.57 -1.56
N GLN A 60 3.49 7.06 -0.81
CA GLN A 60 4.64 6.37 -1.38
C GLN A 60 5.04 5.24 -0.45
N VAL A 61 4.98 4.02 -0.94
CA VAL A 61 5.34 2.87 -0.12
C VAL A 61 6.81 2.52 -0.32
N LYS A 62 7.54 2.38 0.77
CA LYS A 62 8.94 2.02 0.70
C LYS A 62 9.26 0.86 1.61
N PRO A 63 9.80 -0.23 1.06
CA PRO A 63 10.34 -1.32 1.86
C PRO A 63 11.49 -0.80 2.72
N LEU A 64 11.31 -0.88 4.04
CA LEU A 64 12.21 -0.26 5.00
C LEU A 64 13.62 -0.84 4.89
N GLY A 65 13.72 -2.16 4.77
CA GLY A 65 15.02 -2.77 4.66
C GLY A 65 15.02 -4.20 5.17
N ASN A 66 14.76 -4.35 6.46
CA ASN A 66 14.76 -5.67 7.09
C ASN A 66 13.42 -6.38 6.88
N ASN A 67 13.05 -6.55 5.62
CA ASN A 67 11.81 -7.25 5.25
C ASN A 67 10.60 -6.60 5.91
N SER A 68 10.56 -5.28 5.89
CA SER A 68 9.43 -4.53 6.45
C SER A 68 9.16 -3.34 5.57
N TRP A 69 8.14 -2.58 5.90
CA TRP A 69 7.67 -1.50 5.04
C TRP A 69 7.37 -0.26 5.87
N THR A 70 7.42 0.88 5.22
CA THR A 70 7.02 2.14 5.82
C THR A 70 6.26 2.99 4.82
N LEU A 71 5.11 3.52 5.24
CA LEU A 71 4.30 4.32 4.34
C LEU A 71 4.65 5.79 4.46
N GLU A 72 5.38 6.28 3.46
CA GLU A 72 5.77 7.67 3.39
C GLU A 72 4.74 8.48 2.62
N PRO A 73 4.19 9.54 3.22
CA PRO A 73 3.34 10.47 2.49
C PRO A 73 4.18 11.36 1.57
N ALA A 74 3.98 11.19 0.26
CA ALA A 74 4.76 11.88 -0.75
C ALA A 74 4.39 11.41 -2.14
N PRO A 75 3.61 12.22 -2.89
CA PRO A 75 3.22 11.89 -4.25
C PRO A 75 4.33 12.21 -5.26
N ALA A 76 5.56 11.84 -4.89
CA ALA A 76 6.75 12.17 -5.68
C ALA A 76 6.82 13.67 -5.96
N PRO A 77 7.01 14.48 -4.90
CA PRO A 77 6.97 15.92 -4.96
C PRO A 77 8.37 16.51 -5.09
N LYS A 78 8.46 17.83 -5.14
CA LYS A 78 9.75 18.48 -5.26
C LYS A 78 10.28 18.89 -3.90
N GLU A 79 10.51 17.88 -3.04
CA GLU A 79 11.08 18.06 -1.72
C GLU A 79 10.21 18.95 -0.82
N ASP A 80 9.57 18.34 0.17
CA ASP A 80 8.73 19.08 1.10
C ASP A 80 9.56 20.08 1.90
N ALA A 1 3.23 -12.24 -7.41
CA ALA A 1 2.43 -12.79 -6.30
C ALA A 1 0.96 -12.44 -6.49
N GLN A 2 0.08 -13.43 -6.39
CA GLN A 2 -1.34 -13.19 -6.55
C GLN A 2 -1.88 -12.44 -5.34
N VAL A 3 -2.61 -11.38 -5.61
CA VAL A 3 -3.12 -10.50 -4.58
C VAL A 3 -4.58 -10.18 -4.85
N ASN A 4 -5.37 -10.04 -3.80
CA ASN A 4 -6.78 -9.72 -3.95
C ASN A 4 -7.11 -8.52 -3.08
N ILE A 5 -7.14 -7.35 -3.71
CA ILE A 5 -7.41 -6.12 -3.00
C ILE A 5 -8.84 -5.70 -3.25
N ALA A 6 -9.66 -5.80 -2.22
CA ALA A 6 -11.06 -5.45 -2.32
C ALA A 6 -11.22 -3.93 -2.25
N PRO A 7 -12.24 -3.38 -2.93
CA PRO A 7 -12.62 -1.98 -2.73
C PRO A 7 -12.88 -1.71 -1.26
N GLY A 8 -12.36 -0.62 -0.74
CA GLY A 8 -12.38 -0.41 0.69
C GLY A 8 -11.20 0.42 1.12
N SER A 9 -11.04 0.64 2.41
CA SER A 9 -9.94 1.46 2.91
C SER A 9 -8.61 0.78 2.63
N LEU A 10 -7.60 1.58 2.25
CA LEU A 10 -6.26 1.07 1.98
C LEU A 10 -5.71 0.38 3.22
N ASP A 11 -6.19 0.80 4.38
CA ASP A 11 -5.87 0.16 5.65
C ASP A 11 -6.07 -1.35 5.56
N LYS A 12 -7.28 -1.75 5.17
CA LYS A 12 -7.62 -3.16 5.03
C LYS A 12 -6.81 -3.80 3.91
N ALA A 13 -6.53 -3.04 2.87
CA ALA A 13 -5.83 -3.54 1.70
C ALA A 13 -4.40 -3.95 2.05
N LEU A 14 -3.63 -2.98 2.53
CA LEU A 14 -2.25 -3.24 2.95
C LEU A 14 -2.19 -4.31 4.03
N ASN A 15 -3.17 -4.28 4.94
CA ASN A 15 -3.25 -5.27 6.02
C ASN A 15 -3.39 -6.68 5.44
N GLN A 16 -4.12 -6.78 4.33
CA GLN A 16 -4.30 -8.06 3.64
C GLN A 16 -2.96 -8.61 3.18
N TYR A 17 -2.16 -7.79 2.51
CA TYR A 17 -0.88 -8.24 1.98
C TYR A 17 0.07 -8.56 3.13
N ALA A 18 0.06 -7.69 4.13
CA ALA A 18 0.86 -7.89 5.34
C ALA A 18 0.60 -9.24 5.97
N ALA A 19 -0.67 -9.56 6.18
CA ALA A 19 -1.07 -10.81 6.80
C ALA A 19 -0.64 -12.01 5.95
N HIS A 20 -0.51 -11.79 4.65
CA HIS A 20 -0.15 -12.85 3.72
C HIS A 20 1.25 -13.41 4.00
N SER A 21 2.24 -12.53 4.12
CA SER A 21 3.62 -12.97 4.33
C SER A 21 4.01 -12.89 5.81
N GLY A 22 3.23 -12.13 6.58
CA GLY A 22 3.52 -11.95 7.98
C GLY A 22 4.69 -11.02 8.23
N PHE A 23 4.68 -9.87 7.58
CA PHE A 23 5.77 -8.91 7.73
C PHE A 23 5.26 -7.68 8.49
N THR A 24 6.20 -6.84 8.91
CA THR A 24 5.84 -5.65 9.67
C THR A 24 5.67 -4.44 8.74
N LEU A 25 4.43 -4.02 8.59
CA LEU A 25 4.12 -2.85 7.79
C LEU A 25 4.07 -1.62 8.69
N SER A 26 4.79 -0.58 8.30
CA SER A 26 4.85 0.63 9.10
C SER A 26 3.96 1.71 8.48
N VAL A 27 2.78 1.87 9.05
CA VAL A 27 1.84 2.88 8.58
C VAL A 27 0.99 3.41 9.74
N ASP A 28 0.87 4.72 9.81
CA ASP A 28 0.05 5.35 10.84
C ASP A 28 -1.31 5.71 10.27
N ALA A 29 -2.34 5.41 11.05
CA ALA A 29 -3.74 5.57 10.63
C ALA A 29 -4.06 7.00 10.20
N SER A 30 -3.27 7.95 10.66
CA SER A 30 -3.51 9.36 10.37
C SER A 30 -3.27 9.68 8.89
N LEU A 31 -2.61 8.76 8.20
CA LEU A 31 -2.32 8.93 6.78
C LEU A 31 -3.35 8.20 5.92
N THR A 32 -3.99 7.20 6.52
CA THR A 32 -4.92 6.36 5.79
C THR A 32 -6.36 6.59 6.21
N ARG A 33 -6.58 7.58 7.07
CA ARG A 33 -7.92 7.90 7.56
C ARG A 33 -8.83 8.35 6.42
N GLY A 34 -9.75 7.49 6.04
CA GLY A 34 -10.66 7.80 4.96
C GLY A 34 -10.06 7.51 3.60
N LYS A 35 -8.86 6.95 3.62
CA LYS A 35 -8.15 6.64 2.39
C LYS A 35 -8.62 5.30 1.85
N GLN A 36 -9.43 5.34 0.80
CA GLN A 36 -10.00 4.13 0.22
C GLN A 36 -9.26 3.80 -1.07
N SER A 37 -9.28 2.52 -1.45
CA SER A 37 -8.78 2.11 -2.74
C SER A 37 -9.89 1.34 -3.44
N ASN A 38 -10.10 1.65 -4.72
CA ASN A 38 -11.14 0.98 -5.50
C ASN A 38 -10.85 -0.50 -5.68
N GLY A 39 -9.61 -0.90 -5.44
CA GLY A 39 -9.27 -2.31 -5.44
C GLY A 39 -8.17 -2.65 -6.41
N LEU A 40 -7.74 -3.90 -6.40
CA LEU A 40 -6.66 -4.35 -7.26
C LEU A 40 -6.73 -5.87 -7.39
N HIS A 41 -6.74 -6.41 -8.60
CA HIS A 41 -6.79 -7.85 -8.78
C HIS A 41 -5.86 -8.31 -9.89
N GLY A 42 -4.68 -8.77 -9.49
CA GLY A 42 -3.73 -9.32 -10.43
C GLY A 42 -2.58 -10.01 -9.74
N ASP A 43 -1.68 -10.57 -10.53
CA ASP A 43 -0.42 -11.08 -9.98
C ASP A 43 0.57 -9.93 -9.85
N TYR A 44 0.51 -9.26 -8.72
CA TYR A 44 1.36 -8.11 -8.46
C TYR A 44 2.40 -8.44 -7.40
N ASP A 45 3.65 -8.16 -7.71
CA ASP A 45 4.70 -8.32 -6.74
C ASP A 45 4.77 -7.09 -5.85
N VAL A 46 5.65 -7.11 -4.86
CA VAL A 46 5.69 -6.09 -3.81
C VAL A 46 5.67 -4.67 -4.37
N GLU A 47 6.76 -4.26 -5.00
CA GLU A 47 6.91 -2.89 -5.49
C GLU A 47 5.79 -2.49 -6.46
N SER A 48 5.47 -3.37 -7.40
CA SER A 48 4.54 -3.03 -8.49
C SER A 48 3.11 -2.92 -7.96
N GLY A 49 2.77 -3.76 -7.00
CA GLY A 49 1.41 -3.82 -6.50
C GLY A 49 1.11 -2.63 -5.61
N LEU A 50 2.09 -2.27 -4.80
CA LEU A 50 1.96 -1.15 -3.87
C LEU A 50 1.85 0.16 -4.63
N GLN A 51 2.63 0.27 -5.70
CA GLN A 51 2.64 1.48 -6.53
C GLN A 51 1.26 1.77 -7.09
N GLN A 52 0.57 0.72 -7.53
CA GLN A 52 -0.76 0.86 -8.10
C GLN A 52 -1.77 1.32 -7.04
N LEU A 53 -1.73 0.67 -5.87
CA LEU A 53 -2.67 0.93 -4.78
C LEU A 53 -2.70 2.40 -4.35
N LEU A 54 -1.55 3.07 -4.45
CA LEU A 54 -1.43 4.43 -3.95
C LEU A 54 -1.73 5.48 -5.01
N ASP A 55 -2.22 5.05 -6.16
CA ASP A 55 -2.54 5.98 -7.23
C ASP A 55 -3.69 6.90 -6.81
N GLY A 56 -3.52 8.18 -7.06
CA GLY A 56 -4.51 9.15 -6.63
C GLY A 56 -4.01 9.98 -5.47
N SER A 57 -2.76 9.77 -5.10
CA SER A 57 -2.13 10.54 -4.03
C SER A 57 -0.64 10.65 -4.29
N GLY A 58 0.10 11.20 -3.33
CA GLY A 58 1.51 11.44 -3.52
C GLY A 58 2.33 10.67 -2.51
N LEU A 59 1.81 9.53 -2.08
CA LEU A 59 2.50 8.70 -1.11
C LEU A 59 3.23 7.58 -1.84
N GLN A 60 4.11 6.89 -1.15
CA GLN A 60 4.83 5.77 -1.72
C GLN A 60 5.27 4.85 -0.60
N VAL A 61 4.79 3.63 -0.64
CA VAL A 61 5.17 2.64 0.36
C VAL A 61 6.33 1.81 -0.18
N LYS A 62 7.40 1.74 0.60
CA LYS A 62 8.64 1.16 0.14
C LYS A 62 9.13 0.12 1.12
N PRO A 63 9.71 -0.98 0.60
CA PRO A 63 10.31 -2.02 1.42
C PRO A 63 11.59 -1.53 2.09
N LEU A 64 11.58 -1.56 3.42
CA LEU A 64 12.67 -1.02 4.23
C LEU A 64 14.01 -1.68 3.89
N GLY A 65 13.97 -2.98 3.65
CA GLY A 65 15.18 -3.69 3.27
C GLY A 65 15.03 -5.17 3.47
N ASN A 66 15.01 -5.60 4.73
CA ASN A 66 14.86 -7.01 5.08
C ASN A 66 13.55 -7.57 4.53
N ASN A 67 12.45 -7.26 5.21
CA ASN A 67 11.13 -7.67 4.77
C ASN A 67 10.06 -6.91 5.55
N SER A 68 10.14 -5.58 5.48
CA SER A 68 9.16 -4.73 6.10
C SER A 68 9.00 -3.48 5.25
N TRP A 69 8.05 -2.63 5.59
CA TRP A 69 7.67 -1.54 4.70
C TRP A 69 7.42 -0.28 5.52
N THR A 70 7.37 0.86 4.85
CA THR A 70 6.95 2.09 5.49
C THR A 70 6.26 2.99 4.47
N LEU A 71 5.26 3.75 4.91
CA LEU A 71 4.55 4.65 4.03
C LEU A 71 5.12 6.07 4.13
N GLU A 72 5.92 6.44 3.15
CA GLU A 72 6.44 7.80 3.05
C GLU A 72 5.73 8.60 1.97
N PRO A 73 5.54 9.90 2.18
CA PRO A 73 5.06 10.80 1.14
C PRO A 73 6.17 11.10 0.14
N ALA A 74 5.98 10.66 -1.11
CA ALA A 74 6.97 10.78 -2.16
C ALA A 74 6.45 10.17 -3.46
N PRO A 75 5.77 10.97 -4.28
CA PRO A 75 5.17 10.50 -5.53
C PRO A 75 6.22 10.38 -6.64
N ALA A 76 7.40 9.86 -6.29
CA ALA A 76 8.54 9.86 -7.19
C ALA A 76 8.84 11.28 -7.63
N PRO A 77 9.23 12.15 -6.68
CA PRO A 77 9.36 13.58 -6.91
C PRO A 77 10.71 13.96 -7.52
N LYS A 78 10.66 14.90 -8.47
CA LYS A 78 11.86 15.39 -9.14
C LYS A 78 12.49 14.29 -9.97
N GLU A 79 13.70 14.53 -10.46
CA GLU A 79 14.38 13.55 -11.29
C GLU A 79 15.86 13.49 -10.96
N ASP A 80 16.24 12.48 -10.18
CA ASP A 80 17.64 12.24 -9.88
C ASP A 80 17.85 10.76 -9.63
N ALA A 1 2.25 -15.99 -7.28
CA ALA A 1 1.38 -15.42 -6.22
C ALA A 1 0.16 -14.77 -6.84
N GLN A 2 -0.66 -14.14 -6.02
CA GLN A 2 -1.76 -13.33 -6.53
C GLN A 2 -2.37 -12.50 -5.41
N VAL A 3 -3.16 -11.53 -5.80
CA VAL A 3 -3.87 -10.68 -4.88
C VAL A 3 -5.32 -10.56 -5.29
N ASN A 4 -6.20 -10.51 -4.31
CA ASN A 4 -7.62 -10.38 -4.59
C ASN A 4 -8.17 -9.22 -3.77
N ILE A 5 -8.27 -8.08 -4.41
CA ILE A 5 -8.65 -6.85 -3.73
C ILE A 5 -9.72 -6.15 -4.55
N ALA A 6 -10.46 -5.27 -3.90
CA ALA A 6 -11.59 -4.60 -4.52
C ALA A 6 -11.98 -3.41 -3.67
N PRO A 7 -12.91 -2.54 -4.13
CA PRO A 7 -13.36 -1.35 -3.39
C PRO A 7 -13.32 -1.52 -1.88
N GLY A 8 -12.66 -0.58 -1.22
CA GLY A 8 -12.47 -0.65 0.21
C GLY A 8 -11.36 0.28 0.65
N SER A 9 -11.37 0.69 1.90
CA SER A 9 -10.34 1.59 2.42
C SER A 9 -8.96 0.96 2.25
N LEU A 10 -8.02 1.76 1.73
CA LEU A 10 -6.69 1.28 1.36
C LEU A 10 -5.98 0.66 2.56
N ASP A 11 -6.29 1.15 3.74
CA ASP A 11 -5.75 0.62 5.00
C ASP A 11 -5.90 -0.90 5.06
N LYS A 12 -7.13 -1.37 4.93
CA LYS A 12 -7.41 -2.81 5.00
C LYS A 12 -6.81 -3.54 3.80
N ALA A 13 -6.65 -2.83 2.69
CA ALA A 13 -6.07 -3.40 1.48
C ALA A 13 -4.61 -3.77 1.71
N LEU A 14 -3.82 -2.78 2.13
CA LEU A 14 -2.42 -3.01 2.46
C LEU A 14 -2.27 -4.04 3.58
N ASN A 15 -3.20 -4.03 4.53
CA ASN A 15 -3.21 -5.00 5.61
C ASN A 15 -3.36 -6.41 5.04
N GLN A 16 -4.20 -6.53 4.01
CA GLN A 16 -4.38 -7.79 3.30
C GLN A 16 -3.08 -8.29 2.71
N TYR A 17 -2.33 -7.40 2.07
CA TYR A 17 -1.07 -7.79 1.44
C TYR A 17 -0.07 -8.19 2.51
N ALA A 18 0.01 -7.39 3.56
CA ALA A 18 0.90 -7.64 4.68
C ALA A 18 0.77 -9.06 5.22
N ALA A 19 -0.45 -9.60 5.16
CA ALA A 19 -0.73 -10.96 5.60
C ALA A 19 0.00 -12.01 4.75
N HIS A 20 0.61 -11.58 3.65
CA HIS A 20 1.39 -12.46 2.77
C HIS A 20 2.48 -13.18 3.54
N SER A 21 3.40 -12.41 4.10
CA SER A 21 4.52 -13.01 4.81
C SER A 21 4.46 -12.69 6.31
N GLY A 22 3.63 -11.71 6.67
CA GLY A 22 3.59 -11.25 8.04
C GLY A 22 4.75 -10.34 8.35
N PHE A 23 4.91 -9.29 7.57
CA PHE A 23 6.02 -8.37 7.73
C PHE A 23 5.56 -7.11 8.44
N THR A 24 6.52 -6.34 8.93
CA THR A 24 6.22 -5.17 9.73
C THR A 24 6.02 -3.93 8.86
N LEU A 25 4.78 -3.50 8.74
CA LEU A 25 4.44 -2.32 7.97
C LEU A 25 4.40 -1.11 8.90
N SER A 26 5.04 -0.02 8.50
CA SER A 26 4.99 1.21 9.28
C SER A 26 3.89 2.11 8.75
N VAL A 27 2.70 1.97 9.34
CA VAL A 27 1.52 2.69 8.88
C VAL A 27 0.63 3.07 10.07
N ASP A 28 -0.06 4.19 9.94
CA ASP A 28 -0.97 4.67 10.98
C ASP A 28 -2.40 4.58 10.49
N ALA A 29 -3.29 4.15 11.38
CA ALA A 29 -4.72 4.08 11.11
C ALA A 29 -5.33 5.46 10.86
N SER A 30 -4.90 6.10 9.80
CA SER A 30 -5.35 7.43 9.44
C SER A 30 -4.85 7.79 8.05
N LEU A 31 -3.59 7.45 7.80
CA LEU A 31 -2.96 7.70 6.50
C LEU A 31 -3.65 6.88 5.42
N THR A 32 -3.98 5.64 5.74
CA THR A 32 -4.60 4.73 4.80
C THR A 32 -6.10 4.56 5.06
N ARG A 33 -6.56 5.02 6.22
CA ARG A 33 -7.96 4.83 6.59
C ARG A 33 -8.82 5.97 6.07
N GLY A 34 -9.97 5.63 5.49
CA GLY A 34 -10.86 6.62 4.96
C GLY A 34 -10.80 6.67 3.45
N LYS A 35 -9.58 6.78 2.93
CA LYS A 35 -9.35 6.74 1.50
C LYS A 35 -9.44 5.30 1.01
N GLN A 36 -10.19 5.09 -0.07
CA GLN A 36 -10.44 3.76 -0.56
C GLN A 36 -9.60 3.49 -1.81
N SER A 37 -9.45 2.22 -2.15
CA SER A 37 -8.81 1.82 -3.38
C SER A 37 -9.69 0.78 -4.05
N ASN A 38 -9.87 0.91 -5.36
CA ASN A 38 -10.76 0.02 -6.11
C ASN A 38 -10.19 -1.40 -6.23
N GLY A 39 -9.01 -1.61 -5.68
CA GLY A 39 -8.47 -2.95 -5.57
C GLY A 39 -7.46 -3.28 -6.64
N LEU A 40 -7.06 -4.55 -6.71
CA LEU A 40 -6.07 -5.02 -7.66
C LEU A 40 -6.23 -6.54 -7.78
N HIS A 41 -6.01 -7.11 -8.96
CA HIS A 41 -6.11 -8.55 -9.11
C HIS A 41 -5.08 -9.06 -10.12
N GLY A 42 -3.96 -9.55 -9.62
CA GLY A 42 -2.95 -10.15 -10.49
C GLY A 42 -1.88 -10.86 -9.69
N ASP A 43 -0.86 -11.36 -10.40
CA ASP A 43 0.32 -11.97 -9.79
C ASP A 43 1.35 -10.88 -9.56
N TYR A 44 1.27 -10.21 -8.42
CA TYR A 44 2.06 -9.03 -8.17
C TYR A 44 3.04 -9.21 -7.03
N ASP A 45 4.21 -8.62 -7.22
CA ASP A 45 5.26 -8.60 -6.20
C ASP A 45 5.09 -7.34 -5.33
N VAL A 46 5.97 -7.19 -4.36
CA VAL A 46 5.89 -6.09 -3.40
C VAL A 46 5.81 -4.72 -4.09
N GLU A 47 6.92 -4.27 -4.68
CA GLU A 47 7.04 -2.90 -5.18
C GLU A 47 6.03 -2.57 -6.27
N SER A 48 5.81 -3.50 -7.18
CA SER A 48 4.96 -3.26 -8.34
C SER A 48 3.48 -3.25 -7.93
N GLY A 49 3.16 -4.09 -6.96
CA GLY A 49 1.78 -4.23 -6.55
C GLY A 49 1.31 -3.05 -5.74
N LEU A 50 2.17 -2.57 -4.85
CA LEU A 50 1.85 -1.45 -3.99
C LEU A 50 1.73 -0.17 -4.81
N GLN A 51 2.53 -0.07 -5.86
CA GLN A 51 2.50 1.08 -6.75
C GLN A 51 1.10 1.26 -7.34
N GLN A 52 0.53 0.18 -7.86
CA GLN A 52 -0.79 0.24 -8.47
C GLN A 52 -1.88 0.52 -7.43
N LEU A 53 -1.76 -0.14 -6.29
CA LEU A 53 -2.73 0.02 -5.19
C LEU A 53 -2.86 1.47 -4.75
N LEU A 54 -1.74 2.16 -4.67
CA LEU A 54 -1.72 3.51 -4.13
C LEU A 54 -1.76 4.57 -5.22
N ASP A 55 -1.85 4.15 -6.47
CA ASP A 55 -1.91 5.09 -7.59
C ASP A 55 -3.15 5.97 -7.48
N GLY A 56 -2.92 7.25 -7.22
CA GLY A 56 -4.02 8.19 -7.09
C GLY A 56 -4.41 8.45 -5.65
N SER A 57 -3.81 7.69 -4.73
CA SER A 57 -4.16 7.79 -3.32
C SER A 57 -3.32 8.86 -2.63
N GLY A 58 -2.28 9.33 -3.32
CA GLY A 58 -1.41 10.34 -2.74
C GLY A 58 -0.49 9.76 -1.70
N LEU A 59 -0.29 8.46 -1.76
CA LEU A 59 0.57 7.78 -0.82
C LEU A 59 1.65 7.00 -1.56
N GLN A 60 2.67 6.56 -0.83
CA GLN A 60 3.75 5.79 -1.43
C GLN A 60 4.29 4.80 -0.40
N VAL A 61 4.20 3.51 -0.69
CA VAL A 61 4.76 2.51 0.21
C VAL A 61 6.19 2.20 -0.21
N LYS A 62 7.10 2.31 0.74
CA LYS A 62 8.50 2.05 0.47
C LYS A 62 8.97 0.86 1.28
N PRO A 63 9.60 -0.13 0.64
CA PRO A 63 10.25 -1.22 1.34
C PRO A 63 11.35 -0.68 2.25
N LEU A 64 11.21 -0.95 3.54
CA LEU A 64 12.10 -0.39 4.55
C LEU A 64 13.50 -0.98 4.40
N GLY A 65 13.60 -2.30 4.33
CA GLY A 65 14.87 -2.94 4.14
C GLY A 65 14.91 -4.32 4.74
N ASN A 66 14.54 -4.42 6.01
CA ASN A 66 14.58 -5.69 6.74
C ASN A 66 13.28 -6.47 6.56
N ASN A 67 12.94 -6.75 5.30
CA ASN A 67 11.71 -7.46 4.92
C ASN A 67 10.49 -6.81 5.58
N SER A 68 10.52 -5.49 5.68
CA SER A 68 9.43 -4.72 6.26
C SER A 68 9.25 -3.46 5.43
N TRP A 69 8.28 -2.63 5.79
CA TRP A 69 7.89 -1.53 4.93
C TRP A 69 7.71 -0.25 5.74
N THR A 70 7.61 0.85 5.03
CA THR A 70 7.30 2.13 5.63
C THR A 70 6.38 2.89 4.71
N LEU A 71 5.39 3.57 5.28
CA LEU A 71 4.48 4.37 4.47
C LEU A 71 4.98 5.79 4.37
N GLU A 72 5.54 6.09 3.21
CA GLU A 72 6.09 7.40 2.94
C GLU A 72 5.02 8.32 2.38
N PRO A 73 4.73 9.43 3.07
CA PRO A 73 3.86 10.46 2.54
C PRO A 73 4.51 11.13 1.34
N ALA A 74 3.91 10.93 0.19
CA ALA A 74 4.43 11.44 -1.07
C ALA A 74 3.33 11.47 -2.11
N PRO A 75 2.46 12.47 -2.03
CA PRO A 75 1.28 12.55 -2.90
C PRO A 75 1.62 13.07 -4.28
N ALA A 76 1.91 14.35 -4.36
CA ALA A 76 2.43 14.96 -5.58
C ALA A 76 3.56 15.90 -5.19
N PRO A 77 4.67 15.33 -4.68
CA PRO A 77 5.72 16.09 -4.04
C PRO A 77 6.86 16.47 -5.00
N LYS A 78 6.90 15.81 -6.14
CA LYS A 78 7.87 16.13 -7.19
C LYS A 78 7.24 15.96 -8.57
N GLU A 79 5.93 16.11 -8.61
CA GLU A 79 5.18 15.89 -9.84
C GLU A 79 4.94 17.21 -10.55
N ASP A 80 4.62 18.22 -9.76
CA ASP A 80 4.35 19.56 -10.27
C ASP A 80 4.80 20.58 -9.25
N ALA A 1 -0.71 -17.09 -7.35
CA ALA A 1 -0.49 -16.01 -6.36
C ALA A 1 -1.56 -14.94 -6.51
N GLN A 2 -2.81 -15.34 -6.33
CA GLN A 2 -3.92 -14.40 -6.48
C GLN A 2 -3.93 -13.36 -5.37
N VAL A 3 -3.54 -12.16 -5.74
CA VAL A 3 -3.65 -11.02 -4.85
C VAL A 3 -4.98 -10.35 -5.12
N ASN A 4 -5.81 -10.23 -4.10
CA ASN A 4 -7.15 -9.72 -4.30
C ASN A 4 -7.43 -8.62 -3.26
N ILE A 5 -7.89 -7.47 -3.74
CA ILE A 5 -8.14 -6.35 -2.86
C ILE A 5 -9.49 -5.72 -3.17
N ALA A 6 -10.26 -5.48 -2.12
CA ALA A 6 -11.59 -4.88 -2.24
C ALA A 6 -11.48 -3.41 -2.63
N PRO A 7 -12.52 -2.86 -3.29
CA PRO A 7 -12.55 -1.48 -3.74
C PRO A 7 -12.79 -0.46 -2.61
N GLY A 8 -12.28 -0.75 -1.43
CA GLY A 8 -12.50 0.12 -0.30
C GLY A 8 -11.48 -0.06 0.81
N SER A 9 -11.07 1.06 1.39
CA SER A 9 -10.17 1.09 2.55
C SER A 9 -8.79 0.50 2.22
N LEU A 10 -7.87 1.37 1.82
CA LEU A 10 -6.51 0.96 1.47
C LEU A 10 -5.79 0.39 2.69
N ASP A 11 -6.06 0.99 3.84
CA ASP A 11 -5.51 0.52 5.11
C ASP A 11 -5.83 -0.96 5.35
N LYS A 12 -7.07 -1.35 5.07
CA LYS A 12 -7.48 -2.74 5.22
C LYS A 12 -6.84 -3.60 4.15
N ALA A 13 -6.57 -2.97 3.01
CA ALA A 13 -5.96 -3.66 1.88
C ALA A 13 -4.52 -4.06 2.20
N LEU A 14 -3.73 -3.08 2.66
CA LEU A 14 -2.34 -3.31 3.05
C LEU A 14 -2.24 -4.37 4.14
N ASN A 15 -3.16 -4.33 5.10
CA ASN A 15 -3.19 -5.29 6.20
C ASN A 15 -3.34 -6.70 5.65
N GLN A 16 -4.14 -6.83 4.61
CA GLN A 16 -4.34 -8.11 3.94
C GLN A 16 -3.04 -8.62 3.33
N TYR A 17 -2.29 -7.73 2.69
CA TYR A 17 -1.05 -8.11 2.02
C TYR A 17 -0.01 -8.53 3.06
N ALA A 18 0.10 -7.72 4.11
CA ALA A 18 1.05 -7.97 5.20
C ALA A 18 0.87 -9.36 5.80
N ALA A 19 -0.36 -9.69 6.18
CA ALA A 19 -0.66 -10.97 6.80
C ALA A 19 -0.39 -12.11 5.83
N HIS A 20 -0.56 -11.84 4.54
CA HIS A 20 -0.36 -12.85 3.51
C HIS A 20 1.10 -13.29 3.42
N SER A 21 2.01 -12.34 3.24
CA SER A 21 3.41 -12.69 3.01
C SER A 21 4.20 -12.76 4.32
N GLY A 22 3.51 -12.53 5.44
CA GLY A 22 4.12 -12.67 6.74
C GLY A 22 5.25 -11.68 7.00
N PHE A 23 5.11 -10.47 6.51
CA PHE A 23 6.11 -9.45 6.76
C PHE A 23 5.56 -8.39 7.70
N THR A 24 6.43 -7.62 8.32
CA THR A 24 6.00 -6.58 9.23
C THR A 24 5.80 -5.27 8.47
N LEU A 25 4.55 -4.90 8.29
CA LEU A 25 4.20 -3.69 7.58
C LEU A 25 4.08 -2.54 8.57
N SER A 26 4.82 -1.47 8.32
CA SER A 26 4.80 -0.34 9.22
C SER A 26 4.14 0.86 8.54
N VAL A 27 2.86 1.06 8.82
CA VAL A 27 2.14 2.19 8.28
C VAL A 27 2.23 3.35 9.26
N ASP A 28 2.59 4.52 8.74
CA ASP A 28 2.76 5.70 9.59
C ASP A 28 1.41 6.18 10.10
N ALA A 29 1.17 5.94 11.38
CA ALA A 29 -0.09 6.25 12.04
C ALA A 29 -1.27 5.60 11.32
N SER A 30 -1.84 6.34 10.38
CA SER A 30 -2.93 5.83 9.56
C SER A 30 -3.21 6.83 8.44
N LEU A 31 -2.17 7.12 7.67
CA LEU A 31 -2.28 8.08 6.56
C LEU A 31 -3.18 7.54 5.45
N THR A 32 -3.41 6.24 5.48
CA THR A 32 -4.24 5.59 4.48
C THR A 32 -5.69 5.50 4.94
N ARG A 33 -5.96 5.98 6.15
CA ARG A 33 -7.30 5.96 6.71
C ARG A 33 -8.21 6.91 5.96
N GLY A 34 -9.30 6.38 5.43
CA GLY A 34 -10.22 7.20 4.67
C GLY A 34 -10.01 7.06 3.18
N LYS A 35 -8.85 6.52 2.80
CA LYS A 35 -8.54 6.27 1.42
C LYS A 35 -9.02 4.89 1.01
N GLN A 36 -9.70 4.81 -0.13
CA GLN A 36 -10.08 3.54 -0.70
C GLN A 36 -9.15 3.20 -1.84
N SER A 37 -9.22 1.97 -2.31
CA SER A 37 -8.49 1.57 -3.50
C SER A 37 -9.41 0.69 -4.31
N ASN A 38 -9.64 1.06 -5.57
CA ASN A 38 -10.62 0.37 -6.42
C ASN A 38 -10.37 -1.13 -6.52
N GLY A 39 -9.18 -1.56 -6.16
CA GLY A 39 -8.92 -2.98 -6.04
C GLY A 39 -7.67 -3.39 -6.75
N LEU A 40 -7.37 -4.68 -6.70
CA LEU A 40 -6.18 -5.25 -7.29
C LEU A 40 -6.42 -6.74 -7.48
N HIS A 41 -6.31 -7.24 -8.69
CA HIS A 41 -6.57 -8.66 -8.94
C HIS A 41 -5.61 -9.22 -9.98
N GLY A 42 -4.57 -9.86 -9.49
CA GLY A 42 -3.64 -10.56 -10.37
C GLY A 42 -2.64 -11.37 -9.59
N ASP A 43 -1.77 -12.08 -10.29
CA ASP A 43 -0.60 -12.68 -9.67
C ASP A 43 0.46 -11.59 -9.52
N TYR A 44 0.28 -10.73 -8.54
CA TYR A 44 1.06 -9.51 -8.45
C TYR A 44 2.30 -9.64 -7.60
N ASP A 45 3.38 -9.04 -8.10
CA ASP A 45 4.62 -8.92 -7.36
C ASP A 45 4.48 -7.86 -6.28
N VAL A 46 5.33 -7.96 -5.26
CA VAL A 46 5.30 -7.06 -4.12
C VAL A 46 5.22 -5.60 -4.53
N GLU A 47 6.29 -5.10 -5.12
CA GLU A 47 6.40 -3.70 -5.50
C GLU A 47 5.34 -3.30 -6.54
N SER A 48 4.95 -4.24 -7.38
CA SER A 48 4.00 -3.95 -8.45
C SER A 48 2.60 -3.69 -7.85
N GLY A 49 2.29 -4.41 -6.79
CA GLY A 49 0.99 -4.30 -6.17
C GLY A 49 0.86 -3.00 -5.41
N LEU A 50 1.99 -2.55 -4.87
CA LEU A 50 2.03 -1.31 -4.12
C LEU A 50 1.84 -0.11 -5.05
N GLN A 51 2.48 -0.16 -6.21
CA GLN A 51 2.37 0.90 -7.21
C GLN A 51 0.91 1.22 -7.52
N GLN A 52 0.10 0.18 -7.73
CA GLN A 52 -1.31 0.38 -8.03
C GLN A 52 -2.04 1.03 -6.86
N LEU A 53 -1.79 0.53 -5.66
CA LEU A 53 -2.40 1.07 -4.44
C LEU A 53 -2.04 2.54 -4.23
N LEU A 54 -0.84 2.92 -4.66
CA LEU A 54 -0.34 4.28 -4.49
C LEU A 54 -1.11 5.25 -5.37
N ASP A 55 -1.50 4.78 -6.56
CA ASP A 55 -2.17 5.63 -7.54
C ASP A 55 -3.42 6.25 -6.94
N GLY A 56 -3.37 7.55 -6.72
CA GLY A 56 -4.50 8.25 -6.14
C GLY A 56 -4.14 8.92 -4.83
N SER A 57 -2.91 8.75 -4.39
CA SER A 57 -2.46 9.41 -3.18
C SER A 57 -1.24 10.29 -3.46
N GLY A 58 -0.88 11.11 -2.49
CA GLY A 58 0.32 11.91 -2.59
C GLY A 58 1.37 11.40 -1.65
N LEU A 59 1.39 10.10 -1.50
CA LEU A 59 2.33 9.43 -0.60
C LEU A 59 3.36 8.69 -1.43
N GLN A 60 4.28 8.03 -0.76
CA GLN A 60 5.24 7.17 -1.41
C GLN A 60 5.47 5.94 -0.55
N VAL A 61 5.18 4.77 -1.08
CA VAL A 61 5.39 3.54 -0.34
C VAL A 61 6.82 3.09 -0.51
N LYS A 62 7.54 3.02 0.59
CA LYS A 62 8.95 2.74 0.55
C LYS A 62 9.27 1.52 1.41
N PRO A 63 9.92 0.51 0.83
CA PRO A 63 10.42 -0.62 1.60
C PRO A 63 11.43 -0.14 2.64
N LEU A 64 11.10 -0.37 3.91
CA LEU A 64 11.84 0.19 5.03
C LEU A 64 13.31 -0.22 4.98
N GLY A 65 13.58 -1.45 4.58
CA GLY A 65 14.97 -1.87 4.44
C GLY A 65 15.12 -3.38 4.43
N ASN A 66 14.53 -4.04 5.41
CA ASN A 66 14.68 -5.48 5.55
C ASN A 66 13.34 -6.19 5.38
N ASN A 67 12.85 -6.22 4.14
CA ASN A 67 11.58 -6.86 3.78
C ASN A 67 10.43 -6.30 4.63
N SER A 68 10.44 -4.99 4.78
CA SER A 68 9.41 -4.28 5.51
C SER A 68 9.11 -3.01 4.74
N TRP A 69 8.09 -2.27 5.14
CA TRP A 69 7.63 -1.14 4.36
C TRP A 69 7.23 -0.01 5.29
N THR A 70 7.17 1.20 4.76
CA THR A 70 6.60 2.32 5.47
C THR A 70 5.96 3.29 4.48
N LEU A 71 4.86 3.93 4.88
CA LEU A 71 4.24 4.93 4.04
C LEU A 71 4.78 6.30 4.39
N GLU A 72 5.72 6.77 3.58
CA GLU A 72 6.29 8.08 3.77
C GLU A 72 5.60 9.09 2.86
N PRO A 73 5.11 10.21 3.41
CA PRO A 73 4.49 11.26 2.63
C PRO A 73 5.54 12.04 1.83
N ALA A 74 5.47 11.92 0.51
CA ALA A 74 6.42 12.55 -0.37
C ALA A 74 5.89 12.53 -1.80
N PRO A 75 5.00 13.47 -2.14
CA PRO A 75 4.38 13.53 -3.45
C PRO A 75 5.24 14.26 -4.48
N ALA A 76 6.56 14.07 -4.38
CA ALA A 76 7.52 14.79 -5.21
C ALA A 76 7.37 16.30 -5.02
N PRO A 77 7.55 16.78 -3.78
CA PRO A 77 7.30 18.18 -3.44
C PRO A 77 8.50 19.07 -3.72
N LYS A 78 9.49 18.51 -4.42
CA LYS A 78 10.68 19.25 -4.79
C LYS A 78 10.36 20.30 -5.84
N GLU A 79 9.51 19.92 -6.79
CA GLU A 79 9.15 20.79 -7.89
C GLU A 79 7.64 20.89 -8.00
N ASP A 80 7.19 21.74 -8.90
CA ASP A 80 5.76 21.89 -9.17
C ASP A 80 5.56 22.27 -10.62
N ALA A 1 1.02 -15.38 -6.74
CA ALA A 1 1.15 -14.00 -6.22
C ALA A 1 -0.18 -13.27 -6.28
N GLN A 2 -1.28 -14.02 -6.22
CA GLN A 2 -2.60 -13.43 -6.36
C GLN A 2 -2.95 -12.58 -5.14
N VAL A 3 -3.76 -11.57 -5.36
CA VAL A 3 -4.10 -10.62 -4.30
C VAL A 3 -5.58 -10.21 -4.44
N ASN A 4 -6.24 -9.94 -3.32
CA ASN A 4 -7.66 -9.60 -3.33
C ASN A 4 -7.89 -8.31 -2.55
N ILE A 5 -8.02 -7.20 -3.27
CA ILE A 5 -8.19 -5.90 -2.65
C ILE A 5 -9.62 -5.39 -2.84
N ALA A 6 -10.26 -5.01 -1.74
CA ALA A 6 -11.62 -4.48 -1.78
C ALA A 6 -11.64 -3.12 -2.48
N PRO A 7 -12.67 -2.87 -3.31
CA PRO A 7 -12.78 -1.63 -4.11
C PRO A 7 -13.14 -0.37 -3.31
N GLY A 8 -12.61 -0.25 -2.10
CA GLY A 8 -12.84 0.95 -1.32
C GLY A 8 -12.09 1.02 -0.02
N SER A 9 -10.81 0.70 -0.03
CA SER A 9 -9.98 0.87 1.15
C SER A 9 -8.53 0.47 0.88
N LEU A 10 -7.66 1.47 0.67
CA LEU A 10 -6.22 1.21 0.63
C LEU A 10 -5.75 0.72 2.00
N ASP A 11 -6.36 1.30 3.03
CA ASP A 11 -6.08 0.93 4.41
C ASP A 11 -6.15 -0.58 4.61
N LYS A 12 -7.32 -1.16 4.33
CA LYS A 12 -7.48 -2.61 4.47
C LYS A 12 -6.66 -3.36 3.43
N ALA A 13 -6.33 -2.69 2.33
CA ALA A 13 -5.56 -3.30 1.26
C ALA A 13 -4.16 -3.67 1.76
N LEU A 14 -3.47 -2.67 2.31
CA LEU A 14 -2.16 -2.89 2.91
C LEU A 14 -2.23 -3.91 4.02
N ASN A 15 -3.31 -3.84 4.80
CA ASN A 15 -3.52 -4.76 5.92
C ASN A 15 -3.61 -6.19 5.42
N GLN A 16 -4.38 -6.39 4.34
CA GLN A 16 -4.53 -7.70 3.72
C GLN A 16 -3.17 -8.20 3.19
N TYR A 17 -2.43 -7.34 2.51
CA TYR A 17 -1.15 -7.73 1.92
C TYR A 17 -0.17 -8.10 3.02
N ALA A 18 -0.15 -7.27 4.08
CA ALA A 18 0.71 -7.50 5.23
C ALA A 18 0.49 -8.87 5.83
N ALA A 19 -0.78 -9.22 6.06
CA ALA A 19 -1.12 -10.50 6.66
C ALA A 19 -0.78 -11.66 5.73
N HIS A 20 -0.80 -11.39 4.42
CA HIS A 20 -0.57 -12.40 3.40
C HIS A 20 0.79 -13.07 3.56
N SER A 21 1.86 -12.28 3.68
CA SER A 21 3.19 -12.84 3.80
C SER A 21 3.76 -12.64 5.21
N GLY A 22 2.96 -12.04 6.08
CA GLY A 22 3.33 -11.86 7.47
C GLY A 22 4.57 -11.01 7.70
N PHE A 23 4.63 -9.86 7.04
CA PHE A 23 5.76 -8.94 7.23
C PHE A 23 5.33 -7.74 8.08
N THR A 24 6.31 -6.98 8.55
CA THR A 24 6.05 -5.87 9.45
C THR A 24 5.84 -4.56 8.70
N LEU A 25 4.65 -3.98 8.88
CA LEU A 25 4.32 -2.69 8.31
C LEU A 25 4.62 -1.55 9.28
N SER A 26 5.46 -0.62 8.86
CA SER A 26 5.75 0.55 9.66
C SER A 26 4.90 1.72 9.18
N VAL A 27 3.76 1.91 9.84
CA VAL A 27 2.80 2.91 9.43
C VAL A 27 2.22 3.64 10.63
N ASP A 28 2.03 4.94 10.49
CA ASP A 28 1.38 5.75 11.52
C ASP A 28 -0.10 5.37 11.62
N ALA A 29 -0.63 5.50 12.83
CA ALA A 29 -1.97 5.01 13.17
C ALA A 29 -3.09 5.48 12.25
N SER A 30 -2.88 6.52 11.44
CA SER A 30 -3.98 7.02 10.62
C SER A 30 -3.53 7.96 9.49
N LEU A 31 -2.85 7.42 8.48
CA LEU A 31 -2.70 8.14 7.22
C LEU A 31 -3.74 7.67 6.24
N THR A 32 -4.08 6.39 6.34
CA THR A 32 -5.03 5.76 5.45
C THR A 32 -6.43 5.73 6.06
N ARG A 33 -6.67 6.61 7.03
CA ARG A 33 -7.94 6.64 7.74
C ARG A 33 -9.06 7.04 6.80
N GLY A 34 -9.87 6.06 6.42
CA GLY A 34 -10.97 6.31 5.50
C GLY A 34 -10.51 6.45 4.06
N LYS A 35 -9.35 5.89 3.76
CA LYS A 35 -8.83 5.94 2.40
C LYS A 35 -9.58 4.94 1.53
N GLN A 36 -9.59 5.16 0.22
CA GLN A 36 -10.31 4.28 -0.68
C GLN A 36 -9.52 4.04 -1.95
N SER A 37 -9.58 2.81 -2.43
CA SER A 37 -8.96 2.43 -3.69
C SER A 37 -9.90 1.48 -4.38
N ASN A 38 -10.15 1.71 -5.68
CA ASN A 38 -11.12 0.89 -6.43
C ASN A 38 -10.74 -0.59 -6.47
N GLY A 39 -9.56 -0.93 -5.98
CA GLY A 39 -9.23 -2.31 -5.73
C GLY A 39 -8.12 -2.80 -6.61
N LEU A 40 -7.75 -4.06 -6.43
CA LEU A 40 -6.63 -4.64 -7.15
C LEU A 40 -6.78 -6.16 -7.09
N HIS A 41 -6.82 -6.82 -8.24
CA HIS A 41 -7.01 -8.27 -8.24
C HIS A 41 -6.22 -8.92 -9.36
N GLY A 42 -5.04 -9.41 -9.01
CA GLY A 42 -4.20 -10.11 -9.96
C GLY A 42 -3.05 -10.79 -9.27
N ASP A 43 -2.14 -11.35 -10.03
CA ASP A 43 -0.90 -11.88 -9.49
C ASP A 43 0.15 -10.79 -9.44
N TYR A 44 0.10 -9.97 -8.40
CA TYR A 44 0.98 -8.82 -8.28
C TYR A 44 2.18 -9.13 -7.40
N ASP A 45 3.35 -8.71 -7.85
CA ASP A 45 4.57 -8.86 -7.10
C ASP A 45 4.72 -7.67 -6.16
N VAL A 46 5.72 -7.69 -5.28
CA VAL A 46 5.87 -6.69 -4.23
C VAL A 46 5.85 -5.27 -4.80
N GLU A 47 6.75 -4.98 -5.72
CA GLU A 47 6.91 -3.63 -6.27
C GLU A 47 5.65 -3.18 -7.01
N SER A 48 5.16 -4.03 -7.90
CA SER A 48 4.07 -3.67 -8.78
C SER A 48 2.75 -3.60 -8.04
N GLY A 49 2.67 -4.32 -6.92
CA GLY A 49 1.45 -4.35 -6.14
C GLY A 49 1.26 -3.08 -5.36
N LEU A 50 2.36 -2.57 -4.80
CA LEU A 50 2.31 -1.35 -3.99
C LEU A 50 1.99 -0.15 -4.86
N GLN A 51 2.66 -0.06 -6.01
CA GLN A 51 2.46 1.05 -6.93
C GLN A 51 0.99 1.16 -7.36
N GLN A 52 0.38 0.03 -7.65
CA GLN A 52 -1.02 0.01 -8.08
C GLN A 52 -1.95 0.45 -6.94
N LEU A 53 -1.68 -0.03 -5.74
CA LEU A 53 -2.46 0.32 -4.55
C LEU A 53 -2.47 1.83 -4.31
N LEU A 54 -1.49 2.53 -4.85
CA LEU A 54 -1.37 3.97 -4.68
C LEU A 54 -2.47 4.72 -5.44
N ASP A 55 -3.21 4.01 -6.28
CA ASP A 55 -4.29 4.63 -7.04
C ASP A 55 -5.41 5.06 -6.10
N GLY A 56 -5.53 6.36 -5.91
CA GLY A 56 -6.52 6.88 -4.99
C GLY A 56 -5.89 7.62 -3.84
N SER A 57 -4.57 7.71 -3.84
CA SER A 57 -3.85 8.41 -2.78
C SER A 57 -2.74 9.28 -3.35
N GLY A 58 -2.20 10.13 -2.50
CA GLY A 58 -1.04 10.91 -2.85
C GLY A 58 0.12 10.55 -1.96
N LEU A 59 -0.01 9.43 -1.27
CA LEU A 59 1.03 8.95 -0.38
C LEU A 59 1.95 8.00 -1.13
N GLN A 60 2.97 7.49 -0.47
CA GLN A 60 3.91 6.58 -1.10
C GLN A 60 4.28 5.46 -0.13
N VAL A 61 3.95 4.23 -0.50
CA VAL A 61 4.33 3.08 0.29
C VAL A 61 5.57 2.44 -0.30
N LYS A 62 6.57 2.20 0.53
CA LYS A 62 7.83 1.65 0.08
C LYS A 62 8.42 0.72 1.13
N PRO A 63 9.08 -0.36 0.69
CA PRO A 63 9.77 -1.29 1.58
C PRO A 63 10.97 -0.65 2.26
N LEU A 64 11.15 -0.98 3.53
CA LEU A 64 12.25 -0.42 4.32
C LEU A 64 13.59 -0.90 3.79
N GLY A 65 13.69 -2.19 3.49
CA GLY A 65 14.91 -2.72 2.94
C GLY A 65 14.84 -4.21 2.70
N ASN A 66 14.61 -4.98 3.76
CA ASN A 66 14.58 -6.43 3.65
C ASN A 66 13.15 -6.93 3.41
N ASN A 67 12.36 -7.01 4.47
CA ASN A 67 11.03 -7.59 4.36
C ASN A 67 10.03 -6.82 5.23
N SER A 68 10.12 -5.50 5.20
CA SER A 68 9.17 -4.66 5.91
C SER A 68 8.92 -3.42 5.07
N TRP A 69 7.97 -2.58 5.48
CA TRP A 69 7.56 -1.46 4.66
C TRP A 69 7.41 -0.23 5.53
N THR A 70 7.28 0.93 4.91
CA THR A 70 7.00 2.16 5.62
C THR A 70 6.05 3.02 4.79
N LEU A 71 5.13 3.71 5.47
CA LEU A 71 4.22 4.61 4.77
C LEU A 71 4.82 6.01 4.80
N GLU A 72 5.41 6.38 3.69
CA GLU A 72 5.99 7.70 3.53
C GLU A 72 4.97 8.71 3.03
N PRO A 73 4.71 9.76 3.81
CA PRO A 73 3.86 10.84 3.39
C PRO A 73 4.65 11.91 2.65
N ALA A 74 4.36 12.04 1.36
CA ALA A 74 5.05 13.01 0.52
C ALA A 74 4.33 13.12 -0.82
N PRO A 75 3.16 13.78 -0.83
CA PRO A 75 2.34 13.91 -2.02
C PRO A 75 2.93 14.95 -2.98
N ALA A 76 2.73 16.19 -2.63
CA ALA A 76 3.38 17.31 -3.30
C ALA A 76 3.75 18.34 -2.24
N PRO A 77 4.60 17.94 -1.28
CA PRO A 77 4.81 18.67 -0.05
C PRO A 77 5.92 19.72 -0.14
N LYS A 78 6.47 19.86 -1.34
CA LYS A 78 7.40 20.94 -1.63
C LYS A 78 7.13 21.45 -3.03
N GLU A 79 6.19 22.37 -3.10
CA GLU A 79 5.71 22.92 -4.35
C GLU A 79 6.76 23.79 -5.02
N ASP A 80 6.78 23.73 -6.36
CA ASP A 80 7.76 24.44 -7.19
C ASP A 80 9.13 23.81 -7.06
N ALA A 1 1.14 -16.03 -6.80
CA ALA A 1 1.43 -14.84 -5.96
C ALA A 1 0.29 -13.84 -6.08
N GLN A 2 -0.92 -14.30 -5.81
CA GLN A 2 -2.11 -13.49 -5.98
C GLN A 2 -2.59 -12.89 -4.67
N VAL A 3 -3.44 -11.89 -4.82
CA VAL A 3 -4.08 -11.20 -3.71
C VAL A 3 -5.47 -10.80 -4.19
N ASN A 4 -6.42 -10.67 -3.30
CA ASN A 4 -7.77 -10.35 -3.69
C ASN A 4 -8.23 -9.10 -2.95
N ILE A 5 -8.20 -7.98 -3.65
CA ILE A 5 -8.58 -6.71 -3.08
C ILE A 5 -9.80 -6.17 -3.81
N ALA A 6 -10.63 -5.45 -3.09
CA ALA A 6 -11.91 -5.00 -3.60
C ALA A 6 -12.42 -3.87 -2.71
N PRO A 7 -13.46 -3.12 -3.14
CA PRO A 7 -13.99 -1.95 -2.43
C PRO A 7 -13.87 -2.05 -0.91
N GLY A 8 -13.35 -1.00 -0.30
CA GLY A 8 -13.08 -1.01 1.11
C GLY A 8 -12.00 0.01 1.43
N SER A 9 -11.76 0.23 2.72
CA SER A 9 -10.72 1.18 3.13
C SER A 9 -9.36 0.61 2.75
N LEU A 10 -8.49 1.47 2.24
CA LEU A 10 -7.15 1.08 1.79
C LEU A 10 -6.37 0.47 2.95
N ASP A 11 -6.73 0.89 4.15
CA ASP A 11 -6.21 0.30 5.39
C ASP A 11 -6.33 -1.22 5.32
N LYS A 12 -7.52 -1.68 4.97
CA LYS A 12 -7.81 -3.10 4.90
C LYS A 12 -7.05 -3.75 3.74
N ALA A 13 -6.83 -2.99 2.67
CA ALA A 13 -6.11 -3.51 1.52
C ALA A 13 -4.67 -3.82 1.90
N LEU A 14 -3.99 -2.83 2.48
CA LEU A 14 -2.65 -3.03 3.03
C LEU A 14 -2.65 -4.15 4.05
N ASN A 15 -3.69 -4.20 4.87
CA ASN A 15 -3.83 -5.22 5.90
C ASN A 15 -3.91 -6.61 5.27
N GLN A 16 -4.66 -6.71 4.17
CA GLN A 16 -4.82 -7.96 3.45
C GLN A 16 -3.47 -8.50 2.97
N TYR A 17 -2.65 -7.63 2.37
CA TYR A 17 -1.34 -8.06 1.88
C TYR A 17 -0.46 -8.40 3.08
N ALA A 18 -0.52 -7.54 4.10
CA ALA A 18 0.25 -7.73 5.32
C ALA A 18 -0.01 -9.08 5.95
N ALA A 19 -1.27 -9.40 6.18
CA ALA A 19 -1.64 -10.67 6.81
C ALA A 19 -1.29 -11.85 5.92
N HIS A 20 -1.27 -11.61 4.61
CA HIS A 20 -0.97 -12.66 3.65
C HIS A 20 0.43 -13.23 3.85
N SER A 21 1.44 -12.37 3.95
CA SER A 21 2.80 -12.85 4.08
C SER A 21 3.37 -12.61 5.49
N GLY A 22 2.51 -12.07 6.36
CA GLY A 22 2.83 -11.88 7.77
C GLY A 22 4.03 -10.99 8.02
N PHE A 23 4.09 -9.84 7.36
CA PHE A 23 5.20 -8.91 7.53
C PHE A 23 4.80 -7.68 8.36
N THR A 24 5.81 -6.93 8.78
CA THR A 24 5.60 -5.78 9.64
C THR A 24 5.50 -4.48 8.83
N LEU A 25 4.31 -3.90 8.85
CA LEU A 25 4.05 -2.62 8.20
C LEU A 25 4.34 -1.45 9.13
N SER A 26 5.22 -0.56 8.68
CA SER A 26 5.53 0.63 9.44
C SER A 26 4.80 1.82 8.81
N VAL A 27 3.59 2.09 9.29
CA VAL A 27 2.78 3.18 8.77
C VAL A 27 1.93 3.80 9.87
N ASP A 28 1.88 5.12 9.89
CA ASP A 28 1.09 5.87 10.86
C ASP A 28 -0.40 5.68 10.58
N ALA A 29 -1.10 5.11 11.54
CA ALA A 29 -2.56 4.91 11.47
C ALA A 29 -3.33 6.22 11.39
N SER A 30 -3.11 6.94 10.30
CA SER A 30 -3.75 8.23 10.07
C SER A 30 -3.44 8.70 8.64
N LEU A 31 -2.28 8.27 8.13
CA LEU A 31 -1.87 8.61 6.78
C LEU A 31 -2.86 8.08 5.75
N THR A 32 -3.19 6.81 5.85
CA THR A 32 -4.10 6.18 4.90
C THR A 32 -5.51 6.02 5.50
N ARG A 33 -5.74 6.66 6.64
CA ARG A 33 -7.02 6.53 7.32
C ARG A 33 -8.10 7.28 6.56
N GLY A 34 -9.21 6.61 6.29
CA GLY A 34 -10.30 7.23 5.56
C GLY A 34 -10.13 7.08 4.06
N LYS A 35 -9.04 6.46 3.66
CA LYS A 35 -8.74 6.23 2.26
C LYS A 35 -9.34 4.90 1.82
N GLN A 36 -9.91 4.85 0.64
CA GLN A 36 -10.54 3.63 0.15
C GLN A 36 -10.03 3.28 -1.24
N SER A 37 -10.00 2.00 -1.59
CA SER A 37 -9.55 1.58 -2.90
C SER A 37 -10.64 0.70 -3.53
N ASN A 38 -10.99 1.00 -4.77
CA ASN A 38 -12.07 0.27 -5.44
C ASN A 38 -11.68 -1.14 -5.85
N GLY A 39 -10.42 -1.50 -5.68
CA GLY A 39 -10.04 -2.90 -5.81
C GLY A 39 -8.73 -3.11 -6.54
N LEU A 40 -8.19 -4.33 -6.42
CA LEU A 40 -6.92 -4.70 -7.04
C LEU A 40 -6.83 -6.23 -7.11
N HIS A 41 -6.60 -6.80 -8.28
CA HIS A 41 -6.52 -8.26 -8.42
C HIS A 41 -5.50 -8.69 -9.49
N GLY A 42 -4.38 -9.27 -9.05
CA GLY A 42 -3.45 -9.88 -9.98
C GLY A 42 -2.39 -10.71 -9.29
N ASP A 43 -1.48 -11.28 -10.08
CA ASP A 43 -0.25 -11.87 -9.56
C ASP A 43 0.79 -10.77 -9.46
N TYR A 44 1.13 -10.39 -8.24
CA TYR A 44 1.90 -9.17 -8.02
C TYR A 44 3.37 -9.44 -7.76
N ASP A 45 4.18 -8.50 -8.20
CA ASP A 45 5.50 -8.33 -7.63
C ASP A 45 5.33 -7.27 -6.54
N VAL A 46 6.07 -7.41 -5.45
CA VAL A 46 5.84 -6.60 -4.24
C VAL A 46 5.64 -5.12 -4.55
N GLU A 47 6.67 -4.48 -5.10
CA GLU A 47 6.65 -3.04 -5.37
C GLU A 47 5.56 -2.67 -6.39
N SER A 48 5.29 -3.58 -7.31
CA SER A 48 4.35 -3.33 -8.39
C SER A 48 2.91 -3.29 -7.86
N GLY A 49 2.64 -4.12 -6.87
CA GLY A 49 1.29 -4.21 -6.34
C GLY A 49 1.00 -3.06 -5.42
N LEU A 50 2.04 -2.52 -4.81
CA LEU A 50 1.93 -1.41 -3.90
C LEU A 50 1.67 -0.13 -4.67
N GLN A 51 2.30 0.00 -5.84
CA GLN A 51 2.08 1.14 -6.71
C GLN A 51 0.61 1.25 -7.09
N GLN A 52 -0.03 0.10 -7.34
CA GLN A 52 -1.45 0.08 -7.67
C GLN A 52 -2.31 0.57 -6.50
N LEU A 53 -1.91 0.19 -5.29
CA LEU A 53 -2.60 0.64 -4.09
C LEU A 53 -2.57 2.17 -3.96
N LEU A 54 -1.49 2.78 -4.42
CA LEU A 54 -1.28 4.22 -4.31
C LEU A 54 -1.95 4.97 -5.45
N ASP A 55 -2.62 4.23 -6.32
CA ASP A 55 -3.25 4.81 -7.50
C ASP A 55 -4.34 5.82 -7.13
N GLY A 56 -4.10 7.08 -7.48
CA GLY A 56 -5.05 8.13 -7.18
C GLY A 56 -4.59 9.03 -6.05
N SER A 57 -3.36 8.84 -5.61
CA SER A 57 -2.81 9.63 -4.51
C SER A 57 -1.33 9.93 -4.74
N GLY A 58 -0.68 10.54 -3.76
CA GLY A 58 0.70 10.94 -3.94
C GLY A 58 1.58 10.53 -2.79
N LEU A 59 1.44 9.30 -2.33
CA LEU A 59 2.35 8.72 -1.35
C LEU A 59 3.35 7.82 -2.04
N GLN A 60 4.30 7.27 -1.28
CA GLN A 60 5.30 6.37 -1.83
C GLN A 60 5.70 5.38 -0.74
N VAL A 61 5.45 4.11 -1.01
CA VAL A 61 5.82 3.07 -0.07
C VAL A 61 7.26 2.65 -0.33
N LYS A 62 8.05 2.53 0.73
CA LYS A 62 9.44 2.17 0.59
C LYS A 62 9.74 0.94 1.44
N PRO A 63 10.00 -0.20 0.79
CA PRO A 63 10.26 -1.47 1.46
C PRO A 63 11.66 -1.56 2.05
N LEU A 64 11.76 -2.22 3.19
CA LEU A 64 13.05 -2.47 3.84
C LEU A 64 13.60 -3.81 3.35
N GLY A 65 13.14 -4.21 2.18
CA GLY A 65 13.62 -5.40 1.52
C GLY A 65 12.94 -6.67 1.99
N ASN A 66 13.19 -7.03 3.24
CA ASN A 66 12.66 -8.29 3.77
C ASN A 66 11.25 -8.11 4.30
N ASN A 67 10.30 -8.02 3.38
CA ASN A 67 8.86 -8.06 3.69
C ASN A 67 8.36 -6.78 4.37
N SER A 68 9.23 -6.09 5.07
CA SER A 68 8.84 -4.92 5.83
C SER A 68 8.83 -3.69 4.96
N TRP A 69 7.92 -2.76 5.22
CA TRP A 69 7.76 -1.57 4.38
C TRP A 69 7.49 -0.37 5.28
N THR A 70 7.56 0.82 4.71
CA THR A 70 7.11 2.01 5.39
C THR A 70 6.46 2.95 4.38
N LEU A 71 5.33 3.54 4.76
CA LEU A 71 4.60 4.41 3.84
C LEU A 71 4.98 5.86 4.08
N GLU A 72 5.81 6.38 3.19
CA GLU A 72 6.17 7.79 3.21
C GLU A 72 5.28 8.59 2.25
N PRO A 73 4.68 9.67 2.73
CA PRO A 73 3.90 10.57 1.87
C PRO A 73 4.83 11.42 1.00
N ALA A 74 4.75 11.21 -0.31
CA ALA A 74 5.63 11.88 -1.27
C ALA A 74 5.35 11.37 -2.68
N PRO A 75 5.02 12.28 -3.61
CA PRO A 75 4.79 11.93 -5.00
C PRO A 75 6.11 11.88 -5.79
N ALA A 76 7.16 11.40 -5.13
CA ALA A 76 8.50 11.39 -5.69
C ALA A 76 8.92 12.80 -6.10
N PRO A 77 8.86 13.77 -5.16
CA PRO A 77 9.02 15.18 -5.47
C PRO A 77 10.47 15.59 -5.69
N LYS A 78 11.38 14.69 -5.35
CA LYS A 78 12.79 14.91 -5.58
C LYS A 78 13.33 13.86 -6.54
N GLU A 79 12.50 12.90 -6.88
CA GLU A 79 12.90 11.82 -7.76
C GLU A 79 12.43 12.11 -9.18
N ASP A 80 11.23 12.70 -9.28
CA ASP A 80 10.61 13.05 -10.55
C ASP A 80 10.28 11.79 -11.35
N ALA A 1 2.23 -13.20 -7.42
CA ALA A 1 1.25 -13.81 -6.48
C ALA A 1 -0.07 -13.05 -6.56
N GLN A 2 -1.18 -13.80 -6.53
CA GLN A 2 -2.50 -13.21 -6.66
C GLN A 2 -2.77 -12.19 -5.56
N VAL A 3 -3.02 -10.98 -6.00
CA VAL A 3 -3.41 -9.90 -5.10
C VAL A 3 -4.90 -9.66 -5.25
N ASN A 4 -5.62 -9.65 -4.14
CA ASN A 4 -7.07 -9.52 -4.18
C ASN A 4 -7.51 -8.38 -3.28
N ILE A 5 -7.76 -7.25 -3.90
CA ILE A 5 -8.13 -6.04 -3.18
C ILE A 5 -9.46 -5.55 -3.71
N ALA A 6 -10.18 -4.78 -2.91
CA ALA A 6 -11.50 -4.30 -3.29
C ALA A 6 -11.86 -3.09 -2.42
N PRO A 7 -12.88 -2.30 -2.83
CA PRO A 7 -13.27 -1.06 -2.17
C PRO A 7 -13.08 -1.08 -0.65
N GLY A 8 -12.42 -0.06 -0.13
CA GLY A 8 -12.09 -0.03 1.26
C GLY A 8 -10.85 0.80 1.50
N SER A 9 -10.55 1.07 2.76
CA SER A 9 -9.39 1.86 3.12
C SER A 9 -8.10 1.18 2.67
N LEU A 10 -7.13 1.99 2.20
CA LEU A 10 -5.84 1.50 1.75
C LEU A 10 -5.13 0.77 2.89
N ASP A 11 -5.32 1.29 4.09
CA ASP A 11 -4.78 0.67 5.30
C ASP A 11 -5.28 -0.77 5.44
N LYS A 12 -6.48 -1.06 4.96
CA LYS A 12 -6.99 -2.42 4.94
C LYS A 12 -6.25 -3.24 3.90
N ALA A 13 -5.99 -2.61 2.75
CA ALA A 13 -5.40 -3.28 1.61
C ALA A 13 -3.98 -3.73 1.92
N LEU A 14 -3.15 -2.79 2.35
CA LEU A 14 -1.78 -3.08 2.73
C LEU A 14 -1.72 -4.10 3.86
N ASN A 15 -2.63 -3.95 4.83
CA ASN A 15 -2.69 -4.88 5.95
C ASN A 15 -3.04 -6.29 5.47
N GLN A 16 -3.94 -6.37 4.50
CA GLN A 16 -4.31 -7.64 3.89
C GLN A 16 -3.10 -8.26 3.19
N TYR A 17 -2.33 -7.44 2.47
CA TYR A 17 -1.14 -7.94 1.78
C TYR A 17 -0.11 -8.42 2.80
N ALA A 18 0.00 -7.66 3.89
CA ALA A 18 0.87 -8.03 5.01
C ALA A 18 0.52 -9.42 5.54
N ALA A 19 -0.77 -9.71 5.61
CA ALA A 19 -1.24 -11.00 6.08
C ALA A 19 -0.77 -12.14 5.17
N HIS A 20 -0.60 -11.82 3.89
CA HIS A 20 -0.20 -12.81 2.89
C HIS A 20 1.17 -13.42 3.21
N SER A 21 2.21 -12.60 3.32
CA SER A 21 3.55 -13.12 3.51
C SER A 21 3.98 -13.08 4.99
N GLY A 22 3.17 -12.39 5.80
CA GLY A 22 3.45 -12.29 7.21
C GLY A 22 4.68 -11.45 7.53
N PHE A 23 4.70 -10.23 7.00
CA PHE A 23 5.82 -9.33 7.24
C PHE A 23 5.40 -8.18 8.15
N THR A 24 6.38 -7.44 8.65
CA THR A 24 6.13 -6.31 9.52
C THR A 24 6.03 -5.02 8.72
N LEU A 25 4.82 -4.48 8.63
CA LEU A 25 4.57 -3.26 7.90
C LEU A 25 4.68 -2.07 8.85
N SER A 26 5.48 -1.09 8.49
CA SER A 26 5.67 0.07 9.33
C SER A 26 4.79 1.23 8.85
N VAL A 27 3.66 1.42 9.52
CA VAL A 27 2.73 2.46 9.15
C VAL A 27 2.36 3.30 10.37
N ASP A 28 2.44 4.62 10.20
CA ASP A 28 2.09 5.55 11.26
C ASP A 28 0.58 5.64 11.42
N ALA A 29 0.12 5.38 12.64
CA ALA A 29 -1.30 5.42 13.00
C ALA A 29 -1.91 6.83 12.91
N SER A 30 -1.69 7.51 11.79
CA SER A 30 -2.21 8.85 11.58
C SER A 30 -2.21 9.20 10.10
N LEU A 31 -1.30 8.59 9.35
CA LEU A 31 -1.24 8.77 7.90
C LEU A 31 -2.40 8.04 7.24
N THR A 32 -2.64 6.82 7.68
CA THR A 32 -3.65 5.97 7.07
C THR A 32 -4.98 6.03 7.81
N ARG A 33 -5.51 7.23 8.02
CA ARG A 33 -6.81 7.38 8.64
C ARG A 33 -7.87 7.63 7.60
N GLY A 34 -8.70 6.62 7.35
CA GLY A 34 -9.83 6.77 6.47
C GLY A 34 -9.45 6.92 5.01
N LYS A 35 -8.55 6.08 4.53
CA LYS A 35 -8.19 6.08 3.12
C LYS A 35 -9.17 5.23 2.32
N GLN A 36 -9.03 5.25 1.00
CA GLN A 36 -9.82 4.37 0.15
C GLN A 36 -9.06 4.01 -1.11
N SER A 37 -9.09 2.73 -1.46
CA SER A 37 -8.58 2.25 -2.73
C SER A 37 -9.63 1.33 -3.34
N ASN A 38 -9.97 1.54 -4.60
CA ASN A 38 -11.06 0.81 -5.24
C ASN A 38 -10.73 -0.67 -5.47
N GLY A 39 -9.49 -1.04 -5.22
CA GLY A 39 -9.15 -2.44 -5.24
C GLY A 39 -8.13 -2.80 -6.31
N LEU A 40 -7.82 -4.08 -6.41
CA LEU A 40 -6.83 -4.59 -7.37
C LEU A 40 -7.08 -6.08 -7.58
N HIS A 41 -6.92 -6.56 -8.80
CA HIS A 41 -7.13 -7.97 -9.09
C HIS A 41 -6.14 -8.46 -10.14
N GLY A 42 -5.06 -9.06 -9.69
CA GLY A 42 -4.10 -9.66 -10.60
C GLY A 42 -3.07 -10.49 -9.87
N ASP A 43 -2.17 -11.12 -10.61
CA ASP A 43 -1.03 -11.79 -10.00
C ASP A 43 0.13 -10.81 -9.96
N TYR A 44 0.35 -10.21 -8.81
CA TYR A 44 1.30 -9.12 -8.68
C TYR A 44 2.45 -9.47 -7.77
N ASP A 45 3.55 -8.77 -7.98
CA ASP A 45 4.70 -8.84 -7.10
C ASP A 45 4.58 -7.74 -6.05
N VAL A 46 5.43 -7.78 -5.04
CA VAL A 46 5.41 -6.78 -3.98
C VAL A 46 5.35 -5.36 -4.54
N GLU A 47 6.40 -4.96 -5.24
CA GLU A 47 6.50 -3.60 -5.75
C GLU A 47 5.39 -3.25 -6.73
N SER A 48 5.07 -4.15 -7.66
CA SER A 48 4.12 -3.85 -8.72
C SER A 48 2.70 -3.81 -8.19
N GLY A 49 2.43 -4.61 -7.17
CA GLY A 49 1.11 -4.67 -6.57
C GLY A 49 0.83 -3.41 -5.77
N LEU A 50 1.87 -2.93 -5.10
CA LEU A 50 1.76 -1.72 -4.31
C LEU A 50 1.63 -0.50 -5.21
N GLN A 51 2.35 -0.53 -6.33
CA GLN A 51 2.32 0.57 -7.29
C GLN A 51 0.89 0.87 -7.72
N GLN A 52 0.13 -0.16 -8.05
CA GLN A 52 -1.26 0.00 -8.46
C GLN A 52 -2.11 0.55 -7.31
N LEU A 53 -1.87 0.03 -6.11
CA LEU A 53 -2.58 0.48 -4.90
C LEU A 53 -2.35 1.97 -4.63
N LEU A 54 -1.18 2.47 -5.03
CA LEU A 54 -0.81 3.88 -4.82
C LEU A 54 -1.59 4.79 -5.76
N ASP A 55 -2.10 4.23 -6.84
CA ASP A 55 -2.81 4.99 -7.86
C ASP A 55 -4.18 5.44 -7.35
N GLY A 56 -4.22 6.57 -6.67
CA GLY A 56 -5.47 7.16 -6.23
C GLY A 56 -5.63 7.17 -4.71
N SER A 57 -4.74 6.49 -4.01
CA SER A 57 -4.86 6.35 -2.56
C SER A 57 -4.31 7.58 -1.83
N GLY A 58 -3.40 8.30 -2.48
CA GLY A 58 -2.88 9.53 -1.90
C GLY A 58 -1.67 9.29 -1.02
N LEU A 59 -1.22 8.05 -0.99
CA LEU A 59 -0.08 7.66 -0.17
C LEU A 59 0.98 6.97 -1.01
N GLN A 60 2.07 6.58 -0.37
CA GLN A 60 3.16 5.90 -1.04
C GLN A 60 3.81 4.92 -0.07
N VAL A 61 3.78 3.64 -0.40
CA VAL A 61 4.40 2.65 0.46
C VAL A 61 5.78 2.29 -0.07
N LYS A 62 6.77 2.35 0.81
CA LYS A 62 8.15 2.11 0.42
C LYS A 62 8.64 0.79 0.98
N PRO A 63 9.24 -0.06 0.14
CA PRO A 63 9.95 -1.24 0.60
C PRO A 63 11.21 -0.80 1.35
N LEU A 64 11.23 -1.06 2.65
CA LEU A 64 12.27 -0.55 3.54
C LEU A 64 13.66 -1.02 3.12
N GLY A 65 13.75 -2.29 2.74
CA GLY A 65 15.00 -2.86 2.30
C GLY A 65 14.91 -4.36 2.28
N ASN A 66 14.53 -4.92 3.41
CA ASN A 66 14.22 -6.34 3.51
C ASN A 66 12.76 -6.56 3.12
N ASN A 67 12.18 -7.67 3.54
CA ASN A 67 10.76 -7.91 3.28
C ASN A 67 9.88 -7.18 4.31
N SER A 68 10.16 -5.89 4.50
CA SER A 68 9.35 -5.04 5.34
C SER A 68 9.20 -3.68 4.66
N TRP A 69 8.33 -2.83 5.17
CA TRP A 69 7.92 -1.64 4.43
C TRP A 69 7.80 -0.46 5.37
N THR A 70 7.62 0.73 4.81
CA THR A 70 7.33 1.92 5.59
C THR A 70 6.39 2.85 4.81
N LEU A 71 5.53 3.56 5.52
CA LEU A 71 4.50 4.38 4.90
C LEU A 71 4.99 5.82 4.70
N GLU A 72 5.24 6.17 3.45
CA GLU A 72 5.61 7.52 3.06
C GLU A 72 4.38 8.33 2.67
N PRO A 73 4.13 9.45 3.35
CA PRO A 73 3.05 10.35 2.96
C PRO A 73 3.48 11.32 1.86
N ALA A 74 2.89 11.16 0.68
CA ALA A 74 3.22 11.98 -0.48
C ALA A 74 2.40 11.54 -1.67
N PRO A 75 1.39 12.33 -2.06
CA PRO A 75 0.52 12.00 -3.18
C PRO A 75 1.12 12.40 -4.53
N ALA A 76 0.95 13.67 -4.87
CA ALA A 76 1.56 14.25 -6.06
C ALA A 76 1.78 15.73 -5.80
N PRO A 77 2.62 16.04 -4.80
CA PRO A 77 2.71 17.38 -4.23
C PRO A 77 3.76 18.26 -4.91
N LYS A 78 4.23 17.82 -6.07
CA LYS A 78 5.21 18.56 -6.83
C LYS A 78 4.58 19.05 -8.14
N GLU A 79 5.16 20.11 -8.71
CA GLU A 79 4.63 20.75 -9.93
C GLU A 79 3.26 21.36 -9.68
N ASP A 80 3.04 21.80 -8.46
CA ASP A 80 1.80 22.49 -8.10
C ASP A 80 2.08 23.95 -7.85
N ALA A 1 -3.29 -15.62 -9.49
CA ALA A 1 -3.33 -14.24 -8.95
C ALA A 1 -2.61 -14.19 -7.61
N GLN A 2 -2.18 -12.99 -7.20
CA GLN A 2 -1.50 -12.83 -5.93
C GLN A 2 -2.30 -11.96 -4.97
N VAL A 3 -3.35 -11.36 -5.49
CA VAL A 3 -4.19 -10.47 -4.69
C VAL A 3 -5.65 -10.56 -5.12
N ASN A 4 -6.54 -10.47 -4.15
CA ASN A 4 -7.96 -10.37 -4.41
C ASN A 4 -8.49 -9.17 -3.64
N ILE A 5 -8.61 -8.06 -4.33
CA ILE A 5 -8.89 -6.79 -3.68
C ILE A 5 -10.04 -6.09 -4.40
N ALA A 6 -10.71 -5.20 -3.69
CA ALA A 6 -11.90 -4.53 -4.19
C ALA A 6 -12.16 -3.29 -3.33
N PRO A 7 -13.19 -2.46 -3.61
CA PRO A 7 -13.47 -1.24 -2.84
C PRO A 7 -13.24 -1.41 -1.34
N GLY A 8 -12.48 -0.50 -0.76
CA GLY A 8 -12.09 -0.59 0.62
C GLY A 8 -10.92 0.32 0.91
N SER A 9 -10.69 0.61 2.19
CA SER A 9 -9.63 1.52 2.58
C SER A 9 -8.28 0.96 2.15
N LEU A 10 -7.41 1.84 1.62
CA LEU A 10 -6.07 1.45 1.20
C LEU A 10 -5.31 0.88 2.39
N ASP A 11 -5.61 1.43 3.57
CA ASP A 11 -5.08 0.92 4.83
C ASP A 11 -5.31 -0.59 4.92
N LYS A 12 -6.56 -1.02 4.74
CA LYS A 12 -6.91 -2.42 4.81
C LYS A 12 -6.29 -3.19 3.65
N ALA A 13 -6.14 -2.52 2.51
CA ALA A 13 -5.61 -3.16 1.31
C ALA A 13 -4.16 -3.57 1.54
N LEU A 14 -3.33 -2.61 1.94
CA LEU A 14 -1.94 -2.86 2.28
C LEU A 14 -1.83 -3.90 3.39
N ASN A 15 -2.69 -3.78 4.39
CA ASN A 15 -2.71 -4.71 5.51
C ASN A 15 -3.02 -6.12 5.05
N GLN A 16 -3.88 -6.24 4.04
CA GLN A 16 -4.20 -7.52 3.44
C GLN A 16 -2.97 -8.16 2.83
N TYR A 17 -2.19 -7.40 2.08
CA TYR A 17 -1.02 -7.93 1.40
C TYR A 17 0.04 -8.33 2.42
N ALA A 18 0.10 -7.60 3.53
CA ALA A 18 1.01 -7.93 4.63
C ALA A 18 0.89 -9.40 5.06
N ALA A 19 -0.32 -9.93 4.99
CA ALA A 19 -0.58 -11.33 5.37
C ALA A 19 0.18 -12.29 4.46
N HIS A 20 0.67 -11.81 3.33
CA HIS A 20 1.41 -12.64 2.38
C HIS A 20 2.66 -13.24 3.03
N SER A 21 3.63 -12.40 3.36
CA SER A 21 4.90 -12.88 3.88
C SER A 21 4.98 -12.73 5.40
N GLY A 22 3.98 -12.08 5.99
CA GLY A 22 3.94 -11.90 7.43
C GLY A 22 4.99 -10.94 7.92
N PHE A 23 5.10 -9.80 7.25
CA PHE A 23 6.13 -8.82 7.55
C PHE A 23 5.55 -7.69 8.39
N THR A 24 6.42 -6.83 8.91
CA THR A 24 6.00 -5.73 9.74
C THR A 24 5.75 -4.48 8.91
N LEU A 25 4.48 -4.10 8.82
CA LEU A 25 4.11 -2.92 8.04
C LEU A 25 4.06 -1.71 8.97
N SER A 26 4.78 -0.66 8.60
CA SER A 26 4.83 0.54 9.40
C SER A 26 3.89 1.59 8.82
N VAL A 27 2.66 1.60 9.33
CA VAL A 27 1.65 2.53 8.84
C VAL A 27 1.30 3.53 9.94
N ASP A 28 1.08 4.77 9.56
CA ASP A 28 0.74 5.81 10.52
C ASP A 28 -0.77 6.03 10.54
N ALA A 29 -1.37 5.92 11.73
CA ALA A 29 -2.80 6.12 11.94
C ALA A 29 -3.25 7.56 11.64
N SER A 30 -3.01 8.00 10.42
CA SER A 30 -3.37 9.34 9.99
C SER A 30 -3.11 9.50 8.50
N LEU A 31 -2.13 8.75 7.99
CA LEU A 31 -1.76 8.85 6.57
C LEU A 31 -2.76 8.11 5.69
N THR A 32 -3.32 7.02 6.20
CA THR A 32 -4.29 6.24 5.44
C THR A 32 -5.71 6.70 5.74
N ARG A 33 -5.83 7.86 6.39
CA ARG A 33 -7.11 8.43 6.74
C ARG A 33 -7.80 8.98 5.51
N GLY A 34 -8.92 8.37 5.13
CA GLY A 34 -9.66 8.82 3.97
C GLY A 34 -9.11 8.23 2.70
N LYS A 35 -8.39 7.12 2.81
CA LYS A 35 -7.79 6.48 1.66
C LYS A 35 -8.52 5.20 1.31
N GLN A 36 -8.98 5.12 0.08
CA GLN A 36 -9.65 3.94 -0.44
C GLN A 36 -9.05 3.58 -1.78
N SER A 37 -8.89 2.29 -2.04
CA SER A 37 -8.45 1.83 -3.33
C SER A 37 -9.51 0.89 -3.86
N ASN A 38 -10.06 1.22 -5.01
CA ASN A 38 -11.25 0.54 -5.54
C ASN A 38 -10.97 -0.89 -5.99
N GLY A 39 -9.73 -1.34 -5.87
CA GLY A 39 -9.46 -2.74 -6.01
C GLY A 39 -8.26 -3.07 -6.87
N LEU A 40 -7.84 -4.32 -6.82
CA LEU A 40 -6.70 -4.82 -7.58
C LEU A 40 -6.82 -6.34 -7.65
N HIS A 41 -6.67 -6.93 -8.83
CA HIS A 41 -6.77 -8.37 -8.94
C HIS A 41 -5.80 -8.90 -9.99
N GLY A 42 -4.66 -9.37 -9.51
CA GLY A 42 -3.67 -9.97 -10.38
C GLY A 42 -2.58 -10.65 -9.58
N ASP A 43 -1.67 -11.31 -10.26
CA ASP A 43 -0.47 -11.85 -9.63
C ASP A 43 0.56 -10.73 -9.53
N TYR A 44 0.60 -10.05 -8.40
CA TYR A 44 1.47 -8.89 -8.25
C TYR A 44 2.54 -9.12 -7.21
N ASP A 45 3.78 -8.90 -7.61
CA ASP A 45 4.91 -8.96 -6.70
C ASP A 45 4.83 -7.80 -5.71
N VAL A 46 5.70 -7.84 -4.70
CA VAL A 46 5.67 -6.85 -3.62
C VAL A 46 5.62 -5.42 -4.16
N GLU A 47 6.68 -5.01 -4.85
CA GLU A 47 6.81 -3.66 -5.38
C GLU A 47 5.68 -3.31 -6.35
N SER A 48 5.35 -4.25 -7.24
CA SER A 48 4.41 -3.99 -8.31
C SER A 48 2.99 -3.84 -7.78
N GLY A 49 2.69 -4.59 -6.72
CA GLY A 49 1.35 -4.60 -6.17
C GLY A 49 1.05 -3.33 -5.43
N LEU A 50 2.04 -2.84 -4.70
CA LEU A 50 1.90 -1.62 -3.92
C LEU A 50 1.75 -0.41 -4.83
N GLN A 51 2.53 -0.40 -5.91
CA GLN A 51 2.49 0.68 -6.89
C GLN A 51 1.06 0.91 -7.39
N GLN A 52 0.42 -0.17 -7.82
CA GLN A 52 -0.92 -0.07 -8.38
C GLN A 52 -1.95 0.32 -7.31
N LEU A 53 -1.82 -0.23 -6.12
CA LEU A 53 -2.73 0.06 -5.02
C LEU A 53 -2.80 1.54 -4.71
N LEU A 54 -1.66 2.21 -4.71
CA LEU A 54 -1.60 3.61 -4.31
C LEU A 54 -1.91 4.56 -5.46
N ASP A 55 -2.10 4.02 -6.66
CA ASP A 55 -2.43 4.85 -7.81
C ASP A 55 -3.82 5.46 -7.62
N GLY A 56 -3.83 6.75 -7.30
CA GLY A 56 -5.06 7.42 -6.93
C GLY A 56 -4.84 8.27 -5.69
N SER A 57 -3.72 8.01 -5.02
CA SER A 57 -3.32 8.79 -3.86
C SER A 57 -1.96 9.44 -4.14
N GLY A 58 -1.48 10.26 -3.22
CA GLY A 58 -0.23 10.95 -3.43
C GLY A 58 0.85 10.48 -2.47
N LEU A 59 0.64 9.34 -1.86
CA LEU A 59 1.60 8.81 -0.89
C LEU A 59 2.59 7.88 -1.58
N GLN A 60 3.58 7.40 -0.84
CA GLN A 60 4.60 6.51 -1.40
C GLN A 60 4.89 5.40 -0.39
N VAL A 61 4.65 4.17 -0.78
CA VAL A 61 4.96 3.04 0.08
C VAL A 61 6.30 2.44 -0.33
N LYS A 62 7.21 2.30 0.62
CA LYS A 62 8.55 1.80 0.34
C LYS A 62 9.02 0.87 1.44
N PRO A 63 9.65 -0.25 1.04
CA PRO A 63 10.22 -1.22 1.98
C PRO A 63 11.33 -0.58 2.81
N LEU A 64 11.22 -0.74 4.12
CA LEU A 64 12.19 -0.14 5.04
C LEU A 64 13.55 -0.79 4.86
N GLY A 65 13.57 -2.12 4.74
CA GLY A 65 14.81 -2.82 4.48
C GLY A 65 14.70 -4.30 4.73
N ASN A 66 14.37 -4.67 5.97
CA ASN A 66 14.32 -6.06 6.38
C ASN A 66 12.96 -6.68 6.07
N ASN A 67 12.67 -6.85 4.78
CA ASN A 67 11.44 -7.50 4.29
C ASN A 67 10.18 -6.80 4.78
N SER A 68 10.35 -5.60 5.33
CA SER A 68 9.25 -4.87 5.96
C SER A 68 9.10 -3.53 5.28
N TRP A 69 8.12 -2.74 5.68
CA TRP A 69 7.73 -1.56 4.91
C TRP A 69 7.48 -0.39 5.84
N THR A 70 7.40 0.79 5.28
CA THR A 70 6.95 1.97 6.00
C THR A 70 6.24 2.90 5.04
N LEU A 71 5.24 3.61 5.54
CA LEU A 71 4.48 4.52 4.68
C LEU A 71 5.11 5.91 4.72
N GLU A 72 5.81 6.24 3.65
CA GLU A 72 6.47 7.52 3.54
C GLU A 72 5.54 8.56 2.92
N PRO A 73 5.26 9.63 3.68
CA PRO A 73 4.44 10.72 3.18
C PRO A 73 5.26 11.81 2.50
N ALA A 74 5.03 11.97 1.20
CA ALA A 74 5.67 13.01 0.42
C ALA A 74 4.92 13.21 -0.89
N PRO A 75 3.72 13.82 -0.84
CA PRO A 75 2.84 13.91 -1.99
C PRO A 75 3.18 15.12 -2.86
N ALA A 76 2.14 15.83 -3.30
CA ALA A 76 2.32 17.09 -3.99
C ALA A 76 1.77 18.22 -3.13
N PRO A 77 2.47 18.53 -2.04
CA PRO A 77 1.98 19.44 -1.01
C PRO A 77 2.38 20.88 -1.27
N LYS A 78 1.95 21.42 -2.42
CA LYS A 78 2.36 22.76 -2.82
C LYS A 78 1.15 23.66 -3.08
N GLU A 79 -0.03 23.23 -2.64
CA GLU A 79 -1.24 24.00 -2.92
C GLU A 79 -2.33 23.72 -1.88
N ASP A 80 -2.04 24.01 -0.63
CA ASP A 80 -3.02 23.88 0.46
C ASP A 80 -2.41 24.34 1.77
N ALA A 1 1.71 -13.06 -6.58
CA ALA A 1 0.89 -13.63 -5.49
C ALA A 1 -0.56 -13.19 -5.65
N GLN A 2 -1.48 -14.02 -5.22
CA GLN A 2 -2.90 -13.71 -5.35
C GLN A 2 -3.31 -12.66 -4.33
N VAL A 3 -3.62 -11.47 -4.82
CA VAL A 3 -4.14 -10.42 -3.97
C VAL A 3 -5.64 -10.29 -4.17
N ASN A 4 -6.37 -10.14 -3.08
CA ASN A 4 -7.81 -10.00 -3.15
C ASN A 4 -8.22 -8.76 -2.38
N ILE A 5 -8.40 -7.67 -3.11
CA ILE A 5 -8.66 -6.38 -2.51
C ILE A 5 -9.93 -5.78 -3.09
N ALA A 6 -10.62 -5.00 -2.27
CA ALA A 6 -11.89 -4.41 -2.65
C ALA A 6 -12.20 -3.26 -1.70
N PRO A 7 -13.21 -2.42 -2.01
CA PRO A 7 -13.57 -1.26 -1.17
C PRO A 7 -13.61 -1.60 0.31
N GLY A 8 -13.00 -0.74 1.12
CA GLY A 8 -13.00 -0.93 2.54
C GLY A 8 -11.82 -0.27 3.22
N SER A 9 -11.50 0.95 2.77
CA SER A 9 -10.30 1.65 3.17
C SER A 9 -9.04 0.94 2.67
N LEU A 10 -8.07 1.72 2.20
CA LEU A 10 -6.79 1.17 1.74
C LEU A 10 -6.12 0.39 2.86
N ASP A 11 -6.48 0.74 4.08
CA ASP A 11 -6.01 0.04 5.28
C ASP A 11 -6.18 -1.48 5.14
N LYS A 12 -7.37 -1.93 4.77
CA LYS A 12 -7.63 -3.36 4.69
C LYS A 12 -6.83 -4.02 3.57
N ALA A 13 -6.46 -3.22 2.56
CA ALA A 13 -5.67 -3.73 1.45
C ALA A 13 -4.29 -4.13 1.93
N LEU A 14 -3.58 -3.17 2.50
CA LEU A 14 -2.27 -3.42 3.09
C LEU A 14 -2.36 -4.48 4.18
N ASN A 15 -3.44 -4.45 4.95
CA ASN A 15 -3.67 -5.42 6.01
C ASN A 15 -3.75 -6.83 5.42
N GLN A 16 -4.42 -6.95 4.28
CA GLN A 16 -4.54 -8.23 3.60
C GLN A 16 -3.18 -8.76 3.20
N TYR A 17 -2.34 -7.91 2.60
CA TYR A 17 -1.03 -8.34 2.14
C TYR A 17 -0.12 -8.62 3.33
N ALA A 18 -0.15 -7.73 4.33
CA ALA A 18 0.67 -7.85 5.53
C ALA A 18 0.48 -9.20 6.21
N ALA A 19 -0.76 -9.56 6.51
CA ALA A 19 -1.06 -10.82 7.19
C ALA A 19 -0.63 -12.02 6.36
N HIS A 20 -0.52 -11.81 5.05
CA HIS A 20 -0.12 -12.87 4.13
C HIS A 20 1.33 -13.33 4.38
N SER A 21 2.28 -12.40 4.44
CA SER A 21 3.68 -12.76 4.56
C SER A 21 4.25 -12.44 5.93
N GLY A 22 3.44 -11.83 6.78
CA GLY A 22 3.82 -11.58 8.16
C GLY A 22 4.93 -10.55 8.33
N PHE A 23 4.79 -9.42 7.64
CA PHE A 23 5.77 -8.35 7.75
C PHE A 23 5.18 -7.14 8.48
N THR A 24 6.04 -6.26 8.95
CA THR A 24 5.60 -5.13 9.77
C THR A 24 5.45 -3.86 8.95
N LEU A 25 4.24 -3.29 8.98
CA LEU A 25 3.98 -2.03 8.32
C LEU A 25 4.26 -0.87 9.28
N SER A 26 5.25 -0.07 8.94
CA SER A 26 5.63 1.07 9.76
C SER A 26 5.00 2.34 9.21
N VAL A 27 3.83 2.69 9.75
CA VAL A 27 3.10 3.87 9.31
C VAL A 27 2.32 4.48 10.48
N ASP A 28 2.29 5.81 10.50
CA ASP A 28 1.50 6.52 11.50
C ASP A 28 0.09 6.75 10.99
N ALA A 29 -0.89 6.43 11.84
CA ALA A 29 -2.31 6.59 11.51
C ALA A 29 -2.66 8.04 11.19
N SER A 30 -2.33 8.47 9.98
CA SER A 30 -2.58 9.84 9.52
C SER A 30 -2.42 9.90 8.00
N LEU A 31 -1.42 9.17 7.50
CA LEU A 31 -1.18 9.13 6.07
C LEU A 31 -2.21 8.26 5.36
N THR A 32 -2.66 7.22 6.06
CA THR A 32 -3.69 6.34 5.53
C THR A 32 -5.08 6.79 5.95
N ARG A 33 -5.11 7.74 6.88
CA ARG A 33 -6.36 8.29 7.38
C ARG A 33 -7.10 9.02 6.27
N GLY A 34 -8.18 8.42 5.79
CA GLY A 34 -8.93 9.00 4.71
C GLY A 34 -8.64 8.31 3.39
N LYS A 35 -8.05 7.12 3.46
CA LYS A 35 -7.75 6.35 2.26
C LYS A 35 -8.67 5.17 2.10
N GLN A 36 -9.35 5.13 0.97
CA GLN A 36 -10.17 4.00 0.60
C GLN A 36 -9.98 3.70 -0.87
N SER A 37 -9.78 2.44 -1.20
CA SER A 37 -9.52 2.04 -2.57
C SER A 37 -10.65 1.17 -3.08
N ASN A 38 -11.03 1.38 -4.34
CA ASN A 38 -12.07 0.57 -4.97
C ASN A 38 -11.60 -0.86 -5.25
N GLY A 39 -10.38 -1.17 -4.84
CA GLY A 39 -9.94 -2.56 -4.79
C GLY A 39 -8.82 -2.88 -5.75
N LEU A 40 -8.41 -4.15 -5.77
CA LEU A 40 -7.35 -4.62 -6.65
C LEU A 40 -7.48 -6.14 -6.75
N HIS A 41 -7.45 -6.69 -7.95
CA HIS A 41 -7.63 -8.13 -8.10
C HIS A 41 -6.76 -8.71 -9.21
N GLY A 42 -5.64 -9.28 -8.82
CA GLY A 42 -4.76 -9.94 -9.77
C GLY A 42 -3.69 -10.75 -9.06
N ASP A 43 -2.70 -11.21 -9.80
CA ASP A 43 -1.55 -11.86 -9.20
C ASP A 43 -0.38 -10.89 -9.22
N TYR A 44 -0.26 -10.12 -8.16
CA TYR A 44 0.75 -9.09 -8.08
C TYR A 44 1.81 -9.45 -7.06
N ASP A 45 3.02 -8.97 -7.29
CA ASP A 45 4.09 -9.13 -6.33
C ASP A 45 4.20 -7.86 -5.50
N VAL A 46 5.24 -7.75 -4.69
CA VAL A 46 5.38 -6.66 -3.73
C VAL A 46 5.23 -5.28 -4.39
N GLU A 47 6.22 -4.88 -5.18
CA GLU A 47 6.31 -3.50 -5.68
C GLU A 47 5.13 -3.11 -6.58
N SER A 48 4.79 -3.95 -7.54
CA SER A 48 3.83 -3.58 -8.57
C SER A 48 2.41 -3.56 -8.00
N GLY A 49 2.19 -4.36 -6.96
CA GLY A 49 0.88 -4.44 -6.36
C GLY A 49 0.59 -3.21 -5.53
N LEU A 50 1.61 -2.75 -4.82
CA LEU A 50 1.50 -1.57 -3.99
C LEU A 50 1.35 -0.33 -4.85
N GLN A 51 2.14 -0.27 -5.93
CA GLN A 51 2.12 0.87 -6.85
C GLN A 51 0.71 1.14 -7.38
N GLN A 52 -0.04 0.07 -7.66
CA GLN A 52 -1.41 0.22 -8.12
C GLN A 52 -2.27 0.88 -7.07
N LEU A 53 -2.13 0.42 -5.83
CA LEU A 53 -2.84 1.00 -4.70
C LEU A 53 -2.47 2.48 -4.49
N LEU A 54 -1.30 2.87 -4.99
CA LEU A 54 -0.78 4.22 -4.77
C LEU A 54 -1.32 5.21 -5.80
N ASP A 55 -1.71 4.71 -6.95
CA ASP A 55 -2.16 5.56 -8.05
C ASP A 55 -3.50 6.21 -7.71
N GLY A 56 -3.44 7.41 -7.15
CA GLY A 56 -4.64 8.13 -6.79
C GLY A 56 -4.78 8.33 -5.29
N SER A 57 -3.92 7.67 -4.52
CA SER A 57 -3.99 7.77 -3.07
C SER A 57 -2.95 8.76 -2.53
N GLY A 58 -2.02 9.17 -3.39
CA GLY A 58 -1.05 10.18 -3.02
C GLY A 58 -0.03 9.66 -2.02
N LEU A 59 0.23 8.37 -2.07
CA LEU A 59 1.17 7.74 -1.15
C LEU A 59 2.33 7.12 -1.91
N GLN A 60 3.36 6.73 -1.18
CA GLN A 60 4.52 6.07 -1.77
C GLN A 60 5.04 5.03 -0.79
N VAL A 61 5.03 3.77 -1.20
CA VAL A 61 5.47 2.69 -0.33
C VAL A 61 6.93 2.38 -0.59
N LYS A 62 7.71 2.31 0.46
CA LYS A 62 9.12 2.00 0.34
C LYS A 62 9.49 0.91 1.35
N PRO A 63 10.12 -0.17 0.88
CA PRO A 63 10.58 -1.26 1.74
C PRO A 63 11.58 -0.75 2.78
N LEU A 64 11.36 -1.15 4.02
CA LEU A 64 12.15 -0.65 5.14
C LEU A 64 13.57 -1.19 5.07
N GLY A 65 13.72 -2.47 4.70
CA GLY A 65 15.03 -3.04 4.52
C GLY A 65 15.01 -4.55 4.61
N ASN A 66 14.30 -5.06 5.61
CA ASN A 66 14.21 -6.50 5.82
C ASN A 66 13.24 -7.13 4.82
N ASN A 67 11.98 -7.18 5.21
CA ASN A 67 10.92 -7.69 4.35
C ASN A 67 9.63 -6.93 4.64
N SER A 68 9.80 -5.72 5.14
CA SER A 68 8.69 -4.91 5.63
C SER A 68 8.77 -3.54 4.98
N TRP A 69 7.84 -2.64 5.27
CA TRP A 69 7.77 -1.39 4.51
C TRP A 69 7.47 -0.23 5.44
N THR A 70 7.59 0.97 4.91
CA THR A 70 7.16 2.17 5.60
C THR A 70 6.52 3.12 4.59
N LEU A 71 5.49 3.84 5.01
CA LEU A 71 4.73 4.67 4.09
C LEU A 71 5.25 6.10 4.07
N GLU A 72 5.95 6.43 3.01
CA GLU A 72 6.41 7.79 2.78
C GLU A 72 5.36 8.57 2.00
N PRO A 73 4.99 9.76 2.49
CA PRO A 73 4.04 10.63 1.79
C PRO A 73 4.70 11.37 0.64
N ALA A 74 4.26 11.05 -0.57
CA ALA A 74 4.81 11.66 -1.76
C ALA A 74 4.00 11.24 -2.99
N PRO A 75 3.02 12.05 -3.39
CA PRO A 75 2.19 11.76 -4.57
C PRO A 75 2.90 12.16 -5.86
N ALA A 76 4.22 11.97 -5.89
CA ALA A 76 5.08 12.47 -6.96
C ALA A 76 4.92 13.99 -7.07
N PRO A 77 5.33 14.72 -6.02
CA PRO A 77 5.12 16.15 -5.92
C PRO A 77 6.20 16.94 -6.65
N LYS A 78 6.27 16.73 -7.95
CA LYS A 78 7.25 17.37 -8.80
C LYS A 78 6.55 18.04 -9.98
N GLU A 79 5.66 18.97 -9.67
CA GLU A 79 4.87 19.66 -10.68
C GLU A 79 5.79 20.40 -11.66
N ASP A 80 5.83 19.91 -12.88
CA ASP A 80 6.69 20.47 -13.91
C ASP A 80 5.86 20.88 -15.11
N ALA A 1 3.12 -14.35 -7.46
CA ALA A 1 2.69 -12.97 -7.76
C ALA A 1 1.20 -12.92 -8.11
N GLN A 2 0.36 -13.05 -7.10
CA GLN A 2 -1.08 -12.94 -7.29
C GLN A 2 -1.70 -12.24 -6.09
N VAL A 3 -2.65 -11.35 -6.35
CA VAL A 3 -3.25 -10.55 -5.29
C VAL A 3 -4.76 -10.47 -5.46
N ASN A 4 -5.45 -10.29 -4.34
CA ASN A 4 -6.90 -10.09 -4.36
C ASN A 4 -7.22 -8.82 -3.57
N ILE A 5 -7.37 -7.72 -4.27
CA ILE A 5 -7.60 -6.44 -3.63
C ILE A 5 -8.93 -5.87 -4.09
N ALA A 6 -9.58 -5.10 -3.23
CA ALA A 6 -10.89 -4.55 -3.51
C ALA A 6 -11.19 -3.41 -2.54
N PRO A 7 -12.17 -2.55 -2.87
CA PRO A 7 -12.49 -1.37 -2.07
C PRO A 7 -12.73 -1.69 -0.59
N GLY A 8 -12.07 -0.95 0.28
CA GLY A 8 -12.20 -1.20 1.69
C GLY A 8 -11.02 -0.63 2.47
N SER A 9 -10.69 0.64 2.19
CA SER A 9 -9.55 1.33 2.81
C SER A 9 -8.22 0.72 2.36
N LEU A 10 -7.33 1.57 1.85
CA LEU A 10 -6.02 1.15 1.39
C LEU A 10 -5.23 0.52 2.53
N ASP A 11 -5.41 1.07 3.73
CA ASP A 11 -4.84 0.51 4.94
C ASP A 11 -5.13 -0.98 5.05
N LYS A 12 -6.41 -1.34 4.97
CA LYS A 12 -6.82 -2.74 5.07
C LYS A 12 -6.34 -3.55 3.87
N ALA A 13 -6.19 -2.87 2.74
CA ALA A 13 -5.70 -3.52 1.53
C ALA A 13 -4.27 -3.98 1.71
N LEU A 14 -3.39 -3.04 2.05
CA LEU A 14 -1.99 -3.35 2.35
C LEU A 14 -1.89 -4.32 3.53
N ASN A 15 -2.76 -4.13 4.51
CA ASN A 15 -2.80 -4.99 5.69
C ASN A 15 -3.08 -6.43 5.28
N GLN A 16 -3.98 -6.59 4.31
CA GLN A 16 -4.30 -7.91 3.79
C GLN A 16 -3.07 -8.55 3.14
N TYR A 17 -2.29 -7.75 2.43
CA TYR A 17 -1.09 -8.25 1.77
C TYR A 17 -0.07 -8.63 2.85
N ALA A 18 0.02 -7.78 3.87
CA ALA A 18 0.87 -8.04 5.03
C ALA A 18 0.56 -9.37 5.68
N ALA A 19 -0.73 -9.63 5.91
CA ALA A 19 -1.17 -10.86 6.54
C ALA A 19 -0.80 -12.08 5.69
N HIS A 20 -0.65 -11.88 4.39
CA HIS A 20 -0.36 -12.97 3.47
C HIS A 20 1.01 -13.60 3.77
N SER A 21 2.04 -12.78 3.90
CA SER A 21 3.39 -13.32 4.10
C SER A 21 3.89 -13.11 5.52
N GLY A 22 3.17 -12.28 6.28
CA GLY A 22 3.51 -12.05 7.67
C GLY A 22 4.70 -11.12 7.86
N PHE A 23 4.61 -9.91 7.33
CA PHE A 23 5.68 -8.93 7.48
C PHE A 23 5.21 -7.70 8.23
N THR A 24 6.15 -6.83 8.61
CA THR A 24 5.84 -5.70 9.48
C THR A 24 5.51 -4.43 8.70
N LEU A 25 4.28 -3.95 8.89
CA LEU A 25 3.84 -2.70 8.29
C LEU A 25 3.94 -1.56 9.30
N SER A 26 4.40 -0.41 8.84
CA SER A 26 4.47 0.77 9.68
C SER A 26 3.73 1.94 9.03
N VAL A 27 2.52 2.18 9.51
CA VAL A 27 1.66 3.23 8.95
C VAL A 27 0.82 3.87 10.04
N ASP A 28 0.74 5.20 10.03
CA ASP A 28 -0.06 5.93 10.98
C ASP A 28 -1.40 6.32 10.34
N ALA A 29 -2.49 6.01 11.04
CA ALA A 29 -3.85 6.15 10.50
C ALA A 29 -4.17 7.55 9.98
N SER A 30 -3.47 8.56 10.47
CA SER A 30 -3.76 9.94 10.10
C SER A 30 -3.48 10.18 8.62
N LEU A 31 -2.56 9.42 8.09
CA LEU A 31 -2.14 9.55 6.70
C LEU A 31 -3.19 8.96 5.75
N THR A 32 -3.64 7.76 6.08
CA THR A 32 -4.58 7.03 5.24
C THR A 32 -6.01 7.17 5.79
N ARG A 33 -6.33 8.38 6.23
CA ARG A 33 -7.64 8.68 6.78
C ARG A 33 -8.72 8.51 5.71
N GLY A 34 -9.50 7.43 5.83
CA GLY A 34 -10.57 7.17 4.88
C GLY A 34 -10.05 6.95 3.48
N LYS A 35 -8.76 6.63 3.37
CA LYS A 35 -8.14 6.46 2.07
C LYS A 35 -8.58 5.14 1.46
N GLN A 36 -9.33 5.21 0.37
CA GLN A 36 -9.86 4.01 -0.25
C GLN A 36 -9.08 3.67 -1.50
N SER A 37 -9.11 2.42 -1.90
CA SER A 37 -8.55 2.00 -3.16
C SER A 37 -9.62 1.20 -3.89
N ASN A 38 -9.84 1.54 -5.14
CA ASN A 38 -10.93 0.95 -5.93
C ASN A 38 -10.73 -0.55 -6.14
N GLY A 39 -9.52 -1.01 -5.88
CA GLY A 39 -9.26 -2.45 -5.90
C GLY A 39 -8.15 -2.81 -6.88
N LEU A 40 -7.72 -4.06 -6.85
CA LEU A 40 -6.63 -4.52 -7.69
C LEU A 40 -6.68 -6.04 -7.80
N HIS A 41 -6.79 -6.57 -8.99
CA HIS A 41 -6.84 -8.02 -9.15
C HIS A 41 -6.12 -8.47 -10.41
N GLY A 42 -4.89 -8.90 -10.24
CA GLY A 42 -4.10 -9.39 -11.34
C GLY A 42 -2.85 -10.10 -10.89
N ASP A 43 -1.96 -10.39 -11.82
CA ASP A 43 -0.67 -10.98 -11.51
C ASP A 43 0.27 -9.89 -10.98
N TYR A 44 0.20 -9.64 -9.69
CA TYR A 44 0.98 -8.57 -9.08
C TYR A 44 1.92 -9.10 -8.01
N ASP A 45 3.20 -8.83 -8.21
CA ASP A 45 4.21 -9.15 -7.21
C ASP A 45 4.27 -8.02 -6.19
N VAL A 46 5.21 -8.09 -5.25
CA VAL A 46 5.33 -7.10 -4.18
C VAL A 46 5.35 -5.68 -4.73
N GLU A 47 6.41 -5.34 -5.44
CA GLU A 47 6.62 -3.99 -5.96
C GLU A 47 5.46 -3.50 -6.82
N SER A 48 4.94 -4.38 -7.66
CA SER A 48 3.91 -4.02 -8.62
C SER A 48 2.57 -3.77 -7.92
N GLY A 49 2.35 -4.48 -6.81
CA GLY A 49 1.08 -4.40 -6.13
C GLY A 49 0.90 -3.08 -5.42
N LEU A 50 1.91 -2.69 -4.65
CA LEU A 50 1.86 -1.46 -3.87
C LEU A 50 1.81 -0.24 -4.79
N GLN A 51 2.56 -0.29 -5.89
CA GLN A 51 2.59 0.82 -6.85
C GLN A 51 1.19 1.21 -7.31
N GLN A 52 0.41 0.24 -7.78
CA GLN A 52 -0.93 0.52 -8.28
C GLN A 52 -1.84 1.04 -7.17
N LEU A 53 -1.74 0.42 -6.00
CA LEU A 53 -2.54 0.79 -4.84
C LEU A 53 -2.31 2.26 -4.42
N LEU A 54 -1.18 2.83 -4.81
CA LEU A 54 -0.84 4.19 -4.42
C LEU A 54 -1.64 5.23 -5.21
N ASP A 55 -2.27 4.80 -6.29
CA ASP A 55 -3.02 5.74 -7.13
C ASP A 55 -4.28 6.17 -6.42
N GLY A 56 -4.52 7.47 -6.40
CA GLY A 56 -5.65 8.03 -5.68
C GLY A 56 -5.23 8.61 -4.35
N SER A 57 -4.04 8.25 -3.91
CA SER A 57 -3.50 8.76 -2.67
C SER A 57 -2.45 9.82 -2.95
N GLY A 58 -2.18 10.65 -1.97
CA GLY A 58 -1.07 11.57 -2.07
C GLY A 58 0.05 11.11 -1.17
N LEU A 59 0.20 9.80 -1.09
CA LEU A 59 1.20 9.19 -0.24
C LEU A 59 2.05 8.24 -1.06
N GLN A 60 3.09 7.68 -0.45
CA GLN A 60 3.97 6.75 -1.15
C GLN A 60 4.49 5.71 -0.16
N VAL A 61 4.17 4.46 -0.40
CA VAL A 61 4.62 3.38 0.46
C VAL A 61 6.01 2.92 0.03
N LYS A 62 6.92 2.84 0.98
CA LYS A 62 8.29 2.53 0.68
C LYS A 62 8.78 1.42 1.61
N PRO A 63 9.42 0.38 1.05
CA PRO A 63 9.99 -0.70 1.86
C PRO A 63 10.92 -0.16 2.94
N LEU A 64 10.65 -0.55 4.18
CA LEU A 64 11.36 -0.01 5.33
C LEU A 64 12.76 -0.62 5.40
N GLY A 65 12.82 -1.93 5.60
CA GLY A 65 14.10 -2.60 5.63
C GLY A 65 13.99 -4.06 5.26
N ASN A 66 14.11 -4.93 6.25
CA ASN A 66 14.01 -6.37 6.03
C ASN A 66 12.56 -6.80 5.95
N ASN A 67 12.04 -6.88 4.73
CA ASN A 67 10.69 -7.38 4.49
C ASN A 67 9.67 -6.56 5.26
N SER A 68 9.86 -5.26 5.31
CA SER A 68 8.95 -4.37 5.99
C SER A 68 8.69 -3.15 5.13
N TRP A 69 7.70 -2.34 5.51
CA TRP A 69 7.32 -1.21 4.70
C TRP A 69 7.00 -0.03 5.62
N THR A 70 7.13 1.17 5.09
CA THR A 70 6.75 2.37 5.82
C THR A 70 6.03 3.32 4.87
N LEU A 71 4.96 3.94 5.33
CA LEU A 71 4.20 4.83 4.47
C LEU A 71 4.70 6.26 4.63
N GLU A 72 5.48 6.68 3.66
CA GLU A 72 6.02 8.02 3.63
C GLU A 72 5.08 8.99 2.92
N PRO A 73 4.82 10.16 3.52
CA PRO A 73 4.00 11.20 2.92
C PRO A 73 4.74 11.91 1.78
N ALA A 74 4.22 11.75 0.57
CA ALA A 74 4.84 12.32 -0.61
C ALA A 74 3.87 12.23 -1.79
N PRO A 75 3.06 13.28 -2.00
CA PRO A 75 2.07 13.30 -3.07
C PRO A 75 2.70 13.62 -4.42
N ALA A 76 2.96 14.90 -4.64
CA ALA A 76 3.72 15.35 -5.79
C ALA A 76 4.60 16.51 -5.34
N PRO A 77 5.53 16.24 -4.42
CA PRO A 77 6.29 17.25 -3.71
C PRO A 77 7.64 17.55 -4.37
N LYS A 78 7.69 17.38 -5.68
CA LYS A 78 8.89 17.65 -6.44
C LYS A 78 8.54 17.90 -7.90
N GLU A 79 8.64 19.15 -8.34
CA GLU A 79 8.40 19.49 -9.73
C GLU A 79 9.62 19.12 -10.57
N ASP A 80 9.89 17.82 -10.62
CA ASP A 80 11.05 17.29 -11.31
C ASP A 80 10.83 15.82 -11.60
N ALA A 1 0.37 -15.88 -7.44
CA ALA A 1 0.05 -15.03 -6.26
C ALA A 1 -1.05 -14.04 -6.62
N GLN A 2 -2.29 -14.43 -6.40
CA GLN A 2 -3.42 -13.58 -6.72
C GLN A 2 -3.74 -12.63 -5.58
N VAL A 3 -3.95 -11.38 -5.93
CA VAL A 3 -4.38 -10.38 -4.97
C VAL A 3 -5.88 -10.17 -5.12
N ASN A 4 -6.61 -10.18 -4.02
CA ASN A 4 -8.05 -9.97 -4.07
C ASN A 4 -8.46 -8.90 -3.05
N ILE A 5 -8.84 -7.75 -3.57
CA ILE A 5 -9.20 -6.62 -2.71
C ILE A 5 -10.53 -6.02 -3.14
N ALA A 6 -11.44 -5.91 -2.19
CA ALA A 6 -12.73 -5.30 -2.44
C ALA A 6 -12.59 -3.78 -2.52
N PRO A 7 -13.57 -3.09 -3.15
CA PRO A 7 -13.56 -1.62 -3.24
C PRO A 7 -13.81 -0.92 -1.90
N GLY A 8 -13.06 -1.32 -0.88
CA GLY A 8 -13.23 -0.76 0.44
C GLY A 8 -11.99 -0.04 0.92
N SER A 9 -11.79 -0.01 2.23
CA SER A 9 -10.68 0.72 2.82
C SER A 9 -9.33 0.18 2.34
N LEU A 10 -8.50 1.08 1.80
CA LEU A 10 -7.17 0.74 1.32
C LEU A 10 -6.30 0.32 2.50
N ASP A 11 -6.57 0.93 3.64
CA ASP A 11 -5.90 0.57 4.89
C ASP A 11 -5.96 -0.93 5.12
N LYS A 12 -7.18 -1.47 5.07
CA LYS A 12 -7.39 -2.90 5.24
C LYS A 12 -6.83 -3.67 4.02
N ALA A 13 -6.78 -3.00 2.88
CA ALA A 13 -6.31 -3.60 1.64
C ALA A 13 -4.81 -3.89 1.73
N LEU A 14 -4.03 -2.88 2.08
CA LEU A 14 -2.60 -3.04 2.26
C LEU A 14 -2.29 -4.11 3.30
N ASN A 15 -3.04 -4.08 4.39
CA ASN A 15 -2.85 -5.05 5.48
C ASN A 15 -3.14 -6.46 4.98
N GLN A 16 -4.07 -6.57 4.04
CA GLN A 16 -4.39 -7.86 3.43
C GLN A 16 -3.18 -8.43 2.71
N TYR A 17 -2.48 -7.60 1.94
CA TYR A 17 -1.32 -8.06 1.19
C TYR A 17 -0.17 -8.33 2.14
N ALA A 18 -0.01 -7.44 3.12
CA ALA A 18 1.02 -7.58 4.15
C ALA A 18 0.96 -8.93 4.85
N ALA A 19 -0.22 -9.27 5.36
CA ALA A 19 -0.40 -10.53 6.08
C ALA A 19 -0.20 -11.72 5.15
N HIS A 20 -0.43 -11.52 3.87
CA HIS A 20 -0.34 -12.60 2.89
C HIS A 20 1.10 -13.13 2.78
N SER A 21 2.07 -12.23 2.71
CA SER A 21 3.47 -12.64 2.58
C SER A 21 4.21 -12.57 3.91
N GLY A 22 3.53 -12.01 4.91
CA GLY A 22 4.07 -11.93 6.25
C GLY A 22 5.26 -10.99 6.38
N PHE A 23 5.15 -9.79 5.83
CA PHE A 23 6.21 -8.80 5.97
C PHE A 23 5.76 -7.66 6.89
N THR A 24 6.72 -6.93 7.42
CA THR A 24 6.45 -5.92 8.45
C THR A 24 6.09 -4.56 7.86
N LEU A 25 4.89 -4.09 8.18
CA LEU A 25 4.43 -2.78 7.75
C LEU A 25 4.68 -1.73 8.85
N SER A 26 5.43 -0.70 8.52
CA SER A 26 5.66 0.41 9.43
C SER A 26 4.85 1.62 8.99
N VAL A 27 3.65 1.74 9.56
CA VAL A 27 2.72 2.77 9.14
C VAL A 27 1.99 3.39 10.34
N ASP A 28 1.90 4.71 10.35
CA ASP A 28 1.15 5.42 11.37
C ASP A 28 -0.28 5.65 10.91
N ALA A 29 -1.23 5.07 11.63
CA ALA A 29 -2.65 5.22 11.35
C ALA A 29 -3.12 6.68 11.44
N SER A 30 -2.79 7.45 10.42
CA SER A 30 -3.16 8.85 10.34
C SER A 30 -3.09 9.28 8.88
N LEU A 31 -1.97 8.97 8.23
CA LEU A 31 -1.85 9.17 6.80
C LEU A 31 -2.86 8.29 6.08
N THR A 32 -2.95 7.05 6.55
CA THR A 32 -3.94 6.11 6.06
C THR A 32 -5.19 6.15 6.93
N ARG A 33 -5.80 7.31 7.01
CA ARG A 33 -7.07 7.46 7.71
C ARG A 33 -8.21 7.54 6.71
N GLY A 34 -9.05 6.50 6.70
CA GLY A 34 -10.22 6.51 5.85
C GLY A 34 -9.87 6.39 4.38
N LYS A 35 -8.82 5.65 4.08
CA LYS A 35 -8.44 5.41 2.70
C LYS A 35 -9.30 4.31 2.12
N GLN A 36 -9.70 4.47 0.87
CA GLN A 36 -10.54 3.49 0.20
C GLN A 36 -10.06 3.28 -1.22
N SER A 37 -9.96 2.04 -1.63
CA SER A 37 -9.49 1.70 -2.96
C SER A 37 -10.53 0.85 -3.67
N ASN A 38 -10.81 1.18 -4.92
CA ASN A 38 -11.82 0.47 -5.72
C ASN A 38 -11.49 -1.02 -5.89
N GLY A 39 -10.26 -1.40 -5.60
CA GLY A 39 -9.92 -2.80 -5.55
C GLY A 39 -8.67 -3.13 -6.32
N LEU A 40 -8.28 -4.40 -6.29
CA LEU A 40 -7.08 -4.88 -6.96
C LEU A 40 -7.21 -6.39 -7.14
N HIS A 41 -7.14 -6.88 -8.37
CA HIS A 41 -7.23 -8.32 -8.59
C HIS A 41 -6.36 -8.78 -9.74
N GLY A 42 -5.20 -9.31 -9.41
CA GLY A 42 -4.34 -9.90 -10.39
C GLY A 42 -3.21 -10.65 -9.74
N ASP A 43 -2.37 -11.27 -10.54
CA ASP A 43 -1.12 -11.84 -10.03
C ASP A 43 -0.10 -10.72 -9.94
N TYR A 44 0.30 -10.37 -8.73
CA TYR A 44 1.16 -9.23 -8.52
C TYR A 44 2.36 -9.58 -7.67
N ASP A 45 3.53 -9.18 -8.15
CA ASP A 45 4.75 -9.24 -7.35
C ASP A 45 4.63 -8.26 -6.19
N VAL A 46 5.45 -8.45 -5.17
CA VAL A 46 5.37 -7.67 -3.95
C VAL A 46 5.31 -6.17 -4.25
N GLU A 47 6.36 -5.66 -4.88
CA GLU A 47 6.46 -4.24 -5.19
C GLU A 47 5.37 -3.81 -6.18
N SER A 48 5.09 -4.65 -7.17
CA SER A 48 4.22 -4.27 -8.27
C SER A 48 2.76 -4.15 -7.82
N GLY A 49 2.40 -4.94 -6.82
CA GLY A 49 1.02 -4.96 -6.36
C GLY A 49 0.75 -3.82 -5.42
N LEU A 50 1.75 -3.43 -4.66
CA LEU A 50 1.61 -2.36 -3.69
C LEU A 50 1.70 -1.02 -4.39
N GLN A 51 2.63 -0.92 -5.34
CA GLN A 51 2.77 0.26 -6.19
C GLN A 51 1.45 0.62 -6.88
N GLN A 52 0.72 -0.39 -7.32
CA GLN A 52 -0.56 -0.18 -7.97
C GLN A 52 -1.53 0.48 -7.01
N LEU A 53 -1.59 -0.07 -5.80
CA LEU A 53 -2.46 0.46 -4.74
C LEU A 53 -2.16 1.92 -4.41
N LEU A 54 -0.95 2.36 -4.74
CA LEU A 54 -0.52 3.73 -4.44
C LEU A 54 -1.19 4.75 -5.36
N ASP A 55 -1.60 4.30 -6.54
CA ASP A 55 -2.19 5.20 -7.52
C ASP A 55 -3.59 5.61 -7.11
N GLY A 56 -3.76 6.88 -6.80
CA GLY A 56 -5.05 7.39 -6.37
C GLY A 56 -4.95 8.15 -5.06
N SER A 57 -3.81 8.02 -4.40
CA SER A 57 -3.58 8.71 -3.14
C SER A 57 -2.40 9.67 -3.28
N GLY A 58 -2.14 10.44 -2.24
CA GLY A 58 -1.03 11.37 -2.27
C GLY A 58 0.05 10.98 -1.29
N LEU A 59 0.20 9.68 -1.10
CA LEU A 59 1.20 9.14 -0.20
C LEU A 59 2.14 8.25 -0.99
N GLN A 60 3.13 7.68 -0.33
CA GLN A 60 4.05 6.79 -1.02
C GLN A 60 4.58 5.74 -0.04
N VAL A 61 4.31 4.49 -0.34
CA VAL A 61 4.81 3.40 0.47
C VAL A 61 6.13 2.91 -0.12
N LYS A 62 7.16 2.87 0.71
CA LYS A 62 8.47 2.46 0.26
C LYS A 62 8.98 1.33 1.13
N PRO A 63 9.54 0.28 0.51
CA PRO A 63 10.18 -0.80 1.24
C PRO A 63 11.29 -0.26 2.14
N LEU A 64 11.10 -0.47 3.44
CA LEU A 64 11.94 0.13 4.47
C LEU A 64 13.41 -0.25 4.31
N GLY A 65 13.68 -1.51 3.99
CA GLY A 65 15.04 -1.95 3.81
C GLY A 65 15.13 -3.41 3.45
N ASN A 66 15.15 -4.26 4.47
CA ASN A 66 15.25 -5.71 4.27
C ASN A 66 14.05 -6.24 3.49
N ASN A 67 12.90 -6.35 4.15
CA ASN A 67 11.68 -6.82 3.49
C ASN A 67 10.45 -6.30 4.25
N SER A 68 10.43 -5.00 4.46
CA SER A 68 9.36 -4.33 5.18
C SER A 68 9.03 -3.05 4.43
N TRP A 69 8.06 -2.29 4.90
CA TRP A 69 7.63 -1.09 4.21
C TRP A 69 7.44 0.03 5.22
N THR A 70 7.50 1.26 4.76
CA THR A 70 7.25 2.40 5.63
C THR A 70 6.50 3.49 4.85
N LEU A 71 5.65 4.24 5.55
CA LEU A 71 4.89 5.31 4.93
C LEU A 71 5.60 6.65 5.06
N GLU A 72 6.22 7.06 3.97
CA GLU A 72 6.81 8.39 3.90
C GLU A 72 5.98 9.31 3.03
N PRO A 73 5.68 10.51 3.53
CA PRO A 73 4.97 11.52 2.76
C PRO A 73 5.77 11.98 1.56
N ALA A 74 5.24 11.68 0.38
CA ALA A 74 5.82 12.12 -0.87
C ALA A 74 4.70 12.49 -1.83
N PRO A 75 3.92 13.51 -1.47
CA PRO A 75 2.69 13.85 -2.17
C PRO A 75 2.95 14.75 -3.38
N ALA A 76 3.67 14.21 -4.36
CA ALA A 76 4.10 14.99 -5.52
C ALA A 76 4.79 16.25 -5.04
N PRO A 77 5.94 16.09 -4.36
CA PRO A 77 6.58 17.16 -3.64
C PRO A 77 7.45 18.04 -4.52
N LYS A 78 6.83 19.04 -5.13
CA LYS A 78 7.53 20.01 -5.96
C LYS A 78 8.18 21.07 -5.07
N GLU A 79 9.01 20.60 -4.14
CA GLU A 79 9.65 21.45 -3.15
C GLU A 79 10.65 22.39 -3.80
N ASP A 80 11.10 22.01 -4.99
CA ASP A 80 11.94 22.88 -5.79
C ASP A 80 11.06 23.68 -6.74
N ALA A 1 1.34 -14.14 -6.13
CA ALA A 1 0.40 -15.19 -5.69
C ALA A 1 -1.05 -14.70 -5.74
N GLN A 2 -1.32 -13.76 -6.65
CA GLN A 2 -2.65 -13.16 -6.80
C GLN A 2 -3.02 -12.29 -5.60
N VAL A 3 -3.26 -11.03 -5.88
CA VAL A 3 -3.66 -10.07 -4.87
C VAL A 3 -5.16 -9.85 -4.97
N ASN A 4 -5.86 -9.92 -3.85
CA ASN A 4 -7.31 -9.86 -3.85
C ASN A 4 -7.79 -8.72 -2.97
N ILE A 5 -8.12 -7.61 -3.62
CA ILE A 5 -8.62 -6.45 -2.91
C ILE A 5 -9.90 -5.96 -3.59
N ALA A 6 -10.70 -5.18 -2.89
CA ALA A 6 -11.97 -4.71 -3.39
C ALA A 6 -12.46 -3.55 -2.53
N PRO A 7 -13.58 -2.86 -2.92
CA PRO A 7 -14.12 -1.73 -2.16
C PRO A 7 -14.03 -1.90 -0.65
N GLY A 8 -13.52 -0.87 0.01
CA GLY A 8 -13.33 -0.91 1.44
C GLY A 8 -12.25 0.06 1.87
N SER A 9 -11.94 0.07 3.16
CA SER A 9 -10.89 0.94 3.68
C SER A 9 -9.52 0.49 3.18
N LEU A 10 -8.72 1.44 2.70
CA LEU A 10 -7.38 1.13 2.19
C LEU A 10 -6.53 0.47 3.27
N ASP A 11 -6.79 0.85 4.52
CA ASP A 11 -6.18 0.21 5.68
C ASP A 11 -6.32 -1.30 5.59
N LYS A 12 -7.54 -1.74 5.26
CA LYS A 12 -7.86 -3.15 5.18
C LYS A 12 -7.07 -3.80 4.05
N ALA A 13 -6.84 -3.05 2.97
CA ALA A 13 -6.16 -3.56 1.81
C ALA A 13 -4.71 -3.90 2.12
N LEU A 14 -3.96 -2.91 2.57
CA LEU A 14 -2.57 -3.10 2.95
C LEU A 14 -2.44 -4.13 4.08
N ASN A 15 -3.37 -4.08 5.03
CA ASN A 15 -3.38 -5.03 6.14
C ASN A 15 -3.54 -6.45 5.61
N GLN A 16 -4.36 -6.60 4.58
CA GLN A 16 -4.56 -7.89 3.93
C GLN A 16 -3.25 -8.40 3.33
N TYR A 17 -2.50 -7.52 2.67
CA TYR A 17 -1.24 -7.93 2.05
C TYR A 17 -0.23 -8.24 3.14
N ALA A 18 -0.20 -7.39 4.17
CA ALA A 18 0.67 -7.58 5.32
C ALA A 18 0.44 -8.94 5.96
N ALA A 19 -0.82 -9.28 6.21
CA ALA A 19 -1.17 -10.55 6.84
C ALA A 19 -0.81 -11.73 5.94
N HIS A 20 -0.74 -11.48 4.64
CA HIS A 20 -0.46 -12.53 3.66
C HIS A 20 0.92 -13.16 3.92
N SER A 21 1.95 -12.34 4.04
CA SER A 21 3.30 -12.85 4.22
C SER A 21 3.81 -12.63 5.65
N GLY A 22 2.97 -11.98 6.45
CA GLY A 22 3.26 -11.79 7.87
C GLY A 22 4.51 -10.97 8.13
N PHE A 23 4.65 -9.86 7.44
CA PHE A 23 5.81 -8.99 7.60
C PHE A 23 5.45 -7.74 8.39
N THR A 24 6.45 -6.95 8.74
CA THR A 24 6.25 -5.74 9.50
C THR A 24 6.03 -4.52 8.60
N LEU A 25 4.79 -4.07 8.53
CA LEU A 25 4.45 -2.88 7.78
C LEU A 25 4.48 -1.68 8.72
N SER A 26 5.29 -0.69 8.38
CA SER A 26 5.46 0.47 9.24
C SER A 26 4.63 1.64 8.71
N VAL A 27 3.48 1.86 9.33
CA VAL A 27 2.60 2.94 8.93
C VAL A 27 1.98 3.60 10.16
N ASP A 28 1.96 4.92 10.16
CA ASP A 28 1.36 5.68 11.24
C ASP A 28 -0.14 5.77 11.06
N ALA A 29 -0.88 5.32 12.07
CA ALA A 29 -2.33 5.34 12.06
C ALA A 29 -2.88 6.77 11.94
N SER A 30 -2.94 7.27 10.72
CA SER A 30 -3.44 8.62 10.45
C SER A 30 -3.57 8.83 8.94
N LEU A 31 -2.54 8.41 8.21
CA LEU A 31 -2.46 8.66 6.78
C LEU A 31 -3.60 7.99 6.01
N THR A 32 -3.90 6.74 6.33
CA THR A 32 -4.93 6.01 5.59
C THR A 32 -6.28 6.04 6.30
N ARG A 33 -6.36 6.75 7.43
CA ARG A 33 -7.59 6.80 8.20
C ARG A 33 -8.74 7.35 7.37
N GLY A 34 -9.80 6.57 7.24
CA GLY A 34 -10.99 7.02 6.55
C GLY A 34 -10.87 6.91 5.04
N LYS A 35 -9.84 6.20 4.59
CA LYS A 35 -9.64 6.04 3.15
C LYS A 35 -10.45 4.88 2.62
N GLN A 36 -10.83 4.96 1.36
CA GLN A 36 -11.59 3.91 0.69
C GLN A 36 -10.92 3.63 -0.65
N SER A 37 -10.82 2.36 -1.01
CA SER A 37 -10.22 1.97 -2.26
C SER A 37 -11.12 0.98 -2.98
N ASN A 38 -11.22 1.11 -4.29
CA ASN A 38 -12.02 0.19 -5.09
C ASN A 38 -11.33 -1.15 -5.30
N GLY A 39 -10.11 -1.26 -4.78
CA GLY A 39 -9.45 -2.55 -4.74
C GLY A 39 -8.47 -2.76 -5.87
N LEU A 40 -8.00 -3.99 -6.00
CA LEU A 40 -7.05 -4.38 -7.01
C LEU A 40 -7.13 -5.89 -7.17
N HIS A 41 -7.04 -6.40 -8.39
CA HIS A 41 -7.15 -7.84 -8.61
C HIS A 41 -6.24 -8.30 -9.73
N GLY A 42 -5.09 -8.84 -9.35
CA GLY A 42 -4.16 -9.41 -10.30
C GLY A 42 -3.08 -10.18 -9.58
N ASP A 43 -2.25 -10.91 -10.31
CA ASP A 43 -1.13 -11.61 -9.69
C ASP A 43 0.05 -10.64 -9.62
N TYR A 44 0.14 -9.94 -8.51
CA TYR A 44 1.09 -8.84 -8.37
C TYR A 44 2.26 -9.20 -7.47
N ASP A 45 3.44 -8.79 -7.90
CA ASP A 45 4.63 -8.85 -7.06
C ASP A 45 4.56 -7.74 -6.02
N VAL A 46 5.39 -7.82 -4.99
CA VAL A 46 5.34 -6.88 -3.87
C VAL A 46 5.33 -5.42 -4.33
N GLU A 47 6.45 -4.97 -4.85
CA GLU A 47 6.64 -3.56 -5.18
C GLU A 47 5.64 -3.08 -6.23
N SER A 48 5.40 -3.89 -7.25
CA SER A 48 4.55 -3.49 -8.36
C SER A 48 3.10 -3.41 -7.92
N GLY A 49 2.76 -4.17 -6.89
CA GLY A 49 1.40 -4.19 -6.39
C GLY A 49 1.13 -2.96 -5.56
N LEU A 50 2.15 -2.53 -4.81
CA LEU A 50 2.03 -1.37 -3.95
C LEU A 50 2.00 -0.09 -4.76
N GLN A 51 2.87 -0.02 -5.77
CA GLN A 51 2.94 1.14 -6.67
C GLN A 51 1.58 1.47 -7.27
N GLN A 52 0.92 0.46 -7.83
CA GLN A 52 -0.36 0.66 -8.47
C GLN A 52 -1.44 1.09 -7.47
N LEU A 53 -1.38 0.52 -6.27
CA LEU A 53 -2.33 0.86 -5.21
C LEU A 53 -2.34 2.34 -4.87
N LEU A 54 -1.15 2.95 -4.86
CA LEU A 54 -1.03 4.34 -4.45
C LEU A 54 -0.79 5.28 -5.62
N ASP A 55 -1.06 4.79 -6.82
CA ASP A 55 -0.87 5.58 -8.02
C ASP A 55 -1.87 6.75 -8.08
N GLY A 56 -1.43 7.91 -7.61
CA GLY A 56 -2.25 9.10 -7.68
C GLY A 56 -2.77 9.56 -6.33
N SER A 57 -2.55 8.77 -5.29
CA SER A 57 -3.09 9.08 -3.97
C SER A 57 -2.20 10.07 -3.21
N GLY A 58 -1.09 10.46 -3.82
CA GLY A 58 -0.17 11.39 -3.18
C GLY A 58 0.67 10.72 -2.12
N LEU A 59 0.72 9.40 -2.18
CA LEU A 59 1.48 8.62 -1.23
C LEU A 59 2.47 7.72 -1.97
N GLN A 60 3.39 7.12 -1.22
CA GLN A 60 4.33 6.17 -1.80
C GLN A 60 4.72 5.16 -0.72
N VAL A 61 4.43 3.89 -0.95
CA VAL A 61 4.78 2.86 0.01
C VAL A 61 5.90 2.00 -0.55
N LYS A 62 6.95 1.81 0.24
CA LYS A 62 8.09 1.05 -0.21
C LYS A 62 8.73 0.33 0.98
N PRO A 63 9.47 -0.75 0.71
CA PRO A 63 10.19 -1.48 1.74
C PRO A 63 11.28 -0.64 2.39
N LEU A 64 11.53 -0.91 3.67
CA LEU A 64 12.55 -0.20 4.43
C LEU A 64 13.94 -0.50 3.89
N GLY A 65 14.07 -1.68 3.29
CA GLY A 65 15.34 -2.13 2.74
C GLY A 65 15.39 -3.64 2.77
N ASN A 66 14.54 -4.21 3.62
CA ASN A 66 14.36 -5.64 3.72
C ASN A 66 12.88 -5.97 3.61
N ASN A 67 12.46 -7.13 4.11
CA ASN A 67 11.07 -7.57 3.99
C ASN A 67 10.15 -6.86 5.00
N SER A 68 10.30 -5.54 5.10
CA SER A 68 9.41 -4.72 5.89
C SER A 68 9.21 -3.42 5.13
N TRP A 69 8.22 -2.63 5.50
CA TRP A 69 7.77 -1.53 4.64
C TRP A 69 7.60 -0.26 5.45
N THR A 70 7.47 0.85 4.75
CA THR A 70 7.12 2.12 5.38
C THR A 70 6.27 2.94 4.43
N LEU A 71 5.31 3.68 4.96
CA LEU A 71 4.51 4.55 4.12
C LEU A 71 5.13 5.94 4.12
N GLU A 72 5.84 6.22 3.05
CA GLU A 72 6.54 7.48 2.91
C GLU A 72 5.71 8.50 2.15
N PRO A 73 5.57 9.71 2.68
CA PRO A 73 4.91 10.79 1.97
C PRO A 73 5.75 11.26 0.79
N ALA A 74 5.23 11.03 -0.40
CA ALA A 74 5.91 11.41 -1.63
C ALA A 74 4.88 11.66 -2.72
N PRO A 75 4.18 12.80 -2.64
CA PRO A 75 3.07 13.10 -3.52
C PRO A 75 3.52 13.77 -4.81
N ALA A 76 4.69 13.36 -5.31
CA ALA A 76 5.34 14.01 -6.45
C ALA A 76 5.51 15.49 -6.15
N PRO A 77 6.21 15.82 -5.05
CA PRO A 77 6.26 17.17 -4.51
C PRO A 77 7.08 18.10 -5.39
N LYS A 78 6.37 18.92 -6.18
CA LYS A 78 7.01 19.83 -7.15
C LYS A 78 7.87 19.03 -8.11
N GLU A 79 7.46 17.80 -8.38
CA GLU A 79 8.25 16.88 -9.18
C GLU A 79 7.88 17.00 -10.65
N ASP A 80 8.11 18.18 -11.21
CA ASP A 80 7.90 18.41 -12.62
C ASP A 80 8.89 19.47 -13.11
N ALA A 1 2.42 -15.38 -6.79
CA ALA A 1 2.33 -14.14 -5.98
C ALA A 1 0.95 -13.50 -6.14
N GLN A 2 -0.09 -14.30 -6.01
CA GLN A 2 -1.44 -13.80 -6.18
C GLN A 2 -1.93 -13.13 -4.90
N VAL A 3 -2.82 -12.17 -5.07
CA VAL A 3 -3.37 -11.42 -3.95
C VAL A 3 -4.80 -10.99 -4.28
N ASN A 4 -5.61 -10.75 -3.26
CA ASN A 4 -6.99 -10.36 -3.48
C ASN A 4 -7.30 -9.09 -2.72
N ILE A 5 -7.47 -8.00 -3.46
CA ILE A 5 -7.77 -6.71 -2.89
C ILE A 5 -8.95 -6.09 -3.63
N ALA A 6 -9.72 -5.27 -2.95
CA ALA A 6 -10.96 -4.72 -3.48
C ALA A 6 -11.36 -3.50 -2.65
N PRO A 7 -12.43 -2.74 -3.06
CA PRO A 7 -12.83 -1.51 -2.37
C PRO A 7 -12.70 -1.57 -0.85
N GLY A 8 -12.16 -0.50 -0.28
CA GLY A 8 -11.86 -0.48 1.13
C GLY A 8 -10.72 0.49 1.40
N SER A 9 -10.48 0.80 2.66
CA SER A 9 -9.43 1.73 3.04
C SER A 9 -8.06 1.12 2.73
N LEU A 10 -7.18 1.95 2.18
CA LEU A 10 -5.87 1.53 1.68
C LEU A 10 -5.05 0.86 2.77
N ASP A 11 -5.16 1.36 3.99
CA ASP A 11 -4.49 0.77 5.14
C ASP A 11 -4.84 -0.70 5.28
N LYS A 12 -6.14 -1.01 5.25
CA LYS A 12 -6.58 -2.40 5.31
C LYS A 12 -6.11 -3.17 4.08
N ALA A 13 -6.08 -2.49 2.94
CA ALA A 13 -5.67 -3.14 1.68
C ALA A 13 -4.23 -3.61 1.79
N LEU A 14 -3.34 -2.71 2.17
CA LEU A 14 -1.94 -3.04 2.44
C LEU A 14 -1.84 -4.13 3.50
N ASN A 15 -2.70 -4.05 4.51
CA ASN A 15 -2.72 -5.03 5.59
C ASN A 15 -3.01 -6.42 5.06
N GLN A 16 -3.90 -6.52 4.07
CA GLN A 16 -4.23 -7.79 3.46
C GLN A 16 -3.00 -8.41 2.81
N TYR A 17 -2.19 -7.58 2.15
CA TYR A 17 -0.96 -8.06 1.53
C TYR A 17 0.03 -8.46 2.62
N ALA A 18 0.10 -7.62 3.64
CA ALA A 18 0.94 -7.87 4.80
C ALA A 18 0.64 -9.24 5.41
N ALA A 19 -0.64 -9.54 5.56
CA ALA A 19 -1.08 -10.83 6.09
C ALA A 19 -0.68 -11.99 5.18
N HIS A 20 -0.59 -11.69 3.88
CA HIS A 20 -0.28 -12.70 2.87
C HIS A 20 1.10 -13.33 3.12
N SER A 21 2.14 -12.52 3.20
CA SER A 21 3.48 -13.04 3.37
C SER A 21 3.96 -12.95 4.82
N GLY A 22 3.18 -12.26 5.65
CA GLY A 22 3.49 -12.12 7.06
C GLY A 22 4.71 -11.25 7.32
N PHE A 23 4.68 -10.02 6.81
CA PHE A 23 5.76 -9.08 7.06
C PHE A 23 5.27 -7.93 7.92
N THR A 24 6.22 -7.15 8.44
CA THR A 24 5.89 -6.05 9.33
C THR A 24 5.65 -4.76 8.54
N LEU A 25 4.41 -4.29 8.58
CA LEU A 25 4.01 -3.07 7.90
C LEU A 25 3.95 -1.93 8.91
N SER A 26 4.47 -0.77 8.53
CA SER A 26 4.38 0.41 9.38
C SER A 26 3.27 1.32 8.88
N VAL A 27 2.09 1.21 9.50
CA VAL A 27 0.93 1.97 9.09
C VAL A 27 0.09 2.35 10.31
N ASP A 28 -0.60 3.47 10.23
CA ASP A 28 -1.44 3.94 11.33
C ASP A 28 -2.82 4.31 10.81
N ALA A 29 -3.85 3.67 11.38
CA ALA A 29 -5.25 3.94 11.05
C ALA A 29 -5.67 5.37 11.41
N SER A 30 -5.10 6.34 10.69
CA SER A 30 -5.43 7.75 10.90
C SER A 30 -4.80 8.58 9.77
N LEU A 31 -3.64 8.15 9.31
CA LEU A 31 -2.95 8.82 8.21
C LEU A 31 -3.72 8.63 6.91
N THR A 32 -4.29 7.45 6.75
CA THR A 32 -5.05 7.11 5.55
C THR A 32 -6.54 7.38 5.76
N ARG A 33 -6.85 8.45 6.47
CA ARG A 33 -8.24 8.78 6.79
C ARG A 33 -8.99 9.20 5.54
N GLY A 34 -9.85 8.31 5.06
CA GLY A 34 -10.61 8.59 3.85
C GLY A 34 -9.86 8.19 2.60
N LYS A 35 -8.84 7.35 2.76
CA LYS A 35 -8.06 6.90 1.63
C LYS A 35 -8.43 5.46 1.27
N GLN A 36 -9.36 5.30 0.35
CA GLN A 36 -9.79 3.97 -0.08
C GLN A 36 -9.17 3.63 -1.43
N SER A 37 -9.09 2.34 -1.74
CA SER A 37 -8.53 1.90 -3.00
C SER A 37 -9.53 0.97 -3.68
N ASN A 38 -9.74 1.16 -4.97
CA ASN A 38 -10.74 0.40 -5.73
C ASN A 38 -10.40 -1.08 -5.87
N GLY A 39 -9.17 -1.45 -5.54
CA GLY A 39 -8.83 -2.86 -5.47
C GLY A 39 -7.66 -3.27 -6.33
N LEU A 40 -7.26 -4.53 -6.20
CA LEU A 40 -6.10 -5.06 -6.90
C LEU A 40 -6.20 -6.59 -6.91
N HIS A 41 -6.24 -7.22 -8.07
CA HIS A 41 -6.34 -8.66 -8.12
C HIS A 41 -5.55 -9.25 -9.28
N GLY A 42 -4.37 -9.73 -8.96
CA GLY A 42 -3.52 -10.36 -9.95
C GLY A 42 -2.36 -11.06 -9.30
N ASP A 43 -1.48 -11.64 -10.11
CA ASP A 43 -0.23 -12.19 -9.62
C ASP A 43 0.83 -11.11 -9.62
N TYR A 44 0.76 -10.23 -8.65
CA TYR A 44 1.62 -9.05 -8.61
C TYR A 44 2.81 -9.26 -7.70
N ASP A 45 3.98 -8.96 -8.24
CA ASP A 45 5.21 -8.99 -7.46
C ASP A 45 5.20 -7.81 -6.48
N VAL A 46 6.05 -7.88 -5.46
CA VAL A 46 6.04 -6.91 -4.37
C VAL A 46 5.99 -5.46 -4.87
N GLU A 47 7.03 -5.02 -5.57
CA GLU A 47 7.12 -3.63 -6.03
C GLU A 47 5.92 -3.25 -6.91
N SER A 48 5.44 -4.20 -7.71
CA SER A 48 4.38 -3.94 -8.66
C SER A 48 3.05 -3.74 -7.95
N GLY A 49 2.87 -4.47 -6.85
CA GLY A 49 1.60 -4.44 -6.14
C GLY A 49 1.33 -3.10 -5.50
N LEU A 50 2.33 -2.56 -4.81
CA LEU A 50 2.17 -1.29 -4.12
C LEU A 50 2.03 -0.15 -5.12
N GLN A 51 2.76 -0.24 -6.22
CA GLN A 51 2.69 0.77 -7.28
C GLN A 51 1.25 0.96 -7.76
N GLN A 52 0.56 -0.15 -7.99
CA GLN A 52 -0.84 -0.11 -8.43
C GLN A 52 -1.74 0.48 -7.36
N LEU A 53 -1.55 0.00 -6.13
CA LEU A 53 -2.37 0.46 -4.99
C LEU A 53 -2.29 1.97 -4.78
N LEU A 54 -1.15 2.56 -5.16
CA LEU A 54 -0.92 3.99 -4.95
C LEU A 54 -1.64 4.85 -5.98
N ASP A 55 -2.24 4.21 -6.99
CA ASP A 55 -2.94 4.94 -8.05
C ASP A 55 -4.18 5.64 -7.50
N GLY A 56 -4.01 6.90 -7.14
CA GLY A 56 -5.10 7.66 -6.59
C GLY A 56 -4.67 8.48 -5.39
N SER A 57 -3.63 8.03 -4.72
CA SER A 57 -3.09 8.74 -3.57
C SER A 57 -1.90 9.59 -4.01
N GLY A 58 -1.42 10.44 -3.10
CA GLY A 58 -0.29 11.28 -3.40
C GLY A 58 0.94 10.90 -2.62
N LEU A 59 0.75 10.10 -1.57
CA LEU A 59 1.84 9.61 -0.76
C LEU A 59 2.35 8.28 -1.30
N GLN A 60 3.33 7.66 -0.66
CA GLN A 60 4.04 6.55 -1.27
C GLN A 60 4.38 5.49 -0.22
N VAL A 61 3.88 4.28 -0.43
CA VAL A 61 4.19 3.17 0.44
C VAL A 61 5.32 2.36 -0.18
N LYS A 62 6.38 2.10 0.58
CA LYS A 62 7.50 1.35 0.05
C LYS A 62 8.17 0.49 1.12
N PRO A 63 8.82 -0.60 0.71
CA PRO A 63 9.62 -1.44 1.60
C PRO A 63 10.73 -0.66 2.27
N LEU A 64 10.86 -0.86 3.59
CA LEU A 64 11.83 -0.12 4.40
C LEU A 64 13.26 -0.49 4.04
N GLY A 65 13.44 -1.73 3.58
CA GLY A 65 14.75 -2.19 3.19
C GLY A 65 14.76 -3.70 3.02
N ASN A 66 14.36 -4.40 4.07
CA ASN A 66 14.16 -5.84 4.01
C ASN A 66 12.77 -6.12 3.46
N ASN A 67 12.29 -7.34 3.62
CA ASN A 67 10.94 -7.68 3.17
C ASN A 67 9.91 -7.16 4.19
N SER A 68 9.94 -5.86 4.41
CA SER A 68 8.99 -5.16 5.28
C SER A 68 8.78 -3.77 4.71
N TRP A 69 7.87 -3.00 5.28
CA TRP A 69 7.40 -1.80 4.60
C TRP A 69 7.29 -0.64 5.58
N THR A 70 7.14 0.56 5.05
CA THR A 70 6.88 1.73 5.87
C THR A 70 5.98 2.70 5.11
N LEU A 71 5.17 3.47 5.84
CA LEU A 71 4.29 4.44 5.21
C LEU A 71 4.97 5.81 5.15
N GLU A 72 5.40 6.13 3.95
CA GLU A 72 6.06 7.40 3.70
C GLU A 72 5.07 8.48 3.28
N PRO A 73 4.97 9.55 4.08
CA PRO A 73 4.16 10.70 3.75
C PRO A 73 4.89 11.68 2.83
N ALA A 74 4.38 11.83 1.62
CA ALA A 74 4.93 12.78 0.65
C ALA A 74 3.92 13.01 -0.46
N PRO A 75 2.88 13.80 -0.18
CA PRO A 75 1.72 13.93 -1.06
C PRO A 75 1.90 14.99 -2.15
N ALA A 76 1.50 16.21 -1.84
CA ALA A 76 1.70 17.34 -2.74
C ALA A 76 2.61 18.35 -2.06
N PRO A 77 3.88 17.98 -1.88
CA PRO A 77 4.82 18.73 -1.07
C PRO A 77 5.61 19.72 -1.90
N LYS A 78 4.88 20.51 -2.68
CA LYS A 78 5.46 21.54 -3.52
C LYS A 78 5.96 22.70 -2.65
N GLU A 79 5.08 23.18 -1.78
CA GLU A 79 5.39 24.32 -0.94
C GLU A 79 5.54 23.92 0.52
N ASP A 80 6.80 23.81 0.95
CA ASP A 80 7.14 23.50 2.34
C ASP A 80 8.64 23.57 2.52
N ALA A 1 2.39 -14.98 -8.59
CA ALA A 1 1.76 -14.63 -7.31
C ALA A 1 0.53 -13.76 -7.55
N GLN A 2 -0.65 -14.35 -7.43
CA GLN A 2 -1.88 -13.62 -7.66
C GLN A 2 -2.19 -12.69 -6.49
N VAL A 3 -2.82 -11.58 -6.79
CA VAL A 3 -3.19 -10.60 -5.79
C VAL A 3 -4.68 -10.28 -5.92
N ASN A 4 -5.36 -10.21 -4.79
CA ASN A 4 -6.80 -10.03 -4.80
C ASN A 4 -7.18 -8.86 -3.90
N ILE A 5 -7.37 -7.71 -4.51
CA ILE A 5 -7.70 -6.49 -3.78
C ILE A 5 -9.02 -5.93 -4.31
N ALA A 6 -9.71 -5.16 -3.49
CA ALA A 6 -11.01 -4.61 -3.83
C ALA A 6 -11.34 -3.45 -2.90
N PRO A 7 -12.32 -2.60 -3.26
CA PRO A 7 -12.65 -1.39 -2.49
C PRO A 7 -12.88 -1.68 -1.01
N GLY A 8 -12.22 -0.89 -0.17
CA GLY A 8 -12.32 -1.09 1.26
C GLY A 8 -11.21 -0.39 2.02
N SER A 9 -10.92 0.86 1.61
CA SER A 9 -9.84 1.66 2.23
C SER A 9 -8.46 1.06 1.97
N LEU A 10 -7.53 1.90 1.53
CA LEU A 10 -6.17 1.48 1.21
C LEU A 10 -5.49 0.86 2.43
N ASP A 11 -5.79 1.43 3.59
CA ASP A 11 -5.26 0.93 4.87
C ASP A 11 -5.47 -0.58 5.01
N LYS A 12 -6.71 -1.02 4.86
CA LYS A 12 -7.03 -2.44 4.96
C LYS A 12 -6.39 -3.23 3.82
N ALA A 13 -6.27 -2.60 2.66
CA ALA A 13 -5.75 -3.28 1.48
C ALA A 13 -4.30 -3.71 1.70
N LEU A 14 -3.47 -2.76 2.10
CA LEU A 14 -2.07 -3.04 2.42
C LEU A 14 -1.97 -4.07 3.55
N ASN A 15 -2.85 -3.94 4.54
CA ASN A 15 -2.86 -4.86 5.68
C ASN A 15 -3.11 -6.29 5.21
N GLN A 16 -4.01 -6.44 4.25
CA GLN A 16 -4.32 -7.75 3.67
C GLN A 16 -3.08 -8.40 3.08
N TYR A 17 -2.38 -7.65 2.23
CA TYR A 17 -1.23 -8.17 1.51
C TYR A 17 -0.11 -8.47 2.51
N ALA A 18 0.02 -7.58 3.50
CA ALA A 18 0.96 -7.76 4.60
C ALA A 18 0.75 -9.09 5.32
N ALA A 19 -0.50 -9.36 5.69
CA ALA A 19 -0.85 -10.58 6.42
C ALA A 19 -0.59 -11.82 5.59
N HIS A 20 -0.58 -11.65 4.28
CA HIS A 20 -0.42 -12.77 3.35
C HIS A 20 0.93 -13.47 3.54
N SER A 21 2.01 -12.70 3.62
CA SER A 21 3.34 -13.30 3.80
C SER A 21 3.81 -13.15 5.24
N GLY A 22 3.02 -12.45 6.04
CA GLY A 22 3.33 -12.27 7.45
C GLY A 22 4.54 -11.40 7.70
N PHE A 23 4.62 -10.26 7.03
CA PHE A 23 5.71 -9.33 7.24
C PHE A 23 5.22 -8.12 8.02
N THR A 24 6.15 -7.40 8.64
CA THR A 24 5.81 -6.30 9.53
C THR A 24 5.67 -4.98 8.78
N LEU A 25 4.49 -4.40 8.85
CA LEU A 25 4.22 -3.12 8.21
C LEU A 25 4.40 -1.96 9.19
N SER A 26 4.91 -0.86 8.69
CA SER A 26 5.01 0.36 9.47
C SER A 26 4.11 1.42 8.84
N VAL A 27 2.87 1.49 9.31
CA VAL A 27 1.91 2.44 8.78
C VAL A 27 0.95 2.86 9.88
N ASP A 28 0.82 4.16 10.09
CA ASP A 28 -0.03 4.67 11.15
C ASP A 28 -1.45 4.87 10.64
N ALA A 29 -2.42 4.41 11.44
CA ALA A 29 -3.84 4.57 11.14
C ALA A 29 -4.25 6.05 11.08
N SER A 30 -3.81 6.72 10.02
CA SER A 30 -4.13 8.12 9.79
C SER A 30 -3.72 8.51 8.38
N LEU A 31 -2.53 8.07 7.98
CA LEU A 31 -2.01 8.30 6.64
C LEU A 31 -2.86 7.56 5.62
N THR A 32 -3.15 6.30 5.93
CA THR A 32 -3.93 5.44 5.06
C THR A 32 -5.42 5.51 5.37
N ARG A 33 -5.76 6.26 6.40
CA ARG A 33 -7.14 6.38 6.84
C ARG A 33 -7.85 7.48 6.07
N GLY A 34 -9.01 7.16 5.53
CA GLY A 34 -9.79 8.15 4.83
C GLY A 34 -9.78 7.95 3.33
N LYS A 35 -8.78 7.23 2.84
CA LYS A 35 -8.64 6.99 1.41
C LYS A 35 -8.80 5.52 1.06
N GLN A 36 -9.52 5.28 -0.01
CA GLN A 36 -9.82 3.92 -0.45
C GLN A 36 -8.96 3.53 -1.65
N SER A 37 -8.77 2.24 -1.84
CA SER A 37 -8.14 1.72 -3.03
C SER A 37 -9.18 0.85 -3.71
N ASN A 38 -9.53 1.20 -4.93
CA ASN A 38 -10.68 0.63 -5.60
C ASN A 38 -10.46 -0.81 -6.05
N GLY A 39 -9.25 -1.29 -5.89
CA GLY A 39 -9.02 -2.72 -5.99
C GLY A 39 -7.92 -3.09 -6.97
N LEU A 40 -7.60 -4.38 -7.04
CA LEU A 40 -6.54 -4.88 -7.89
C LEU A 40 -6.75 -6.37 -8.12
N HIS A 41 -6.72 -6.82 -9.37
CA HIS A 41 -6.83 -8.25 -9.66
C HIS A 41 -5.85 -8.64 -10.76
N GLY A 42 -4.71 -9.15 -10.36
CA GLY A 42 -3.73 -9.65 -11.30
C GLY A 42 -2.62 -10.41 -10.62
N ASP A 43 -1.57 -10.72 -11.36
CA ASP A 43 -0.39 -11.34 -10.79
C ASP A 43 0.66 -10.26 -10.52
N TYR A 44 0.92 -10.00 -9.26
CA TYR A 44 1.73 -8.84 -8.89
C TYR A 44 2.80 -9.20 -7.86
N ASP A 45 4.01 -8.72 -8.11
CA ASP A 45 5.10 -8.83 -7.16
C ASP A 45 5.02 -7.64 -6.20
N VAL A 46 5.81 -7.68 -5.13
CA VAL A 46 5.72 -6.69 -4.05
C VAL A 46 5.64 -5.24 -4.58
N GLU A 47 6.75 -4.75 -5.13
CA GLU A 47 6.80 -3.37 -5.64
C GLU A 47 5.74 -3.09 -6.70
N SER A 48 5.42 -4.08 -7.51
CA SER A 48 4.50 -3.88 -8.62
C SER A 48 3.07 -3.71 -8.12
N GLY A 49 2.72 -4.50 -7.11
CA GLY A 49 1.36 -4.51 -6.62
C GLY A 49 1.06 -3.27 -5.82
N LEU A 50 2.01 -2.88 -4.98
CA LEU A 50 1.86 -1.71 -4.14
C LEU A 50 1.69 -0.45 -4.98
N GLN A 51 2.42 -0.38 -6.10
CA GLN A 51 2.37 0.76 -6.99
C GLN A 51 0.95 0.99 -7.50
N GLN A 52 0.30 -0.07 -7.96
CA GLN A 52 -1.06 0.04 -8.48
C GLN A 52 -2.06 0.35 -7.37
N LEU A 53 -1.85 -0.26 -6.20
CA LEU A 53 -2.71 -0.04 -5.04
C LEU A 53 -2.78 1.43 -4.66
N LEU A 54 -1.71 2.16 -4.93
CA LEU A 54 -1.62 3.56 -4.55
C LEU A 54 -2.42 4.47 -5.48
N ASP A 55 -2.93 3.90 -6.57
CA ASP A 55 -3.65 4.68 -7.56
C ASP A 55 -4.95 5.24 -6.97
N GLY A 56 -5.04 6.56 -6.95
CA GLY A 56 -6.19 7.21 -6.35
C GLY A 56 -5.80 7.96 -5.09
N SER A 57 -4.73 7.53 -4.45
CA SER A 57 -4.27 8.16 -3.22
C SER A 57 -2.97 8.93 -3.49
N GLY A 58 -2.57 9.73 -2.52
CA GLY A 58 -1.35 10.51 -2.66
C GLY A 58 -0.30 10.05 -1.66
N LEU A 59 -0.08 8.75 -1.62
CA LEU A 59 0.88 8.17 -0.69
C LEU A 59 1.91 7.34 -1.44
N GLN A 60 2.90 6.85 -0.73
CA GLN A 60 3.91 5.98 -1.29
C GLN A 60 4.39 5.00 -0.23
N VAL A 61 4.20 3.71 -0.47
CA VAL A 61 4.66 2.70 0.46
C VAL A 61 6.03 2.20 0.01
N LYS A 62 7.01 2.30 0.90
CA LYS A 62 8.38 2.01 0.54
C LYS A 62 8.95 0.91 1.44
N PRO A 63 9.63 -0.07 0.83
CA PRO A 63 10.31 -1.14 1.56
C PRO A 63 11.41 -0.61 2.46
N LEU A 64 11.36 -1.02 3.72
CA LEU A 64 12.30 -0.56 4.73
C LEU A 64 13.69 -1.11 4.42
N GLY A 65 13.77 -2.40 4.15
CA GLY A 65 15.03 -3.01 3.80
C GLY A 65 14.88 -4.46 3.43
N ASN A 66 14.61 -5.30 4.42
CA ASN A 66 14.50 -6.74 4.19
C ASN A 66 13.08 -7.13 3.83
N ASN A 67 12.23 -7.21 4.85
CA ASN A 67 10.86 -7.68 4.66
C ASN A 67 9.88 -6.82 5.47
N SER A 68 10.13 -5.53 5.49
CA SER A 68 9.24 -4.60 6.16
C SER A 68 9.09 -3.36 5.29
N TRP A 69 8.12 -2.52 5.61
CA TRP A 69 7.81 -1.37 4.77
C TRP A 69 7.46 -0.21 5.68
N THR A 70 7.43 1.00 5.15
CA THR A 70 6.95 2.14 5.90
C THR A 70 6.23 3.10 4.95
N LEU A 71 5.25 3.82 5.47
CA LEU A 71 4.45 4.70 4.63
C LEU A 71 5.04 6.12 4.64
N GLU A 72 5.72 6.45 3.57
CA GLU A 72 6.23 7.80 3.36
C GLU A 72 5.28 8.59 2.46
N PRO A 73 4.80 9.73 2.96
CA PRO A 73 3.91 10.60 2.18
C PRO A 73 4.59 11.13 0.91
N ALA A 74 4.08 10.71 -0.23
CA ALA A 74 4.60 11.14 -1.51
C ALA A 74 3.49 11.12 -2.55
N PRO A 75 2.77 12.24 -2.67
CA PRO A 75 1.60 12.34 -3.51
C PRO A 75 1.94 12.72 -4.95
N ALA A 76 2.14 14.01 -5.17
CA ALA A 76 2.61 14.53 -6.44
C ALA A 76 3.82 15.38 -6.17
N PRO A 77 4.93 14.75 -5.77
CA PRO A 77 6.10 15.43 -5.23
C PRO A 77 7.08 15.79 -6.34
N LYS A 78 6.65 16.69 -7.20
CA LYS A 78 7.41 17.12 -8.37
C LYS A 78 7.62 18.63 -8.33
N GLU A 79 8.19 19.16 -9.39
CA GLU A 79 8.36 20.61 -9.52
C GLU A 79 7.23 21.16 -10.40
N ASP A 80 6.01 20.82 -10.01
CA ASP A 80 4.83 21.16 -10.78
C ASP A 80 3.73 21.66 -9.85
N ALA A 1 3.15 -14.76 -6.80
CA ALA A 1 2.86 -13.36 -7.19
C ALA A 1 1.40 -13.20 -7.56
N GLN A 2 0.53 -13.16 -6.57
CA GLN A 2 -0.89 -12.96 -6.79
C GLN A 2 -1.56 -12.38 -5.55
N VAL A 3 -2.61 -11.60 -5.77
CA VAL A 3 -3.33 -10.94 -4.68
C VAL A 3 -4.82 -10.98 -4.93
N ASN A 4 -5.60 -10.96 -3.86
CA ASN A 4 -7.05 -10.90 -3.96
C ASN A 4 -7.57 -9.76 -3.11
N ILE A 5 -7.82 -8.63 -3.76
CA ILE A 5 -8.27 -7.43 -3.07
C ILE A 5 -9.43 -6.80 -3.82
N ALA A 6 -10.58 -6.73 -3.15
CA ALA A 6 -11.78 -6.17 -3.74
C ALA A 6 -11.73 -4.65 -3.65
N PRO A 7 -12.65 -3.92 -4.30
CA PRO A 7 -12.83 -2.51 -4.03
C PRO A 7 -13.08 -2.28 -2.55
N GLY A 8 -12.53 -1.22 -1.98
CA GLY A 8 -12.52 -1.07 -0.55
C GLY A 8 -11.70 0.14 -0.13
N SER A 9 -10.87 -0.01 0.88
CA SER A 9 -10.01 1.08 1.32
C SER A 9 -8.55 0.63 1.35
N LEU A 10 -7.60 1.57 1.23
CA LEU A 10 -6.18 1.21 1.27
C LEU A 10 -5.83 0.45 2.54
N ASP A 11 -6.44 0.89 3.65
CA ASP A 11 -6.25 0.26 4.96
C ASP A 11 -6.37 -1.26 4.88
N LYS A 12 -7.51 -1.74 4.38
CA LYS A 12 -7.75 -3.18 4.29
C LYS A 12 -6.78 -3.83 3.30
N ALA A 13 -6.38 -3.09 2.27
CA ALA A 13 -5.51 -3.62 1.23
C ALA A 13 -4.13 -3.95 1.80
N LEU A 14 -3.48 -2.93 2.37
CA LEU A 14 -2.18 -3.10 3.02
C LEU A 14 -2.26 -4.11 4.16
N ASN A 15 -3.35 -4.06 4.91
CA ASN A 15 -3.59 -5.00 6.00
C ASN A 15 -3.55 -6.43 5.47
N GLN A 16 -4.17 -6.62 4.31
CA GLN A 16 -4.21 -7.91 3.66
C GLN A 16 -2.81 -8.39 3.29
N TYR A 17 -2.02 -7.50 2.65
CA TYR A 17 -0.73 -7.92 2.12
C TYR A 17 0.27 -8.20 3.23
N ALA A 18 0.23 -7.41 4.30
CA ALA A 18 1.09 -7.63 5.45
C ALA A 18 1.06 -9.09 5.90
N ALA A 19 -0.13 -9.65 5.96
CA ALA A 19 -0.32 -11.05 6.35
C ALA A 19 0.34 -12.02 5.37
N HIS A 20 0.58 -11.57 4.14
CA HIS A 20 1.12 -12.43 3.09
C HIS A 20 2.46 -13.03 3.49
N SER A 21 3.46 -12.17 3.71
CA SER A 21 4.79 -12.63 4.06
C SER A 21 5.05 -12.54 5.56
N GLY A 22 4.13 -11.89 6.27
CA GLY A 22 4.27 -11.73 7.71
C GLY A 22 5.33 -10.71 8.08
N PHE A 23 5.18 -9.50 7.57
CA PHE A 23 6.17 -8.44 7.81
C PHE A 23 5.55 -7.28 8.59
N THR A 24 6.39 -6.34 9.00
CA THR A 24 5.93 -5.20 9.76
C THR A 24 5.64 -4.01 8.85
N LEU A 25 4.36 -3.67 8.73
CA LEU A 25 3.96 -2.52 7.93
C LEU A 25 3.86 -1.30 8.83
N SER A 26 4.67 -0.31 8.54
CA SER A 26 4.76 0.88 9.40
C SER A 26 4.06 2.06 8.77
N VAL A 27 2.87 2.36 9.27
CA VAL A 27 2.10 3.50 8.80
C VAL A 27 1.44 4.23 9.97
N ASP A 28 1.63 5.54 10.00
CA ASP A 28 1.00 6.39 11.00
C ASP A 28 -0.49 6.52 10.72
N ALA A 29 -1.30 6.11 11.69
CA ALA A 29 -2.76 6.21 11.61
C ALA A 29 -3.23 7.66 11.45
N SER A 30 -3.09 8.17 10.24
CA SER A 30 -3.52 9.52 9.90
C SER A 30 -3.33 9.75 8.40
N LEU A 31 -2.31 9.09 7.84
CA LEU A 31 -2.01 9.20 6.42
C LEU A 31 -3.16 8.66 5.58
N THR A 32 -3.57 7.44 5.88
CA THR A 32 -4.66 6.78 5.18
C THR A 32 -5.98 7.03 5.89
N ARG A 33 -6.33 8.30 6.03
CA ARG A 33 -7.61 8.69 6.61
C ARG A 33 -8.74 8.37 5.64
N GLY A 34 -9.49 7.32 5.94
CA GLY A 34 -10.45 6.80 4.99
C GLY A 34 -9.75 6.19 3.80
N LYS A 35 -9.56 7.00 2.75
CA LYS A 35 -8.73 6.66 1.60
C LYS A 35 -9.12 5.30 1.01
N GLN A 36 -9.99 5.31 0.01
CA GLN A 36 -10.51 4.07 -0.53
C GLN A 36 -9.80 3.73 -1.83
N SER A 37 -9.74 2.45 -2.17
CA SER A 37 -9.09 2.01 -3.37
C SER A 37 -10.06 1.12 -4.15
N ASN A 38 -10.08 1.30 -5.46
CA ASN A 38 -10.98 0.53 -6.32
C ASN A 38 -10.64 -0.96 -6.32
N GLY A 39 -9.52 -1.31 -5.71
CA GLY A 39 -9.19 -2.70 -5.50
C GLY A 39 -7.92 -3.12 -6.19
N LEU A 40 -7.58 -4.39 -6.08
CA LEU A 40 -6.37 -4.92 -6.69
C LEU A 40 -6.53 -6.43 -6.83
N HIS A 41 -6.67 -6.91 -8.05
CA HIS A 41 -6.85 -8.35 -8.26
C HIS A 41 -6.18 -8.80 -9.55
N GLY A 42 -4.99 -9.34 -9.37
CA GLY A 42 -4.23 -9.89 -10.47
C GLY A 42 -3.04 -10.65 -9.98
N ASP A 43 -2.16 -11.03 -10.90
CA ASP A 43 -0.90 -11.63 -10.53
C ASP A 43 0.09 -10.55 -10.18
N TYR A 44 -0.08 -9.98 -8.99
CA TYR A 44 0.75 -8.90 -8.52
C TYR A 44 1.65 -9.35 -7.38
N ASP A 45 2.94 -9.21 -7.55
CA ASP A 45 3.89 -9.48 -6.49
C ASP A 45 4.10 -8.19 -5.67
N VAL A 46 5.15 -8.13 -4.88
CA VAL A 46 5.36 -7.03 -3.93
C VAL A 46 5.29 -5.65 -4.60
N GLU A 47 6.31 -5.31 -5.40
CA GLU A 47 6.44 -3.96 -5.96
C GLU A 47 5.28 -3.57 -6.86
N SER A 48 4.84 -4.50 -7.70
CA SER A 48 3.82 -4.19 -8.70
C SER A 48 2.47 -3.94 -8.05
N GLY A 49 2.24 -4.58 -6.91
CA GLY A 49 0.98 -4.44 -6.21
C GLY A 49 0.94 -3.16 -5.42
N LEU A 50 2.11 -2.73 -4.96
CA LEU A 50 2.25 -1.53 -4.18
C LEU A 50 2.09 -0.30 -5.06
N GLN A 51 2.77 -0.31 -6.20
CA GLN A 51 2.69 0.78 -7.16
C GLN A 51 1.24 1.06 -7.56
N GLN A 52 0.47 0.00 -7.78
CA GLN A 52 -0.93 0.15 -8.17
C GLN A 52 -1.74 0.84 -7.07
N LEU A 53 -1.58 0.36 -5.83
CA LEU A 53 -2.30 0.92 -4.69
C LEU A 53 -2.01 2.41 -4.48
N LEU A 54 -0.85 2.86 -4.98
CA LEU A 54 -0.44 4.25 -4.78
C LEU A 54 -1.17 5.21 -5.73
N ASP A 55 -1.72 4.67 -6.82
CA ASP A 55 -2.38 5.51 -7.83
C ASP A 55 -3.61 6.18 -7.26
N GLY A 56 -3.47 7.45 -6.92
CA GLY A 56 -4.56 8.19 -6.31
C GLY A 56 -4.15 8.80 -4.97
N SER A 57 -2.93 8.51 -4.56
CA SER A 57 -2.40 9.03 -3.31
C SER A 57 -1.18 9.90 -3.56
N GLY A 58 -0.73 10.59 -2.53
CA GLY A 58 0.51 11.32 -2.61
C GLY A 58 1.52 10.73 -1.65
N LEU A 59 1.34 9.46 -1.32
CA LEU A 59 2.24 8.78 -0.42
C LEU A 59 3.20 7.91 -1.19
N GLN A 60 4.15 7.30 -0.49
CA GLN A 60 5.06 6.35 -1.08
C GLN A 60 5.16 5.12 -0.18
N VAL A 61 4.77 3.96 -0.69
CA VAL A 61 4.93 2.73 0.05
C VAL A 61 6.32 2.18 -0.23
N LYS A 62 7.15 2.18 0.80
CA LYS A 62 8.55 1.89 0.64
C LYS A 62 9.03 0.94 1.71
N PRO A 63 9.73 -0.14 1.33
CA PRO A 63 10.31 -1.07 2.28
C PRO A 63 11.22 -0.34 3.28
N LEU A 64 11.02 -0.62 4.56
CA LEU A 64 11.75 0.06 5.62
C LEU A 64 13.24 -0.25 5.50
N GLY A 65 13.53 -1.47 5.06
CA GLY A 65 14.90 -1.87 4.84
C GLY A 65 14.97 -3.31 4.41
N ASN A 66 14.46 -4.19 5.26
CA ASN A 66 14.42 -5.61 4.97
C ASN A 66 13.11 -6.23 5.44
N ASN A 67 12.42 -6.90 4.51
CA ASN A 67 11.21 -7.68 4.80
C ASN A 67 9.98 -6.80 5.01
N SER A 68 10.15 -5.65 5.63
CA SER A 68 9.03 -4.85 6.11
C SER A 68 8.94 -3.53 5.35
N TRP A 69 7.95 -2.71 5.65
CA TRP A 69 7.64 -1.54 4.84
C TRP A 69 7.30 -0.34 5.73
N THR A 70 7.25 0.84 5.12
CA THR A 70 6.71 2.01 5.78
C THR A 70 6.10 2.94 4.74
N LEU A 71 5.09 3.71 5.12
CA LEU A 71 4.53 4.70 4.21
C LEU A 71 5.21 6.04 4.42
N GLU A 72 6.11 6.37 3.51
CA GLU A 72 6.81 7.63 3.54
C GLU A 72 6.02 8.70 2.80
N PRO A 73 5.63 9.77 3.49
CA PRO A 73 4.92 10.88 2.88
C PRO A 73 5.86 11.74 2.06
N ALA A 74 5.63 11.75 0.75
CA ALA A 74 6.44 12.51 -0.18
C ALA A 74 5.69 12.63 -1.50
N PRO A 75 4.68 13.51 -1.53
CA PRO A 75 3.75 13.59 -2.65
C PRO A 75 4.30 14.38 -3.83
N ALA A 76 5.47 13.97 -4.32
CA ALA A 76 6.18 14.70 -5.37
C ALA A 76 6.33 16.17 -4.98
N PRO A 77 7.14 16.43 -3.95
CA PRO A 77 7.30 17.74 -3.35
C PRO A 77 8.44 18.50 -4.02
N LYS A 78 8.30 19.82 -4.11
CA LYS A 78 9.19 20.60 -4.93
C LYS A 78 9.82 21.75 -4.16
N GLU A 79 8.99 22.57 -3.56
CA GLU A 79 9.47 23.64 -2.70
C GLU A 79 8.36 24.02 -1.73
N ASP A 80 7.53 23.03 -1.49
CA ASP A 80 6.32 23.20 -0.72
C ASP A 80 6.21 22.09 0.32
N ALA A 1 -4.08 -15.63 -8.61
CA ALA A 1 -4.77 -14.40 -8.14
C ALA A 1 -4.18 -13.96 -6.82
N GLN A 2 -3.15 -13.12 -6.88
CA GLN A 2 -2.40 -12.75 -5.69
C GLN A 2 -3.23 -11.88 -4.76
N VAL A 3 -3.67 -10.78 -5.29
CA VAL A 3 -4.39 -9.78 -4.52
C VAL A 3 -5.83 -9.64 -5.00
N ASN A 4 -6.74 -9.65 -4.05
CA ASN A 4 -8.15 -9.42 -4.32
C ASN A 4 -8.66 -8.39 -3.34
N ILE A 5 -8.70 -7.14 -3.78
CA ILE A 5 -8.99 -6.04 -2.88
C ILE A 5 -10.22 -5.27 -3.33
N ALA A 6 -11.11 -5.01 -2.37
CA ALA A 6 -12.32 -4.23 -2.63
C ALA A 6 -11.98 -2.75 -2.78
N PRO A 7 -12.84 -1.97 -3.45
CA PRO A 7 -12.63 -0.53 -3.63
C PRO A 7 -12.84 0.27 -2.34
N GLY A 8 -12.12 -0.10 -1.29
CA GLY A 8 -12.28 0.57 -0.01
C GLY A 8 -10.97 1.11 0.54
N SER A 9 -10.98 1.38 1.84
CA SER A 9 -9.84 1.95 2.56
C SER A 9 -8.53 1.25 2.21
N LEU A 10 -7.55 2.05 1.78
CA LEU A 10 -6.23 1.55 1.40
C LEU A 10 -5.55 0.87 2.58
N ASP A 11 -5.89 1.33 3.78
CA ASP A 11 -5.36 0.73 5.00
C ASP A 11 -5.59 -0.78 5.02
N LYS A 12 -6.83 -1.20 4.78
CA LYS A 12 -7.17 -2.61 4.78
C LYS A 12 -6.55 -3.32 3.57
N ALA A 13 -6.30 -2.55 2.51
CA ALA A 13 -5.69 -3.09 1.30
C ALA A 13 -4.28 -3.56 1.59
N LEU A 14 -3.47 -2.66 2.14
CA LEU A 14 -2.13 -2.99 2.59
C LEU A 14 -2.18 -4.08 3.67
N ASN A 15 -3.22 -4.00 4.50
CA ASN A 15 -3.40 -4.95 5.60
C ASN A 15 -3.52 -6.38 5.06
N GLN A 16 -4.34 -6.56 4.02
CA GLN A 16 -4.56 -7.90 3.48
C GLN A 16 -3.28 -8.45 2.86
N TYR A 17 -2.44 -7.58 2.30
CA TYR A 17 -1.17 -8.02 1.72
C TYR A 17 -0.21 -8.41 2.83
N ALA A 18 -0.18 -7.58 3.89
CA ALA A 18 0.67 -7.85 5.06
C ALA A 18 0.42 -9.24 5.62
N ALA A 19 -0.86 -9.59 5.77
CA ALA A 19 -1.24 -10.89 6.31
C ALA A 19 -0.77 -12.04 5.41
N HIS A 20 -0.52 -11.73 4.13
CA HIS A 20 -0.11 -12.75 3.17
C HIS A 20 1.28 -13.30 3.51
N SER A 21 2.26 -12.42 3.70
CA SER A 21 3.63 -12.86 3.93
C SER A 21 3.99 -12.80 5.41
N GLY A 22 3.20 -12.07 6.18
CA GLY A 22 3.46 -11.92 7.59
C GLY A 22 4.61 -10.97 7.89
N PHE A 23 4.59 -9.79 7.26
CA PHE A 23 5.64 -8.80 7.46
C PHE A 23 5.11 -7.64 8.28
N THR A 24 6.01 -6.81 8.79
CA THR A 24 5.62 -5.68 9.60
C THR A 24 5.40 -4.43 8.74
N LEU A 25 4.16 -4.04 8.61
CA LEU A 25 3.81 -2.83 7.87
C LEU A 25 3.75 -1.66 8.84
N SER A 26 4.54 -0.63 8.58
CA SER A 26 4.64 0.50 9.48
C SER A 26 3.80 1.67 8.97
N VAL A 27 2.60 1.81 9.52
CA VAL A 27 1.69 2.88 9.14
C VAL A 27 0.80 3.30 10.32
N ASP A 28 0.55 4.59 10.43
CA ASP A 28 -0.37 5.12 11.44
C ASP A 28 -1.78 5.19 10.87
N ALA A 29 -2.77 4.80 11.68
CA ALA A 29 -4.18 4.88 11.31
C ALA A 29 -4.62 6.33 11.07
N SER A 30 -4.26 6.87 9.91
CA SER A 30 -4.59 8.24 9.55
C SER A 30 -4.32 8.49 8.08
N LEU A 31 -3.12 8.16 7.64
CA LEU A 31 -2.74 8.32 6.24
C LEU A 31 -3.53 7.38 5.35
N THR A 32 -3.65 6.13 5.78
CA THR A 32 -4.38 5.11 5.05
C THR A 32 -5.84 5.06 5.51
N ARG A 33 -6.15 5.82 6.54
CA ARG A 33 -7.48 5.83 7.13
C ARG A 33 -8.41 6.74 6.33
N GLY A 34 -9.57 6.23 5.96
CA GLY A 34 -10.55 7.01 5.23
C GLY A 34 -10.23 7.10 3.75
N LYS A 35 -8.94 7.04 3.43
CA LYS A 35 -8.50 7.06 2.06
C LYS A 35 -8.84 5.72 1.42
N GLN A 36 -9.66 5.74 0.39
CA GLN A 36 -10.09 4.52 -0.28
C GLN A 36 -9.33 4.34 -1.57
N SER A 37 -9.14 3.09 -1.94
CA SER A 37 -8.52 2.72 -3.17
C SER A 37 -9.48 1.83 -3.94
N ASN A 38 -9.66 2.07 -5.23
CA ASN A 38 -10.63 1.31 -6.03
C ASN A 38 -10.30 -0.18 -6.10
N GLY A 39 -9.20 -0.58 -5.48
CA GLY A 39 -8.90 -1.99 -5.33
C GLY A 39 -7.88 -2.46 -6.32
N LEU A 40 -7.67 -3.76 -6.38
CA LEU A 40 -6.69 -4.35 -7.27
C LEU A 40 -7.03 -5.82 -7.41
N HIS A 41 -7.02 -6.34 -8.63
CA HIS A 41 -7.30 -7.77 -8.83
C HIS A 41 -6.32 -8.36 -9.82
N GLY A 42 -5.28 -8.99 -9.29
CA GLY A 42 -4.30 -9.65 -10.12
C GLY A 42 -3.34 -10.49 -9.30
N ASP A 43 -2.46 -11.20 -9.99
CA ASP A 43 -1.35 -11.89 -9.34
C ASP A 43 -0.12 -10.99 -9.36
N TYR A 44 -0.13 -9.99 -8.48
CA TYR A 44 0.90 -8.97 -8.47
C TYR A 44 2.02 -9.28 -7.50
N ASP A 45 3.22 -8.83 -7.83
CA ASP A 45 4.36 -8.93 -6.94
C ASP A 45 4.37 -7.74 -5.98
N VAL A 46 5.34 -7.70 -5.09
CA VAL A 46 5.41 -6.66 -4.07
C VAL A 46 5.39 -5.25 -4.69
N GLU A 47 6.47 -4.85 -5.33
CA GLU A 47 6.61 -3.50 -5.87
C GLU A 47 5.49 -3.16 -6.87
N SER A 48 5.16 -4.10 -7.74
CA SER A 48 4.18 -3.84 -8.80
C SER A 48 2.77 -3.72 -8.23
N GLY A 49 2.53 -4.46 -7.15
CA GLY A 49 1.23 -4.41 -6.52
C GLY A 49 1.04 -3.13 -5.75
N LEU A 50 2.12 -2.65 -5.15
CA LEU A 50 2.09 -1.42 -4.38
C LEU A 50 1.84 -0.22 -5.29
N GLN A 51 2.48 -0.23 -6.46
CA GLN A 51 2.31 0.83 -7.44
C GLN A 51 0.84 1.03 -7.79
N GLN A 52 0.13 -0.08 -8.02
CA GLN A 52 -1.30 -0.02 -8.33
C GLN A 52 -2.12 0.44 -7.12
N LEU A 53 -1.69 0.01 -5.93
CA LEU A 53 -2.36 0.39 -4.68
C LEU A 53 -2.36 1.92 -4.48
N LEU A 54 -1.45 2.61 -5.16
CA LEU A 54 -1.38 4.07 -5.11
C LEU A 54 -2.49 4.71 -5.94
N ASP A 55 -3.49 3.91 -6.28
CA ASP A 55 -4.66 4.39 -7.01
C ASP A 55 -5.35 5.52 -6.26
N GLY A 56 -5.29 6.72 -6.83
CA GLY A 56 -5.91 7.87 -6.21
C GLY A 56 -5.26 8.24 -4.89
N SER A 57 -4.01 7.83 -4.71
CA SER A 57 -3.30 8.13 -3.49
C SER A 57 -2.37 9.32 -3.68
N GLY A 58 -2.16 10.07 -2.62
CA GLY A 58 -1.13 11.08 -2.62
C GLY A 58 -0.04 10.68 -1.66
N LEU A 59 0.11 9.38 -1.48
CA LEU A 59 1.12 8.83 -0.59
C LEU A 59 2.04 7.92 -1.38
N GLN A 60 3.02 7.33 -0.72
CA GLN A 60 3.93 6.41 -1.36
C GLN A 60 4.45 5.39 -0.34
N VAL A 61 4.20 4.13 -0.61
CA VAL A 61 4.65 3.07 0.28
C VAL A 61 6.01 2.55 -0.18
N LYS A 62 6.92 2.33 0.77
CA LYS A 62 8.25 1.85 0.42
C LYS A 62 8.62 0.65 1.29
N PRO A 63 9.19 -0.39 0.66
CA PRO A 63 9.79 -1.50 1.39
C PRO A 63 10.97 -1.02 2.23
N LEU A 64 10.87 -1.24 3.53
CA LEU A 64 11.84 -0.74 4.49
C LEU A 64 13.23 -1.31 4.22
N GLY A 65 13.29 -2.60 3.89
CA GLY A 65 14.55 -3.23 3.58
C GLY A 65 14.70 -4.57 4.27
N ASN A 66 13.95 -4.75 5.34
CA ASN A 66 13.99 -5.98 6.12
C ASN A 66 12.73 -6.81 5.88
N ASN A 67 12.30 -6.88 4.63
CA ASN A 67 11.06 -7.57 4.25
C ASN A 67 9.87 -7.02 5.04
N SER A 68 9.90 -5.72 5.27
CA SER A 68 8.81 -5.02 5.93
C SER A 68 8.66 -3.66 5.25
N TRP A 69 7.70 -2.86 5.67
CA TRP A 69 7.32 -1.69 4.88
C TRP A 69 7.13 -0.48 5.78
N THR A 70 7.04 0.68 5.15
CA THR A 70 6.75 1.92 5.85
C THR A 70 5.91 2.83 4.95
N LEU A 71 4.96 3.54 5.54
CA LEU A 71 4.11 4.43 4.76
C LEU A 71 4.72 5.83 4.77
N GLU A 72 5.32 6.18 3.65
CA GLU A 72 5.99 7.47 3.50
C GLU A 72 5.01 8.53 3.01
N PRO A 73 4.82 9.61 3.80
CA PRO A 73 3.96 10.72 3.42
C PRO A 73 4.71 11.75 2.58
N ALA A 74 4.29 11.91 1.33
CA ALA A 74 4.90 12.86 0.42
C ALA A 74 4.09 12.93 -0.86
N PRO A 75 3.04 13.77 -0.90
CA PRO A 75 2.13 13.84 -2.03
C PRO A 75 2.68 14.67 -3.17
N ALA A 76 2.37 15.96 -3.15
CA ALA A 76 2.98 16.92 -4.05
C ALA A 76 3.38 18.14 -3.26
N PRO A 77 4.30 17.96 -2.29
CA PRO A 77 4.61 18.97 -1.30
C PRO A 77 5.69 19.94 -1.78
N LYS A 78 5.62 20.30 -3.05
CA LYS A 78 6.57 21.22 -3.64
C LYS A 78 6.03 22.64 -3.54
N GLU A 79 4.80 22.84 -4.00
CA GLU A 79 4.18 24.15 -3.94
C GLU A 79 3.44 24.31 -2.62
N ASP A 80 2.43 23.49 -2.39
CA ASP A 80 1.70 23.51 -1.13
C ASP A 80 1.99 22.25 -0.34
#